data_2I4U
# 
_entry.id   2I4U 
# 
_audit_conform.dict_name       mmcif_pdbx.dic 
_audit_conform.dict_version    5.387 
_audit_conform.dict_location   http://mmcif.pdb.org/dictionaries/ascii/mmcif_pdbx.dic 
# 
loop_
_database_2.database_id 
_database_2.database_code 
_database_2.pdbx_database_accession 
_database_2.pdbx_DOI 
PDB   2I4U         pdb_00002i4u 10.2210/pdb2i4u/pdb 
RCSB  RCSB039138   ?            ?                   
WWPDB D_1000039138 ?            ?                   
# 
loop_
_pdbx_audit_revision_history.ordinal 
_pdbx_audit_revision_history.data_content_type 
_pdbx_audit_revision_history.major_revision 
_pdbx_audit_revision_history.minor_revision 
_pdbx_audit_revision_history.revision_date 
1 'Structure model' 1 0 2007-08-28 
2 'Structure model' 1 1 2011-07-13 
3 'Structure model' 1 2 2024-02-21 
# 
_pdbx_audit_revision_details.ordinal             1 
_pdbx_audit_revision_details.revision_ordinal    1 
_pdbx_audit_revision_details.data_content_type   'Structure model' 
_pdbx_audit_revision_details.provider            repository 
_pdbx_audit_revision_details.type                'Initial release' 
_pdbx_audit_revision_details.description         ? 
_pdbx_audit_revision_details.details             ? 
# 
loop_
_pdbx_audit_revision_group.ordinal 
_pdbx_audit_revision_group.revision_ordinal 
_pdbx_audit_revision_group.data_content_type 
_pdbx_audit_revision_group.group 
1 2 'Structure model' 'Derived calculations'      
2 2 'Structure model' 'Version format compliance' 
3 3 'Structure model' 'Data collection'           
4 3 'Structure model' 'Database references'       
5 3 'Structure model' 'Derived calculations'      
# 
loop_
_pdbx_audit_revision_category.ordinal 
_pdbx_audit_revision_category.revision_ordinal 
_pdbx_audit_revision_category.data_content_type 
_pdbx_audit_revision_category.category 
1 3 'Structure model' chem_comp_atom     
2 3 'Structure model' chem_comp_bond     
3 3 'Structure model' database_2         
4 3 'Structure model' struct_ref_seq_dif 
5 3 'Structure model' struct_site        
# 
loop_
_pdbx_audit_revision_item.ordinal 
_pdbx_audit_revision_item.revision_ordinal 
_pdbx_audit_revision_item.data_content_type 
_pdbx_audit_revision_item.item 
1 3 'Structure model' '_database_2.pdbx_DOI'                
2 3 'Structure model' '_database_2.pdbx_database_accession' 
3 3 'Structure model' '_struct_ref_seq_dif.details'         
4 3 'Structure model' '_struct_site.pdbx_auth_asym_id'      
5 3 'Structure model' '_struct_site.pdbx_auth_comp_id'      
6 3 'Structure model' '_struct_site.pdbx_auth_seq_id'       
# 
_pdbx_database_status.status_code                     REL 
_pdbx_database_status.entry_id                        2I4U 
_pdbx_database_status.recvd_initial_deposition_date   2006-08-22 
_pdbx_database_status.deposit_site                    RCSB 
_pdbx_database_status.process_site                    RCSB 
_pdbx_database_status.status_code_sf                  ? 
_pdbx_database_status.status_code_mr                  ? 
_pdbx_database_status.SG_entry                        ? 
_pdbx_database_status.pdb_format_compatible           Y 
_pdbx_database_status.status_code_cs                  ? 
_pdbx_database_status.status_code_nmr_data            ? 
_pdbx_database_status.methods_development_category    ? 
# 
loop_
_pdbx_database_related.db_name 
_pdbx_database_related.db_id 
_pdbx_database_related.details 
_pdbx_database_related.content_type 
PDB 2I4D . unspecified 
PDB 2I4V . unspecified 
PDB 2I4W . unspecified 
PDB 2I4X . unspecified 
# 
_audit_author.name           'Hatada, M.' 
_audit_author.pdbx_ordinal   1 
# 
_citation.id                        primary 
_citation.title                     'Suppression of HIV-1 Protease Inhibitor Resistance by Phosphonate-mediated Solvent Anchoring.' 
_citation.journal_abbrev            J.Mol.Biol. 
_citation.journal_volume            363 
_citation.page_first                635 
_citation.page_last                 647 
_citation.year                      2006 
_citation.journal_id_ASTM           JMOBAK 
_citation.country                   UK 
_citation.journal_id_ISSN           0022-2836 
_citation.journal_id_CSD            0070 
_citation.book_publisher            ? 
_citation.pdbx_database_id_PubMed   16979654 
_citation.pdbx_database_id_DOI      10.1016/j.jmb.2006.07.073 
# 
loop_
_citation_author.citation_id 
_citation_author.name 
_citation_author.ordinal 
_citation_author.identifier_ORCID 
primary 'Cihlar, T.'      1  ? 
primary 'He, G.X.'        2  ? 
primary 'Liu, X.'         3  ? 
primary 'Chen, J.M.'      4  ? 
primary 'Hatada, M.'      5  ? 
primary 'Swaminathan, S.' 6  ? 
primary 'McDermott, M.J.' 7  ? 
primary 'Yang, Z.Y.'      8  ? 
primary 'Mulato, A.S.'    9  ? 
primary 'Chen, X.'        10 ? 
primary 'Leavitt, S.A.'   11 ? 
primary 'Stray, K.M.'     12 ? 
primary 'Lee, W.A.'       13 ? 
# 
loop_
_entity.id 
_entity.type 
_entity.src_method 
_entity.pdbx_description 
_entity.formula_weight 
_entity.pdbx_number_of_molecules 
_entity.pdbx_ec 
_entity.pdbx_mutation 
_entity.pdbx_fragment 
_entity.details 
1 polymer     man Protease 10831.809 2   3.4.23.16 ? ? ? 
2 non-polymer syn 
;(3R,3AS,6AR)-HEXAHYDROFURO[2,3-B]FURAN-3-YL [(1S,2R)-1-BENZYL-2-HYDROXY-3-{ISOBUTYL[(4-METHOXYPHENYL)SULFONYL]AMINO}PROPYL]CARBAMATE
;
562.675   1   ?         ? ? ? 
3 water       nat water 18.015    172 ?         ? ? ? 
# 
_entity_poly.entity_id                      1 
_entity_poly.type                           'polypeptide(L)' 
_entity_poly.nstd_linkage                   no 
_entity_poly.nstd_monomer                   no 
_entity_poly.pdbx_seq_one_letter_code       
;PQITLWQRPLVTIKIGGQLKEALLDTGADDTVLEEMSLPGRWKPKMIGGIGGFIKVRQYDQILIEICGHKAIGTVLVGPT
PVNIIGRNLLTQIGMTLNF
;
_entity_poly.pdbx_seq_one_letter_code_can   
;PQITLWQRPLVTIKIGGQLKEALLDTGADDTVLEEMSLPGRWKPKMIGGIGGFIKVRQYDQILIEICGHKAIGTVLVGPT
PVNIIGRNLLTQIGMTLNF
;
_entity_poly.pdbx_strand_id                 A,B 
_entity_poly.pdbx_target_identifier         ? 
# 
loop_
_pdbx_entity_nonpoly.entity_id 
_pdbx_entity_nonpoly.name 
_pdbx_entity_nonpoly.comp_id 
2 
;(3R,3AS,6AR)-HEXAHYDROFURO[2,3-B]FURAN-3-YL [(1S,2R)-1-BENZYL-2-HYDROXY-3-{ISOBUTYL[(4-METHOXYPHENYL)SULFONYL]AMINO}PROPYL]CARBAMATE
;
DJR 
3 water HOH 
# 
loop_
_entity_poly_seq.entity_id 
_entity_poly_seq.num 
_entity_poly_seq.mon_id 
_entity_poly_seq.hetero 
1 1  PRO n 
1 2  GLN n 
1 3  ILE n 
1 4  THR n 
1 5  LEU n 
1 6  TRP n 
1 7  GLN n 
1 8  ARG n 
1 9  PRO n 
1 10 LEU n 
1 11 VAL n 
1 12 THR n 
1 13 ILE n 
1 14 LYS n 
1 15 ILE n 
1 16 GLY n 
1 17 GLY n 
1 18 GLN n 
1 19 LEU n 
1 20 LYS n 
1 21 GLU n 
1 22 ALA n 
1 23 LEU n 
1 24 LEU n 
1 25 ASP n 
1 26 THR n 
1 27 GLY n 
1 28 ALA n 
1 29 ASP n 
1 30 ASP n 
1 31 THR n 
1 32 VAL n 
1 33 LEU n 
1 34 GLU n 
1 35 GLU n 
1 36 MET n 
1 37 SER n 
1 38 LEU n 
1 39 PRO n 
1 40 GLY n 
1 41 ARG n 
1 42 TRP n 
1 43 LYS n 
1 44 PRO n 
1 45 LYS n 
1 46 MET n 
1 47 ILE n 
1 48 GLY n 
1 49 GLY n 
1 50 ILE n 
1 51 GLY n 
1 52 GLY n 
1 53 PHE n 
1 54 ILE n 
1 55 LYS n 
1 56 VAL n 
1 57 ARG n 
1 58 GLN n 
1 59 TYR n 
1 60 ASP n 
1 61 GLN n 
1 62 ILE n 
1 63 LEU n 
1 64 ILE n 
1 65 GLU n 
1 66 ILE n 
1 67 CYS n 
1 68 GLY n 
1 69 HIS n 
1 70 LYS n 
1 71 ALA n 
1 72 ILE n 
1 73 GLY n 
1 74 THR n 
1 75 VAL n 
1 76 LEU n 
1 77 VAL n 
1 78 GLY n 
1 79 PRO n 
1 80 THR n 
1 81 PRO n 
1 82 VAL n 
1 83 ASN n 
1 84 ILE n 
1 85 ILE n 
1 86 GLY n 
1 87 ARG n 
1 88 ASN n 
1 89 LEU n 
1 90 LEU n 
1 91 THR n 
1 92 GLN n 
1 93 ILE n 
1 94 GLY n 
1 95 MET n 
1 96 THR n 
1 97 LEU n 
1 98 ASN n 
1 99 PHE n 
# 
_entity_src_gen.entity_id                          1 
_entity_src_gen.pdbx_src_id                        1 
_entity_src_gen.pdbx_alt_source_flag               sample 
_entity_src_gen.pdbx_seq_type                      ? 
_entity_src_gen.pdbx_beg_seq_num                   ? 
_entity_src_gen.pdbx_end_seq_num                   ? 
_entity_src_gen.gene_src_common_name               ? 
_entity_src_gen.gene_src_genus                     Lentivirus 
_entity_src_gen.pdbx_gene_src_gene                 gag 
_entity_src_gen.gene_src_species                   ? 
_entity_src_gen.gene_src_strain                    ? 
_entity_src_gen.gene_src_tissue                    ? 
_entity_src_gen.gene_src_tissue_fraction           ? 
_entity_src_gen.gene_src_details                   ? 
_entity_src_gen.pdbx_gene_src_fragment             ? 
_entity_src_gen.pdbx_gene_src_scientific_name      'Human immunodeficiency virus 1' 
_entity_src_gen.pdbx_gene_src_ncbi_taxonomy_id     11676 
_entity_src_gen.pdbx_gene_src_variant              ? 
_entity_src_gen.pdbx_gene_src_cell_line            ? 
_entity_src_gen.pdbx_gene_src_atcc                 ? 
_entity_src_gen.pdbx_gene_src_organ                ? 
_entity_src_gen.pdbx_gene_src_organelle            ? 
_entity_src_gen.pdbx_gene_src_cell                 ? 
_entity_src_gen.pdbx_gene_src_cellular_location    ? 
_entity_src_gen.host_org_common_name               ? 
_entity_src_gen.pdbx_host_org_scientific_name      'Escherichia coli' 
_entity_src_gen.pdbx_host_org_ncbi_taxonomy_id     562 
_entity_src_gen.host_org_genus                     Escherichia 
_entity_src_gen.pdbx_host_org_gene                 ? 
_entity_src_gen.pdbx_host_org_organ                ? 
_entity_src_gen.host_org_species                   ? 
_entity_src_gen.pdbx_host_org_tissue               ? 
_entity_src_gen.pdbx_host_org_tissue_fraction      ? 
_entity_src_gen.pdbx_host_org_strain               ? 
_entity_src_gen.pdbx_host_org_variant              ? 
_entity_src_gen.pdbx_host_org_cell_line            ? 
_entity_src_gen.pdbx_host_org_atcc                 ? 
_entity_src_gen.pdbx_host_org_culture_collection   ? 
_entity_src_gen.pdbx_host_org_cell                 ? 
_entity_src_gen.pdbx_host_org_organelle            ? 
_entity_src_gen.pdbx_host_org_cellular_location    ? 
_entity_src_gen.pdbx_host_org_vector_type          ? 
_entity_src_gen.pdbx_host_org_vector               ? 
_entity_src_gen.host_org_details                   ? 
_entity_src_gen.expression_system_id               ? 
_entity_src_gen.plasmid_name                       ? 
_entity_src_gen.plasmid_details                    ? 
_entity_src_gen.pdbx_description                   ? 
# 
loop_
_chem_comp.id 
_chem_comp.type 
_chem_comp.mon_nstd_flag 
_chem_comp.name 
_chem_comp.pdbx_synonyms 
_chem_comp.formula 
_chem_comp.formula_weight 
ALA 'L-peptide linking' y ALANINE ? 'C3 H7 N O2'      89.093  
ARG 'L-peptide linking' y ARGININE ? 'C6 H15 N4 O2 1'  175.209 
ASN 'L-peptide linking' y ASPARAGINE ? 'C4 H8 N2 O3'     132.118 
ASP 'L-peptide linking' y 'ASPARTIC ACID' ? 'C4 H7 N O4'      133.103 
CYS 'L-peptide linking' y CYSTEINE ? 'C3 H7 N O2 S'    121.158 
DJR non-polymer         . 
;(3R,3AS,6AR)-HEXAHYDROFURO[2,3-B]FURAN-3-YL [(1S,2R)-1-BENZYL-2-HYDROXY-3-{ISOBUTYL[(4-METHOXYPHENYL)SULFONYL]AMINO}PROPYL]CARBAMATE
;
? 'C28 H38 N2 O8 S' 562.675 
GLN 'L-peptide linking' y GLUTAMINE ? 'C5 H10 N2 O3'    146.144 
GLU 'L-peptide linking' y 'GLUTAMIC ACID' ? 'C5 H9 N O4'      147.129 
GLY 'peptide linking'   y GLYCINE ? 'C2 H5 N O2'      75.067  
HIS 'L-peptide linking' y HISTIDINE ? 'C6 H10 N3 O2 1'  156.162 
HOH non-polymer         . WATER ? 'H2 O'            18.015  
ILE 'L-peptide linking' y ISOLEUCINE ? 'C6 H13 N O2'     131.173 
LEU 'L-peptide linking' y LEUCINE ? 'C6 H13 N O2'     131.173 
LYS 'L-peptide linking' y LYSINE ? 'C6 H15 N2 O2 1'  147.195 
MET 'L-peptide linking' y METHIONINE ? 'C5 H11 N O2 S'   149.211 
PHE 'L-peptide linking' y PHENYLALANINE ? 'C9 H11 N O2'     165.189 
PRO 'L-peptide linking' y PROLINE ? 'C5 H9 N O2'      115.130 
SER 'L-peptide linking' y SERINE ? 'C3 H7 N O3'      105.093 
THR 'L-peptide linking' y THREONINE ? 'C4 H9 N O3'      119.119 
TRP 'L-peptide linking' y TRYPTOPHAN ? 'C11 H12 N2 O2'   204.225 
TYR 'L-peptide linking' y TYROSINE ? 'C9 H11 N O3'     181.189 
VAL 'L-peptide linking' y VALINE ? 'C5 H11 N O2'     117.146 
# 
loop_
_pdbx_poly_seq_scheme.asym_id 
_pdbx_poly_seq_scheme.entity_id 
_pdbx_poly_seq_scheme.seq_id 
_pdbx_poly_seq_scheme.mon_id 
_pdbx_poly_seq_scheme.ndb_seq_num 
_pdbx_poly_seq_scheme.pdb_seq_num 
_pdbx_poly_seq_scheme.auth_seq_num 
_pdbx_poly_seq_scheme.pdb_mon_id 
_pdbx_poly_seq_scheme.auth_mon_id 
_pdbx_poly_seq_scheme.pdb_strand_id 
_pdbx_poly_seq_scheme.pdb_ins_code 
_pdbx_poly_seq_scheme.hetero 
A 1 1  PRO 1  1   1   PRO PRO A . n 
A 1 2  GLN 2  2   2   GLN GLN A . n 
A 1 3  ILE 3  3   3   ILE ILE A . n 
A 1 4  THR 4  4   4   THR THR A . n 
A 1 5  LEU 5  5   5   LEU LEU A . n 
A 1 6  TRP 6  6   6   TRP TRP A . n 
A 1 7  GLN 7  7   7   GLN GLN A . n 
A 1 8  ARG 8  8   8   ARG ARG A . n 
A 1 9  PRO 9  9   9   PRO PRO A . n 
A 1 10 LEU 10 10  10  LEU LEU A . n 
A 1 11 VAL 11 11  11  VAL VAL A . n 
A 1 12 THR 12 12  12  THR THR A . n 
A 1 13 ILE 13 13  13  ILE ILE A . n 
A 1 14 LYS 14 14  14  LYS LYS A . n 
A 1 15 ILE 15 15  15  ILE ILE A . n 
A 1 16 GLY 16 16  16  GLY GLY A . n 
A 1 17 GLY 17 17  17  GLY GLY A . n 
A 1 18 GLN 18 18  18  GLN GLN A . n 
A 1 19 LEU 19 19  19  LEU LEU A . n 
A 1 20 LYS 20 20  20  LYS LYS A . n 
A 1 21 GLU 21 21  21  GLU GLU A . n 
A 1 22 ALA 22 22  22  ALA ALA A . n 
A 1 23 LEU 23 23  23  LEU LEU A . n 
A 1 24 LEU 24 24  24  LEU LEU A . n 
A 1 25 ASP 25 25  25  ASP ASP A . n 
A 1 26 THR 26 26  26  THR THR A . n 
A 1 27 GLY 27 27  27  GLY GLY A . n 
A 1 28 ALA 28 28  28  ALA ALA A . n 
A 1 29 ASP 29 29  29  ASP ASP A . n 
A 1 30 ASP 30 30  30  ASP ASP A . n 
A 1 31 THR 31 31  31  THR THR A . n 
A 1 32 VAL 32 32  32  VAL VAL A . n 
A 1 33 LEU 33 33  33  LEU LEU A . n 
A 1 34 GLU 34 34  34  GLU GLU A . n 
A 1 35 GLU 35 35  35  GLU GLU A . n 
A 1 36 MET 36 36  36  MET MET A . n 
A 1 37 SER 37 37  37  SER SER A . n 
A 1 38 LEU 38 38  38  LEU LEU A . n 
A 1 39 PRO 39 39  39  PRO PRO A . n 
A 1 40 GLY 40 40  40  GLY GLY A . n 
A 1 41 ARG 41 41  41  ARG ARG A . n 
A 1 42 TRP 42 42  42  TRP TRP A . n 
A 1 43 LYS 43 43  43  LYS LYS A . n 
A 1 44 PRO 44 44  44  PRO PRO A . n 
A 1 45 LYS 45 45  45  LYS LYS A . n 
A 1 46 MET 46 46  46  MET MET A . n 
A 1 47 ILE 47 47  47  ILE ILE A . n 
A 1 48 GLY 48 48  48  GLY GLY A . n 
A 1 49 GLY 49 49  49  GLY GLY A . n 
A 1 50 ILE 50 50  50  ILE ILE A . n 
A 1 51 GLY 51 51  51  GLY GLY A . n 
A 1 52 GLY 52 52  52  GLY GLY A . n 
A 1 53 PHE 53 53  53  PHE PHE A . n 
A 1 54 ILE 54 54  54  ILE ILE A . n 
A 1 55 LYS 55 55  55  LYS LYS A . n 
A 1 56 VAL 56 56  56  VAL VAL A . n 
A 1 57 ARG 57 57  57  ARG ARG A . n 
A 1 58 GLN 58 58  58  GLN GLN A . n 
A 1 59 TYR 59 59  59  TYR TYR A . n 
A 1 60 ASP 60 60  60  ASP ASP A . n 
A 1 61 GLN 61 61  61  GLN GLN A . n 
A 1 62 ILE 62 62  62  ILE ILE A . n 
A 1 63 LEU 63 63  63  LEU LEU A . n 
A 1 64 ILE 64 64  64  ILE ILE A . n 
A 1 65 GLU 65 65  65  GLU GLU A . n 
A 1 66 ILE 66 66  66  ILE ILE A . n 
A 1 67 CYS 67 67  67  CYS CYS A . n 
A 1 68 GLY 68 68  68  GLY GLY A . n 
A 1 69 HIS 69 69  69  HIS HIS A . n 
A 1 70 LYS 70 70  70  LYS LYS A . n 
A 1 71 ALA 71 71  71  ALA ALA A . n 
A 1 72 ILE 72 72  72  ILE ILE A . n 
A 1 73 GLY 73 73  73  GLY GLY A . n 
A 1 74 THR 74 74  74  THR THR A . n 
A 1 75 VAL 75 75  75  VAL VAL A . n 
A 1 76 LEU 76 76  76  LEU LEU A . n 
A 1 77 VAL 77 77  77  VAL VAL A . n 
A 1 78 GLY 78 78  78  GLY GLY A . n 
A 1 79 PRO 79 79  79  PRO PRO A . n 
A 1 80 THR 80 80  80  THR THR A . n 
A 1 81 PRO 81 81  81  PRO PRO A . n 
A 1 82 VAL 82 82  82  VAL VAL A . n 
A 1 83 ASN 83 83  83  ASN ASN A . n 
A 1 84 ILE 84 84  84  ILE ILE A . n 
A 1 85 ILE 85 85  85  ILE ILE A . n 
A 1 86 GLY 86 86  86  GLY GLY A . n 
A 1 87 ARG 87 87  87  ARG ARG A . n 
A 1 88 ASN 88 88  88  ASN ASN A . n 
A 1 89 LEU 89 89  89  LEU LEU A . n 
A 1 90 LEU 90 90  90  LEU LEU A . n 
A 1 91 THR 91 91  91  THR THR A . n 
A 1 92 GLN 92 92  92  GLN GLN A . n 
A 1 93 ILE 93 93  93  ILE ILE A . n 
A 1 94 GLY 94 94  94  GLY GLY A . n 
A 1 95 MET 95 95  95  MET MET A . n 
A 1 96 THR 96 96  96  THR THR A . n 
A 1 97 LEU 97 97  97  LEU LEU A . n 
A 1 98 ASN 98 98  98  ASN ASN A . n 
A 1 99 PHE 99 99  99  PHE PHE A . n 
B 1 1  PRO 1  201 201 PRO PRO B . n 
B 1 2  GLN 2  202 202 GLN GLN B . n 
B 1 3  ILE 3  203 203 ILE ILE B . n 
B 1 4  THR 4  204 204 THR THR B . n 
B 1 5  LEU 5  205 205 LEU LEU B . n 
B 1 6  TRP 6  206 206 TRP TRP B . n 
B 1 7  GLN 7  207 207 GLN GLN B . n 
B 1 8  ARG 8  208 208 ARG ARG B . n 
B 1 9  PRO 9  209 209 PRO PRO B . n 
B 1 10 LEU 10 210 210 LEU LEU B . n 
B 1 11 VAL 11 211 211 VAL VAL B . n 
B 1 12 THR 12 212 212 THR THR B . n 
B 1 13 ILE 13 213 213 ILE ILE B . n 
B 1 14 LYS 14 214 214 LYS LYS B . n 
B 1 15 ILE 15 215 215 ILE ILE B . n 
B 1 16 GLY 16 216 216 GLY GLY B . n 
B 1 17 GLY 17 217 217 GLY GLY B . n 
B 1 18 GLN 18 218 218 GLN GLN B . n 
B 1 19 LEU 19 219 219 LEU LEU B . n 
B 1 20 LYS 20 220 220 LYS LYS B . n 
B 1 21 GLU 21 221 221 GLU GLU B . n 
B 1 22 ALA 22 222 222 ALA ALA B . n 
B 1 23 LEU 23 223 223 LEU LEU B . n 
B 1 24 LEU 24 224 224 LEU LEU B . n 
B 1 25 ASP 25 225 225 ASP ASP B . n 
B 1 26 THR 26 226 226 THR THR B . n 
B 1 27 GLY 27 227 227 GLY GLY B . n 
B 1 28 ALA 28 228 228 ALA ALA B . n 
B 1 29 ASP 29 229 229 ASP ASP B . n 
B 1 30 ASP 30 230 230 ASP ASP B . n 
B 1 31 THR 31 231 231 THR THR B . n 
B 1 32 VAL 32 232 232 VAL VAL B . n 
B 1 33 LEU 33 233 233 LEU LEU B . n 
B 1 34 GLU 34 234 234 GLU GLU B . n 
B 1 35 GLU 35 235 235 GLU GLU B . n 
B 1 36 MET 36 236 236 MET MET B . n 
B 1 37 SER 37 237 237 SER SER B . n 
B 1 38 LEU 38 238 238 LEU LEU B . n 
B 1 39 PRO 39 239 239 PRO PRO B . n 
B 1 40 GLY 40 240 240 GLY GLY B . n 
B 1 41 ARG 41 241 241 ARG ARG B . n 
B 1 42 TRP 42 242 242 TRP TRP B . n 
B 1 43 LYS 43 243 243 LYS LYS B . n 
B 1 44 PRO 44 244 244 PRO PRO B . n 
B 1 45 LYS 45 245 245 LYS LYS B . n 
B 1 46 MET 46 246 246 MET MET B . n 
B 1 47 ILE 47 247 247 ILE ILE B . n 
B 1 48 GLY 48 248 248 GLY GLY B . n 
B 1 49 GLY 49 249 249 GLY GLY B . n 
B 1 50 ILE 50 250 250 ILE ILE B . n 
B 1 51 GLY 51 251 251 GLY GLY B . n 
B 1 52 GLY 52 252 252 GLY GLY B . n 
B 1 53 PHE 53 253 253 PHE PHE B . n 
B 1 54 ILE 54 254 254 ILE ILE B . n 
B 1 55 LYS 55 255 255 LYS LYS B . n 
B 1 56 VAL 56 256 256 VAL VAL B . n 
B 1 57 ARG 57 257 257 ARG ARG B . n 
B 1 58 GLN 58 258 258 GLN GLN B . n 
B 1 59 TYR 59 259 259 TYR TYR B . n 
B 1 60 ASP 60 260 260 ASP ASP B . n 
B 1 61 GLN 61 261 261 GLN GLN B . n 
B 1 62 ILE 62 262 262 ILE ILE B . n 
B 1 63 LEU 63 263 263 LEU LEU B . n 
B 1 64 ILE 64 264 264 ILE ILE B . n 
B 1 65 GLU 65 265 265 GLU GLU B . n 
B 1 66 ILE 66 266 266 ILE ILE B . n 
B 1 67 CYS 67 267 267 CYS CYS B . n 
B 1 68 GLY 68 268 268 GLY GLY B . n 
B 1 69 HIS 69 269 269 HIS HIS B . n 
B 1 70 LYS 70 270 270 LYS LYS B . n 
B 1 71 ALA 71 271 271 ALA ALA B . n 
B 1 72 ILE 72 272 272 ILE ILE B . n 
B 1 73 GLY 73 273 273 GLY GLY B . n 
B 1 74 THR 74 274 274 THR THR B . n 
B 1 75 VAL 75 275 275 VAL VAL B . n 
B 1 76 LEU 76 276 276 LEU LEU B . n 
B 1 77 VAL 77 277 277 VAL VAL B . n 
B 1 78 GLY 78 278 278 GLY GLY B . n 
B 1 79 PRO 79 279 279 PRO PRO B . n 
B 1 80 THR 80 280 280 THR THR B . n 
B 1 81 PRO 81 281 281 PRO PRO B . n 
B 1 82 VAL 82 282 282 VAL VAL B . n 
B 1 83 ASN 83 283 283 ASN ASN B . n 
B 1 84 ILE 84 284 284 ILE ILE B . n 
B 1 85 ILE 85 285 285 ILE ILE B . n 
B 1 86 GLY 86 286 286 GLY GLY B . n 
B 1 87 ARG 87 287 287 ARG ARG B . n 
B 1 88 ASN 88 288 288 ASN ASN B . n 
B 1 89 LEU 89 289 289 LEU LEU B . n 
B 1 90 LEU 90 290 290 LEU LEU B . n 
B 1 91 THR 91 291 291 THR THR B . n 
B 1 92 GLN 92 292 292 GLN GLN B . n 
B 1 93 ILE 93 293 293 ILE ILE B . n 
B 1 94 GLY 94 294 294 GLY GLY B . n 
B 1 95 MET 95 295 295 MET MET B . n 
B 1 96 THR 96 296 296 THR THR B . n 
B 1 97 LEU 97 297 297 LEU LEU B . n 
B 1 98 ASN 98 298 298 ASN ASN B . n 
B 1 99 PHE 99 299 299 PHE PHE B . n 
# 
loop_
_pdbx_nonpoly_scheme.asym_id 
_pdbx_nonpoly_scheme.entity_id 
_pdbx_nonpoly_scheme.mon_id 
_pdbx_nonpoly_scheme.ndb_seq_num 
_pdbx_nonpoly_scheme.pdb_seq_num 
_pdbx_nonpoly_scheme.auth_seq_num 
_pdbx_nonpoly_scheme.pdb_mon_id 
_pdbx_nonpoly_scheme.auth_mon_id 
_pdbx_nonpoly_scheme.pdb_strand_id 
_pdbx_nonpoly_scheme.pdb_ins_code 
C 2 DJR 1   300 300 DJR DJR A . 
D 3 HOH 1   301 5   HOH H2O A . 
D 3 HOH 2   302 7   HOH H2O A . 
D 3 HOH 3   303 8   HOH H2O A . 
D 3 HOH 4   304 13  HOH H2O A . 
D 3 HOH 5   305 16  HOH H2O A . 
D 3 HOH 6   306 17  HOH H2O A . 
D 3 HOH 7   307 19  HOH H2O A . 
D 3 HOH 8   308 22  HOH H2O A . 
D 3 HOH 9   309 24  HOH H2O A . 
D 3 HOH 10  310 25  HOH H2O A . 
D 3 HOH 11  311 26  HOH H2O A . 
D 3 HOH 12  312 28  HOH H2O A . 
D 3 HOH 13  313 31  HOH H2O A . 
D 3 HOH 14  314 32  HOH H2O A . 
D 3 HOH 15  315 33  HOH H2O A . 
D 3 HOH 16  316 43  HOH H2O A . 
D 3 HOH 17  317 44  HOH H2O A . 
D 3 HOH 18  318 46  HOH H2O A . 
D 3 HOH 19  319 52  HOH H2O A . 
D 3 HOH 20  320 53  HOH H2O A . 
D 3 HOH 21  321 54  HOH H2O A . 
D 3 HOH 22  322 57  HOH H2O A . 
D 3 HOH 23  323 61  HOH H2O A . 
D 3 HOH 24  324 62  HOH H2O A . 
D 3 HOH 25  325 63  HOH H2O A . 
D 3 HOH 26  326 68  HOH H2O A . 
D 3 HOH 27  327 69  HOH H2O A . 
D 3 HOH 28  328 70  HOH H2O A . 
D 3 HOH 29  329 74  HOH H2O A . 
D 3 HOH 30  330 81  HOH H2O A . 
D 3 HOH 31  331 82  HOH H2O A . 
D 3 HOH 32  332 83  HOH H2O A . 
D 3 HOH 33  333 85  HOH H2O A . 
D 3 HOH 34  334 89  HOH H2O A . 
D 3 HOH 35  335 92  HOH H2O A . 
D 3 HOH 36  336 93  HOH H2O A . 
D 3 HOH 37  337 97  HOH H2O A . 
D 3 HOH 38  338 101 HOH H2O A . 
D 3 HOH 39  339 102 HOH H2O A . 
D 3 HOH 40  340 104 HOH H2O A . 
D 3 HOH 41  341 106 HOH H2O A . 
D 3 HOH 42  342 111 HOH H2O A . 
D 3 HOH 43  343 113 HOH H2O A . 
D 3 HOH 44  344 117 HOH H2O A . 
D 3 HOH 45  345 118 HOH H2O A . 
D 3 HOH 46  346 125 HOH H2O A . 
D 3 HOH 47  347 128 HOH H2O A . 
D 3 HOH 48  348 129 HOH H2O A . 
D 3 HOH 49  349 130 HOH H2O A . 
D 3 HOH 50  350 133 HOH H2O A . 
D 3 HOH 51  351 136 HOH H2O A . 
D 3 HOH 52  352 140 HOH H2O A . 
D 3 HOH 53  353 142 HOH H2O A . 
D 3 HOH 54  354 146 HOH H2O A . 
D 3 HOH 55  355 149 HOH H2O A . 
D 3 HOH 56  356 159 HOH H2O A . 
D 3 HOH 57  357 165 HOH H2O A . 
D 3 HOH 58  358 172 HOH H2O A . 
D 3 HOH 59  359 176 HOH H2O A . 
D 3 HOH 60  360 177 HOH H2O A . 
D 3 HOH 61  361 179 HOH H2O A . 
D 3 HOH 62  362 182 HOH H2O A . 
D 3 HOH 63  363 186 HOH H2O A . 
D 3 HOH 64  364 187 HOH H2O A . 
D 3 HOH 65  365 190 HOH H2O A . 
D 3 HOH 66  366 198 HOH H2O A . 
D 3 HOH 67  367 201 HOH H2O A . 
D 3 HOH 68  368 211 HOH H2O A . 
E 3 HOH 1   300 1   HOH H2O B . 
E 3 HOH 2   301 2   HOH H2O B . 
E 3 HOH 3   302 3   HOH H2O B . 
E 3 HOH 4   303 4   HOH H2O B . 
E 3 HOH 5   304 6   HOH H2O B . 
E 3 HOH 6   305 9   HOH H2O B . 
E 3 HOH 7   306 10  HOH H2O B . 
E 3 HOH 8   307 11  HOH H2O B . 
E 3 HOH 9   308 12  HOH H2O B . 
E 3 HOH 10  309 14  HOH H2O B . 
E 3 HOH 11  310 15  HOH H2O B . 
E 3 HOH 12  311 20  HOH H2O B . 
E 3 HOH 13  312 21  HOH H2O B . 
E 3 HOH 14  313 23  HOH H2O B . 
E 3 HOH 15  314 27  HOH H2O B . 
E 3 HOH 16  315 29  HOH H2O B . 
E 3 HOH 17  316 30  HOH H2O B . 
E 3 HOH 18  317 34  HOH H2O B . 
E 3 HOH 19  318 35  HOH H2O B . 
E 3 HOH 20  319 36  HOH H2O B . 
E 3 HOH 21  320 37  HOH H2O B . 
E 3 HOH 22  321 38  HOH H2O B . 
E 3 HOH 23  322 39  HOH H2O B . 
E 3 HOH 24  323 40  HOH H2O B . 
E 3 HOH 25  324 41  HOH H2O B . 
E 3 HOH 26  325 45  HOH H2O B . 
E 3 HOH 27  326 47  HOH H2O B . 
E 3 HOH 28  327 48  HOH H2O B . 
E 3 HOH 29  328 49  HOH H2O B . 
E 3 HOH 30  329 50  HOH H2O B . 
E 3 HOH 31  330 51  HOH H2O B . 
E 3 HOH 32  331 55  HOH H2O B . 
E 3 HOH 33  332 56  HOH H2O B . 
E 3 HOH 34  333 58  HOH H2O B . 
E 3 HOH 35  334 59  HOH H2O B . 
E 3 HOH 36  335 60  HOH H2O B . 
E 3 HOH 37  336 64  HOH H2O B . 
E 3 HOH 38  337 65  HOH H2O B . 
E 3 HOH 39  338 66  HOH H2O B . 
E 3 HOH 40  339 67  HOH H2O B . 
E 3 HOH 41  340 71  HOH H2O B . 
E 3 HOH 42  341 72  HOH H2O B . 
E 3 HOH 43  342 75  HOH H2O B . 
E 3 HOH 44  343 76  HOH H2O B . 
E 3 HOH 45  344 77  HOH H2O B . 
E 3 HOH 46  345 78  HOH H2O B . 
E 3 HOH 47  346 79  HOH H2O B . 
E 3 HOH 48  347 84  HOH H2O B . 
E 3 HOH 49  348 88  HOH H2O B . 
E 3 HOH 50  349 90  HOH H2O B . 
E 3 HOH 51  350 91  HOH H2O B . 
E 3 HOH 52  351 94  HOH H2O B . 
E 3 HOH 53  352 95  HOH H2O B . 
E 3 HOH 54  353 96  HOH H2O B . 
E 3 HOH 55  354 99  HOH H2O B . 
E 3 HOH 56  355 100 HOH H2O B . 
E 3 HOH 57  356 107 HOH H2O B . 
E 3 HOH 58  357 108 HOH H2O B . 
E 3 HOH 59  358 109 HOH H2O B . 
E 3 HOH 60  359 112 HOH H2O B . 
E 3 HOH 61  360 116 HOH H2O B . 
E 3 HOH 62  361 120 HOH H2O B . 
E 3 HOH 63  362 122 HOH H2O B . 
E 3 HOH 64  363 123 HOH H2O B . 
E 3 HOH 65  364 124 HOH H2O B . 
E 3 HOH 66  365 126 HOH H2O B . 
E 3 HOH 67  366 132 HOH H2O B . 
E 3 HOH 68  367 134 HOH H2O B . 
E 3 HOH 69  368 135 HOH H2O B . 
E 3 HOH 70  369 137 HOH H2O B . 
E 3 HOH 71  370 138 HOH H2O B . 
E 3 HOH 72  371 139 HOH H2O B . 
E 3 HOH 73  372 141 HOH H2O B . 
E 3 HOH 74  373 144 HOH H2O B . 
E 3 HOH 75  374 145 HOH H2O B . 
E 3 HOH 76  375 147 HOH H2O B . 
E 3 HOH 77  376 148 HOH H2O B . 
E 3 HOH 78  377 151 HOH H2O B . 
E 3 HOH 79  378 153 HOH H2O B . 
E 3 HOH 80  379 154 HOH H2O B . 
E 3 HOH 81  380 155 HOH H2O B . 
E 3 HOH 82  381 156 HOH H2O B . 
E 3 HOH 83  382 157 HOH H2O B . 
E 3 HOH 84  383 158 HOH H2O B . 
E 3 HOH 85  384 160 HOH H2O B . 
E 3 HOH 86  385 162 HOH H2O B . 
E 3 HOH 87  386 167 HOH H2O B . 
E 3 HOH 88  387 168 HOH H2O B . 
E 3 HOH 89  388 169 HOH H2O B . 
E 3 HOH 90  389 170 HOH H2O B . 
E 3 HOH 91  390 173 HOH H2O B . 
E 3 HOH 92  391 175 HOH H2O B . 
E 3 HOH 93  392 180 HOH H2O B . 
E 3 HOH 94  393 183 HOH H2O B . 
E 3 HOH 95  394 184 HOH H2O B . 
E 3 HOH 96  395 191 HOH H2O B . 
E 3 HOH 97  396 192 HOH H2O B . 
E 3 HOH 98  397 195 HOH H2O B . 
E 3 HOH 99  398 196 HOH H2O B . 
E 3 HOH 100 399 199 HOH H2O B . 
E 3 HOH 101 400 200 HOH H2O B . 
E 3 HOH 102 401 206 HOH H2O B . 
E 3 HOH 103 402 208 HOH H2O B . 
E 3 HOH 104 403 212 HOH H2O B . 
# 
loop_
_software.name 
_software.classification 
_software.version 
_software.citation_id 
_software.pdbx_ordinal 
CrystalClear 'data collection' .     ? 1 
AMoRE        phasing           .     ? 2 
X-PLOR       refinement        3.851 ? 3 
d*TREK       'data reduction'  .     ? 4 
d*TREK       'data scaling'    .     ? 5 
# 
_cell.entry_id           2I4U 
_cell.length_a           57.530 
_cell.length_b           86.044 
_cell.length_c           46.234 
_cell.angle_alpha        90. 
_cell.angle_beta         90. 
_cell.angle_gamma        90. 
_cell.pdbx_unique_axis   ? 
_cell.Z_PDB              8 
_cell.length_a_esd       ? 
_cell.length_b_esd       ? 
_cell.length_c_esd       ? 
_cell.angle_alpha_esd    ? 
_cell.angle_beta_esd     ? 
_cell.angle_gamma_esd    ? 
# 
_symmetry.entry_id                         2I4U 
_symmetry.space_group_name_H-M             'P 21 21 2' 
_symmetry.pdbx_full_space_group_name_H-M   ? 
_symmetry.Int_Tables_number                18 
_symmetry.cell_setting                     ? 
_symmetry.space_group_name_Hall            ? 
# 
_exptl.entry_id          2I4U 
_exptl.method            'X-RAY DIFFRACTION' 
_exptl.crystals_number   1 
# 
_exptl_crystal.id                    1 
_exptl_crystal.density_meas          ? 
_exptl_crystal.density_Matthews      2.64 
_exptl_crystal.density_percent_sol   53.40 
_exptl_crystal.description           ? 
_exptl_crystal.F_000                 ? 
_exptl_crystal.preparation           ? 
# 
_exptl_crystal_grow.crystal_id      1 
_exptl_crystal_grow.method          'VAPOR DIFFUSION' 
_exptl_crystal_grow.temp            298 
_exptl_crystal_grow.temp_details    ? 
_exptl_crystal_grow.pH              7.5 
_exptl_crystal_grow.pdbx_details    '0.4 M Sodium Potassium Tartrate, pH 7.5, VAPOR DIFFUSION, temperature 298K' 
_exptl_crystal_grow.pdbx_pH_range   . 
# 
_diffrn.id                     1 
_diffrn.ambient_temp           100 
_diffrn.ambient_temp_details   ? 
_diffrn.crystal_id             1 
# 
_diffrn_detector.diffrn_id              1 
_diffrn_detector.detector               'IMAGE PLATE' 
_diffrn_detector.type                   'RIGAKU RAXIS IV' 
_diffrn_detector.pdbx_collection_date   2002-01-05 
_diffrn_detector.details                ? 
# 
_diffrn_radiation.diffrn_id                        1 
_diffrn_radiation.wavelength_id                    1 
_diffrn_radiation.pdbx_monochromatic_or_laue_m_l   M 
_diffrn_radiation.monochromator                    'Osmic mirrors' 
_diffrn_radiation.pdbx_diffrn_protocol             'SINGLE WAVELENGTH' 
_diffrn_radiation.pdbx_scattering_type             x-ray 
# 
_diffrn_radiation_wavelength.id           1 
_diffrn_radiation_wavelength.wavelength   1.5418 
_diffrn_radiation_wavelength.wt           1.0 
# 
_diffrn_source.diffrn_id                   1 
_diffrn_source.source                      'ROTATING ANODE' 
_diffrn_source.type                        'RIGAKU RU300' 
_diffrn_source.pdbx_synchrotron_site       ? 
_diffrn_source.pdbx_synchrotron_beamline   ? 
_diffrn_source.pdbx_wavelength             ? 
_diffrn_source.pdbx_wavelength_list        1.5418 
# 
_reflns.entry_id                     2I4U 
_reflns.observed_criterion_sigma_F   2.0 
_reflns.observed_criterion_sigma_I   2.0 
_reflns.d_resolution_high            1.40 
_reflns.d_resolution_low             25.7 
_reflns.number_all                   45393 
_reflns.number_obs                   45349 
_reflns.percent_possible_obs         97.7 
_reflns.pdbx_Rmerge_I_obs            ? 
_reflns.pdbx_Rsym_value              ? 
_reflns.pdbx_netI_over_sigmaI        ? 
_reflns.B_iso_Wilson_estimate        ? 
_reflns.pdbx_redundancy              ? 
_reflns.R_free_details               ? 
_reflns.limit_h_max                  ? 
_reflns.limit_h_min                  ? 
_reflns.limit_k_max                  ? 
_reflns.limit_k_min                  ? 
_reflns.limit_l_max                  ? 
_reflns.limit_l_min                  ? 
_reflns.observed_criterion_F_max     ? 
_reflns.observed_criterion_F_min     ? 
_reflns.pdbx_chi_squared             ? 
_reflns.pdbx_scaling_rejects         ? 
_reflns.pdbx_ordinal                 1 
_reflns.pdbx_diffrn_id               1 
# 
_refine.entry_id                                 2I4U 
_refine.ls_d_res_high                            1.50 
_refine.ls_d_res_low                             10.0 
_refine.pdbx_ls_sigma_F                          2.0 
_refine.pdbx_ls_sigma_I                          ? 
_refine.ls_number_reflns_all                     37954 
_refine.ls_number_reflns_obs                     36057 
_refine.ls_number_reflns_R_free                  3655 
_refine.ls_percent_reflns_obs                    ? 
_refine.ls_R_factor_all                          ? 
_refine.ls_R_factor_obs                          0.22 
_refine.ls_R_factor_R_work                       0.217 
_refine.ls_R_factor_R_free                       0.25 
_refine.ls_redundancy_reflns_obs                 ? 
_refine.pdbx_data_cutoff_high_absF               ? 
_refine.pdbx_data_cutoff_low_absF                ? 
_refine.ls_number_parameters                     ? 
_refine.ls_number_restraints                     ? 
_refine.ls_percent_reflns_R_free                 ? 
_refine.ls_R_factor_R_free_error                 ? 
_refine.ls_R_factor_R_free_error_details         ? 
_refine.pdbx_method_to_determine_struct          'MOLECULAR REPLACEMENT' 
_refine.pdbx_starting_model                      ? 
_refine.pdbx_ls_cross_valid_method               THROUGHOUT 
_refine.pdbx_R_Free_selection_details            RANDOM 
_refine.pdbx_stereochem_target_val_spec_case     ? 
_refine.pdbx_stereochemistry_target_values       'Engh & Huber' 
_refine.solvent_model_details                    ? 
_refine.solvent_model_param_bsol                 ? 
_refine.solvent_model_param_ksol                 ? 
_refine.occupancy_max                            ? 
_refine.occupancy_min                            ? 
_refine.pdbx_isotropic_thermal_model             ? 
_refine.B_iso_mean                               ? 
_refine.aniso_B[1][1]                            ? 
_refine.aniso_B[1][2]                            ? 
_refine.aniso_B[1][3]                            ? 
_refine.aniso_B[2][2]                            ? 
_refine.aniso_B[2][3]                            ? 
_refine.aniso_B[3][3]                            ? 
_refine.details                                  ? 
_refine.B_iso_min                                ? 
_refine.B_iso_max                                ? 
_refine.correlation_coeff_Fo_to_Fc               ? 
_refine.correlation_coeff_Fo_to_Fc_free          ? 
_refine.pdbx_solvent_vdw_probe_radii             ? 
_refine.pdbx_solvent_ion_probe_radii             ? 
_refine.pdbx_solvent_shrinkage_radii             ? 
_refine.overall_SU_R_Cruickshank_DPI             ? 
_refine.overall_SU_R_free                        ? 
_refine.overall_SU_ML                            ? 
_refine.overall_SU_B                             ? 
_refine.pdbx_overall_ESU_R_Free                  ? 
_refine.pdbx_data_cutoff_high_rms_absF           ? 
_refine.pdbx_overall_ESU_R                       ? 
_refine.ls_wR_factor_R_free                      ? 
_refine.ls_wR_factor_R_work                      ? 
_refine.overall_FOM_free_R_set                   ? 
_refine.overall_FOM_work_R_set                   ? 
_refine.pdbx_refine_id                           'X-RAY DIFFRACTION' 
_refine.pdbx_diffrn_id                           1 
_refine.pdbx_TLS_residual_ADP_flag               ? 
_refine.pdbx_overall_phase_error                 ? 
_refine.pdbx_overall_SU_R_free_Cruickshank_DPI   ? 
_refine.pdbx_overall_SU_R_Blow_DPI               ? 
_refine.pdbx_overall_SU_R_free_Blow_DPI          ? 
# 
_refine_hist.pdbx_refine_id                   'X-RAY DIFFRACTION' 
_refine_hist.cycle_id                         LAST 
_refine_hist.pdbx_number_atoms_protein        1520 
_refine_hist.pdbx_number_atoms_nucleic_acid   0 
_refine_hist.pdbx_number_atoms_ligand         39 
_refine_hist.number_atoms_solvent             172 
_refine_hist.number_atoms_total               1731 
_refine_hist.d_res_high                       1.50 
_refine_hist.d_res_low                        10.0 
# 
_struct.entry_id                  2I4U 
_struct.title                     'HIV-1 protease with TMC-126' 
_struct.pdbx_model_details        ? 
_struct.pdbx_CASP_flag            ? 
_struct.pdbx_model_type_details   ? 
# 
_struct_keywords.entry_id        2I4U 
_struct_keywords.pdbx_keywords   HYDROLASE 
_struct_keywords.text            'Protein inhibitor complex, hydrolase' 
# 
loop_
_struct_asym.id 
_struct_asym.pdbx_blank_PDB_chainid_flag 
_struct_asym.pdbx_modified 
_struct_asym.entity_id 
_struct_asym.details 
A N N 1 ? 
B N N 1 ? 
C N N 2 ? 
D N N 3 ? 
E N N 3 ? 
# 
_struct_ref.id                         1 
_struct_ref.db_name                    UNP 
_struct_ref.db_code                    POL_HV1PV 
_struct_ref.pdbx_db_accession          P03368 
_struct_ref.entity_id                  1 
_struct_ref.pdbx_seq_one_letter_code   
;PQITLWQRPLVTIKIGGQLKEALLDTGADDTVLEEMSLPGRWKPKMIGGIGGFIKVRQYDQILIEICGHKAIGTVLVGPT
PVNIIGRNLLTQIGCTLNF
;
_struct_ref.pdbx_align_begin           500 
_struct_ref.pdbx_db_isoform            ? 
# 
loop_
_struct_ref_seq.align_id 
_struct_ref_seq.ref_id 
_struct_ref_seq.pdbx_PDB_id_code 
_struct_ref_seq.pdbx_strand_id 
_struct_ref_seq.seq_align_beg 
_struct_ref_seq.pdbx_seq_align_beg_ins_code 
_struct_ref_seq.seq_align_end 
_struct_ref_seq.pdbx_seq_align_end_ins_code 
_struct_ref_seq.pdbx_db_accession 
_struct_ref_seq.db_align_beg 
_struct_ref_seq.pdbx_db_align_beg_ins_code 
_struct_ref_seq.db_align_end 
_struct_ref_seq.pdbx_db_align_end_ins_code 
_struct_ref_seq.pdbx_auth_seq_align_beg 
_struct_ref_seq.pdbx_auth_seq_align_end 
1 1 2I4U A 1 ? 99 ? P03368 500 ? 598 ? 1   99  
2 1 2I4U B 1 ? 99 ? P03368 500 ? 598 ? 201 299 
# 
loop_
_struct_ref_seq_dif.align_id 
_struct_ref_seq_dif.pdbx_pdb_id_code 
_struct_ref_seq_dif.mon_id 
_struct_ref_seq_dif.pdbx_pdb_strand_id 
_struct_ref_seq_dif.seq_num 
_struct_ref_seq_dif.pdbx_pdb_ins_code 
_struct_ref_seq_dif.pdbx_seq_db_name 
_struct_ref_seq_dif.pdbx_seq_db_accession_code 
_struct_ref_seq_dif.db_mon_id 
_struct_ref_seq_dif.pdbx_seq_db_seq_num 
_struct_ref_seq_dif.details 
_struct_ref_seq_dif.pdbx_auth_seq_num 
_struct_ref_seq_dif.pdbx_ordinal 
1 2I4U MET A 95 ? UNP P03368 CYS 594 conflict 95  1 
2 2I4U MET B 95 ? UNP P03368 CYS 594 conflict 295 2 
# 
_pdbx_struct_assembly.id                   1 
_pdbx_struct_assembly.details              author_and_software_defined_assembly 
_pdbx_struct_assembly.method_details       PISA,PQS 
_pdbx_struct_assembly.oligomeric_details   dimeric 
_pdbx_struct_assembly.oligomeric_count     2 
# 
loop_
_pdbx_struct_assembly_prop.biol_id 
_pdbx_struct_assembly_prop.type 
_pdbx_struct_assembly_prop.value 
_pdbx_struct_assembly_prop.details 
1 'ABSA (A^2)' 4890 ? 
1 MORE         -23  ? 
1 'SSA (A^2)'  9210 ? 
# 
_pdbx_struct_assembly_gen.assembly_id       1 
_pdbx_struct_assembly_gen.oper_expression   1 
_pdbx_struct_assembly_gen.asym_id_list      A,B,C,D,E 
# 
_pdbx_struct_oper_list.id                   1 
_pdbx_struct_oper_list.type                 'identity operation' 
_pdbx_struct_oper_list.name                 1_555 
_pdbx_struct_oper_list.symmetry_operation   x,y,z 
_pdbx_struct_oper_list.matrix[1][1]         1.0000000000 
_pdbx_struct_oper_list.matrix[1][2]         0.0000000000 
_pdbx_struct_oper_list.matrix[1][3]         0.0000000000 
_pdbx_struct_oper_list.vector[1]            0.0000000000 
_pdbx_struct_oper_list.matrix[2][1]         0.0000000000 
_pdbx_struct_oper_list.matrix[2][2]         1.0000000000 
_pdbx_struct_oper_list.matrix[2][3]         0.0000000000 
_pdbx_struct_oper_list.vector[2]            0.0000000000 
_pdbx_struct_oper_list.matrix[3][1]         0.0000000000 
_pdbx_struct_oper_list.matrix[3][2]         0.0000000000 
_pdbx_struct_oper_list.matrix[3][3]         1.0000000000 
_pdbx_struct_oper_list.vector[3]            0.0000000000 
# 
_struct_biol.id   1 
# 
loop_
_struct_conf.conf_type_id 
_struct_conf.id 
_struct_conf.pdbx_PDB_helix_id 
_struct_conf.beg_label_comp_id 
_struct_conf.beg_label_asym_id 
_struct_conf.beg_label_seq_id 
_struct_conf.pdbx_beg_PDB_ins_code 
_struct_conf.end_label_comp_id 
_struct_conf.end_label_asym_id 
_struct_conf.end_label_seq_id 
_struct_conf.pdbx_end_PDB_ins_code 
_struct_conf.beg_auth_comp_id 
_struct_conf.beg_auth_asym_id 
_struct_conf.beg_auth_seq_id 
_struct_conf.end_auth_comp_id 
_struct_conf.end_auth_asym_id 
_struct_conf.end_auth_seq_id 
_struct_conf.pdbx_PDB_helix_class 
_struct_conf.details 
_struct_conf.pdbx_PDB_helix_length 
HELX_P HELX_P1 1 GLY A 86 ? THR A 91 ? GLY A 86  THR A 91  1 ? 6 
HELX_P HELX_P2 2 GLY B 86 ? THR B 91 ? GLY B 286 THR B 291 1 ? 6 
# 
_struct_conf_type.id          HELX_P 
_struct_conf_type.criteria    ? 
_struct_conf_type.reference   ? 
# 
loop_
_struct_sheet.id 
_struct_sheet.type 
_struct_sheet.number_strands 
_struct_sheet.details 
A ? 4 ? 
B ? 3 ? 
C ? 4 ? 
D ? 8 ? 
# 
loop_
_struct_sheet_order.sheet_id 
_struct_sheet_order.range_id_1 
_struct_sheet_order.range_id_2 
_struct_sheet_order.offset 
_struct_sheet_order.sense 
A 1 2 ? anti-parallel 
A 2 3 ? anti-parallel 
A 3 4 ? anti-parallel 
B 1 2 ? anti-parallel 
B 2 3 ? parallel      
C 1 2 ? parallel      
C 2 3 ? anti-parallel 
C 3 4 ? anti-parallel 
D 1 2 ? anti-parallel 
D 2 3 ? anti-parallel 
D 3 4 ? parallel      
D 4 5 ? anti-parallel 
D 5 6 ? parallel      
D 6 7 ? anti-parallel 
D 7 8 ? anti-parallel 
# 
loop_
_struct_sheet_range.sheet_id 
_struct_sheet_range.id 
_struct_sheet_range.beg_label_comp_id 
_struct_sheet_range.beg_label_asym_id 
_struct_sheet_range.beg_label_seq_id 
_struct_sheet_range.pdbx_beg_PDB_ins_code 
_struct_sheet_range.end_label_comp_id 
_struct_sheet_range.end_label_asym_id 
_struct_sheet_range.end_label_seq_id 
_struct_sheet_range.pdbx_end_PDB_ins_code 
_struct_sheet_range.beg_auth_comp_id 
_struct_sheet_range.beg_auth_asym_id 
_struct_sheet_range.beg_auth_seq_id 
_struct_sheet_range.end_auth_comp_id 
_struct_sheet_range.end_auth_asym_id 
_struct_sheet_range.end_auth_seq_id 
A 1 GLN A 2  ? ILE A 3  ? GLN A 2   ILE A 3   
A 2 THR B 96 ? ASN B 98 ? THR B 296 ASN B 298 
A 3 THR A 96 ? ASN A 98 ? THR A 96  ASN A 98  
A 4 GLN B 2  ? ILE B 3  ? GLN B 202 ILE B 203 
B 1 LEU A 10 ? ILE A 15 ? LEU A 10  ILE A 15  
B 2 GLN A 18 ? LEU A 24 ? GLN A 18  LEU A 24  
B 3 ILE A 84 ? ILE A 85 ? ILE A 84  ILE A 85  
C 1 THR A 31 ? LEU A 33 ? THR A 31  LEU A 33  
C 2 HIS A 69 ? VAL A 77 ? HIS A 69  VAL A 77  
C 3 GLY A 52 ? ILE A 66 ? GLY A 52  ILE A 66  
C 4 LYS A 43 ? GLY A 49 ? LYS A 43  GLY A 49  
D 1 LYS B 43 ? GLY B 49 ? LYS B 243 GLY B 249 
D 2 GLY B 52 ? ILE B 66 ? GLY B 252 ILE B 266 
D 3 HIS B 69 ? VAL B 77 ? HIS B 269 VAL B 277 
D 4 VAL B 32 ? LEU B 33 ? VAL B 232 LEU B 233 
D 5 ILE B 84 ? ILE B 85 ? ILE B 284 ILE B 285 
D 6 GLN B 18 ? LEU B 24 ? GLN B 218 LEU B 224 
D 7 LEU B 10 ? ILE B 15 ? LEU B 210 ILE B 215 
D 8 GLY B 52 ? ILE B 66 ? GLY B 252 ILE B 266 
# 
loop_
_pdbx_struct_sheet_hbond.sheet_id 
_pdbx_struct_sheet_hbond.range_id_1 
_pdbx_struct_sheet_hbond.range_id_2 
_pdbx_struct_sheet_hbond.range_1_label_atom_id 
_pdbx_struct_sheet_hbond.range_1_label_comp_id 
_pdbx_struct_sheet_hbond.range_1_label_asym_id 
_pdbx_struct_sheet_hbond.range_1_label_seq_id 
_pdbx_struct_sheet_hbond.range_1_PDB_ins_code 
_pdbx_struct_sheet_hbond.range_1_auth_atom_id 
_pdbx_struct_sheet_hbond.range_1_auth_comp_id 
_pdbx_struct_sheet_hbond.range_1_auth_asym_id 
_pdbx_struct_sheet_hbond.range_1_auth_seq_id 
_pdbx_struct_sheet_hbond.range_2_label_atom_id 
_pdbx_struct_sheet_hbond.range_2_label_comp_id 
_pdbx_struct_sheet_hbond.range_2_label_asym_id 
_pdbx_struct_sheet_hbond.range_2_label_seq_id 
_pdbx_struct_sheet_hbond.range_2_PDB_ins_code 
_pdbx_struct_sheet_hbond.range_2_auth_atom_id 
_pdbx_struct_sheet_hbond.range_2_auth_comp_id 
_pdbx_struct_sheet_hbond.range_2_auth_asym_id 
_pdbx_struct_sheet_hbond.range_2_auth_seq_id 
A 1 2 N ILE A 3  ? N ILE A 3   O LEU B 97 ? O LEU B 297 
A 2 3 O ASN B 98 ? O ASN B 298 N THR A 96 ? N THR A 96  
A 3 4 N LEU A 97 ? N LEU A 97  O ILE B 3  ? O ILE B 203 
B 1 2 N VAL A 11 ? N VAL A 11  O ALA A 22 ? O ALA A 22  
B 2 3 N LEU A 23 ? N LEU A 23  O ILE A 85 ? O ILE A 85  
C 1 2 N LEU A 33 ? N LEU A 33  O LEU A 76 ? O LEU A 76  
C 2 3 O ALA A 71 ? O ALA A 71  N ILE A 64 ? N ILE A 64  
C 3 4 O GLN A 58 ? O GLN A 58  N LYS A 43 ? N LYS A 43  
D 1 2 N GLY B 49 ? N GLY B 249 O GLY B 52 ? O GLY B 252 
D 2 3 N ILE B 64 ? N ILE B 264 O ALA B 71 ? O ALA B 271 
D 3 4 O LEU B 76 ? O LEU B 276 N LEU B 33 ? N LEU B 233 
D 4 5 N VAL B 32 ? N VAL B 232 O ILE B 84 ? O ILE B 284 
D 5 6 O ILE B 85 ? O ILE B 285 N LEU B 23 ? N LEU B 223 
D 6 7 O ALA B 22 ? O ALA B 222 N VAL B 11 ? N VAL B 211 
D 7 8 N LYS B 14 ? N LYS B 214 O GLU B 65 ? O GLU B 265 
# 
_struct_site.id                   AC1 
_struct_site.pdbx_evidence_code   Software 
_struct_site.pdbx_auth_asym_id    A 
_struct_site.pdbx_auth_comp_id    DJR 
_struct_site.pdbx_auth_seq_id     300 
_struct_site.pdbx_auth_ins_code   ? 
_struct_site.pdbx_num_residues    20 
_struct_site.details              'BINDING SITE FOR RESIDUE DJR A 300' 
# 
loop_
_struct_site_gen.id 
_struct_site_gen.site_id 
_struct_site_gen.pdbx_num_res 
_struct_site_gen.label_comp_id 
_struct_site_gen.label_asym_id 
_struct_site_gen.label_seq_id 
_struct_site_gen.pdbx_auth_ins_code 
_struct_site_gen.auth_comp_id 
_struct_site_gen.auth_asym_id 
_struct_site_gen.auth_seq_id 
_struct_site_gen.label_atom_id 
_struct_site_gen.label_alt_id 
_struct_site_gen.symmetry 
_struct_site_gen.details 
1  AC1 20 ASP A 25 ? ASP A 25  . ? 1_555 ? 
2  AC1 20 GLY A 27 ? GLY A 27  . ? 1_555 ? 
3  AC1 20 ALA A 28 ? ALA A 28  . ? 1_555 ? 
4  AC1 20 ASP A 30 ? ASP A 30  . ? 1_555 ? 
5  AC1 20 VAL A 32 ? VAL A 32  . ? 1_555 ? 
6  AC1 20 GLY A 48 ? GLY A 48  . ? 1_555 ? 
7  AC1 20 GLY A 49 ? GLY A 49  . ? 1_555 ? 
8  AC1 20 PRO A 81 ? PRO A 81  . ? 1_555 ? 
9  AC1 20 VAL A 82 ? VAL A 82  . ? 1_555 ? 
10 AC1 20 ILE A 84 ? ILE A 84  . ? 1_555 ? 
11 AC1 20 HOH D .  ? HOH A 302 . ? 1_555 ? 
12 AC1 20 HOH D .  ? HOH A 305 . ? 1_555 ? 
13 AC1 20 ASP B 25 ? ASP B 225 . ? 1_555 ? 
14 AC1 20 GLY B 27 ? GLY B 227 . ? 1_555 ? 
15 AC1 20 ALA B 28 ? ALA B 228 . ? 1_555 ? 
16 AC1 20 ASP B 29 ? ASP B 229 . ? 1_555 ? 
17 AC1 20 ASP B 30 ? ASP B 230 . ? 1_555 ? 
18 AC1 20 GLY B 48 ? GLY B 248 . ? 1_555 ? 
19 AC1 20 GLY B 49 ? GLY B 249 . ? 1_555 ? 
20 AC1 20 ILE B 50 ? ILE B 250 . ? 1_555 ? 
# 
_pdbx_validate_torsion.id              1 
_pdbx_validate_torsion.PDB_model_num   1 
_pdbx_validate_torsion.auth_comp_id    PRO 
_pdbx_validate_torsion.auth_asym_id    B 
_pdbx_validate_torsion.auth_seq_id     279 
_pdbx_validate_torsion.PDB_ins_code    ? 
_pdbx_validate_torsion.label_alt_id    ? 
_pdbx_validate_torsion.phi             -68.46 
_pdbx_validate_torsion.psi             82.96 
# 
loop_
_chem_comp_atom.comp_id 
_chem_comp_atom.atom_id 
_chem_comp_atom.type_symbol 
_chem_comp_atom.pdbx_aromatic_flag 
_chem_comp_atom.pdbx_stereo_config 
_chem_comp_atom.pdbx_ordinal 
ALA N    N N N 1   
ALA CA   C N S 2   
ALA C    C N N 3   
ALA O    O N N 4   
ALA CB   C N N 5   
ALA OXT  O N N 6   
ALA H    H N N 7   
ALA H2   H N N 8   
ALA HA   H N N 9   
ALA HB1  H N N 10  
ALA HB2  H N N 11  
ALA HB3  H N N 12  
ALA HXT  H N N 13  
ARG N    N N N 14  
ARG CA   C N S 15  
ARG C    C N N 16  
ARG O    O N N 17  
ARG CB   C N N 18  
ARG CG   C N N 19  
ARG CD   C N N 20  
ARG NE   N N N 21  
ARG CZ   C N N 22  
ARG NH1  N N N 23  
ARG NH2  N N N 24  
ARG OXT  O N N 25  
ARG H    H N N 26  
ARG H2   H N N 27  
ARG HA   H N N 28  
ARG HB2  H N N 29  
ARG HB3  H N N 30  
ARG HG2  H N N 31  
ARG HG3  H N N 32  
ARG HD2  H N N 33  
ARG HD3  H N N 34  
ARG HE   H N N 35  
ARG HH11 H N N 36  
ARG HH12 H N N 37  
ARG HH21 H N N 38  
ARG HH22 H N N 39  
ARG HXT  H N N 40  
ASN N    N N N 41  
ASN CA   C N S 42  
ASN C    C N N 43  
ASN O    O N N 44  
ASN CB   C N N 45  
ASN CG   C N N 46  
ASN OD1  O N N 47  
ASN ND2  N N N 48  
ASN OXT  O N N 49  
ASN H    H N N 50  
ASN H2   H N N 51  
ASN HA   H N N 52  
ASN HB2  H N N 53  
ASN HB3  H N N 54  
ASN HD21 H N N 55  
ASN HD22 H N N 56  
ASN HXT  H N N 57  
ASP N    N N N 58  
ASP CA   C N S 59  
ASP C    C N N 60  
ASP O    O N N 61  
ASP CB   C N N 62  
ASP CG   C N N 63  
ASP OD1  O N N 64  
ASP OD2  O N N 65  
ASP OXT  O N N 66  
ASP H    H N N 67  
ASP H2   H N N 68  
ASP HA   H N N 69  
ASP HB2  H N N 70  
ASP HB3  H N N 71  
ASP HD2  H N N 72  
ASP HXT  H N N 73  
CYS N    N N N 74  
CYS CA   C N R 75  
CYS C    C N N 76  
CYS O    O N N 77  
CYS CB   C N N 78  
CYS SG   S N N 79  
CYS OXT  O N N 80  
CYS H    H N N 81  
CYS H2   H N N 82  
CYS HA   H N N 83  
CYS HB2  H N N 84  
CYS HB3  H N N 85  
CYS HG   H N N 86  
CYS HXT  H N N 87  
DJR C    C N S 88  
DJR O    O N N 89  
DJR C27  C N R 90  
DJR O9   O N N 91  
DJR C2   C N N 92  
DJR C1   C N N 93  
DJR C3   C N N 94  
DJR C5   C N S 95  
DJR O4   O N N 96  
DJR C4   C N N 97  
DJR O5   O N N 98  
DJR N1   N N N 99  
DJR C6   C N S 100 
DJR C8   C N N 101 
DJR C9   C Y N 102 
DJR C11  C Y N 103 
DJR C13  C Y N 104 
DJR C14  C Y N 105 
DJR C12  C Y N 106 
DJR C10  C Y N 107 
DJR C7   C N R 108 
DJR O6   O N N 109 
DJR C15  C N N 110 
DJR N2   N N S 111 
DJR S    S N N 112 
DJR O8   O N N 113 
DJR O7   O N N 114 
DJR C18  C Y N 115 
DJR C23  C Y N 116 
DJR C22  C Y N 117 
DJR C21  C Y N 118 
DJR O1   O N N 119 
DJR C26  C N N 120 
DJR C20  C Y N 121 
DJR C19  C Y N 122 
DJR C16  C N N 123 
DJR C17  C N N 124 
DJR C25  C N N 125 
DJR C24  C N N 126 
DJR H    H N N 127 
DJR H27  H N N 128 
DJR H21  H N N 129 
DJR H22A H N N 130 
DJR H11A H N N 131 
DJR H12A H N N 132 
DJR H31  H N N 133 
DJR H32  H N N 134 
DJR H5   H N N 135 
DJR HN1  H N N 136 
DJR H6   H N N 137 
DJR H81  H N N 138 
DJR H82  H N N 139 
DJR H11  H N N 140 
DJR H13  H N N 141 
DJR H14  H N N 142 
DJR H12  H N N 143 
DJR H10  H N N 144 
DJR H7   H N N 145 
DJR HO6  H N N 146 
DJR H151 H N N 147 
DJR H152 H N N 148 
DJR H23  H N N 149 
DJR H22  H N N 150 
DJR H261 H N N 151 
DJR H262 H N N 152 
DJR H263 H N N 153 
DJR H20  H N N 154 
DJR H19  H N N 155 
DJR H161 H N N 156 
DJR H162 H N N 157 
DJR H17  H N N 158 
DJR H251 H N N 159 
DJR H252 H N N 160 
DJR H253 H N N 161 
DJR H241 H N N 162 
DJR H242 H N N 163 
DJR H243 H N N 164 
GLN N    N N N 165 
GLN CA   C N S 166 
GLN C    C N N 167 
GLN O    O N N 168 
GLN CB   C N N 169 
GLN CG   C N N 170 
GLN CD   C N N 171 
GLN OE1  O N N 172 
GLN NE2  N N N 173 
GLN OXT  O N N 174 
GLN H    H N N 175 
GLN H2   H N N 176 
GLN HA   H N N 177 
GLN HB2  H N N 178 
GLN HB3  H N N 179 
GLN HG2  H N N 180 
GLN HG3  H N N 181 
GLN HE21 H N N 182 
GLN HE22 H N N 183 
GLN HXT  H N N 184 
GLU N    N N N 185 
GLU CA   C N S 186 
GLU C    C N N 187 
GLU O    O N N 188 
GLU CB   C N N 189 
GLU CG   C N N 190 
GLU CD   C N N 191 
GLU OE1  O N N 192 
GLU OE2  O N N 193 
GLU OXT  O N N 194 
GLU H    H N N 195 
GLU H2   H N N 196 
GLU HA   H N N 197 
GLU HB2  H N N 198 
GLU HB3  H N N 199 
GLU HG2  H N N 200 
GLU HG3  H N N 201 
GLU HE2  H N N 202 
GLU HXT  H N N 203 
GLY N    N N N 204 
GLY CA   C N N 205 
GLY C    C N N 206 
GLY O    O N N 207 
GLY OXT  O N N 208 
GLY H    H N N 209 
GLY H2   H N N 210 
GLY HA2  H N N 211 
GLY HA3  H N N 212 
GLY HXT  H N N 213 
HIS N    N N N 214 
HIS CA   C N S 215 
HIS C    C N N 216 
HIS O    O N N 217 
HIS CB   C N N 218 
HIS CG   C Y N 219 
HIS ND1  N Y N 220 
HIS CD2  C Y N 221 
HIS CE1  C Y N 222 
HIS NE2  N Y N 223 
HIS OXT  O N N 224 
HIS H    H N N 225 
HIS H2   H N N 226 
HIS HA   H N N 227 
HIS HB2  H N N 228 
HIS HB3  H N N 229 
HIS HD1  H N N 230 
HIS HD2  H N N 231 
HIS HE1  H N N 232 
HIS HE2  H N N 233 
HIS HXT  H N N 234 
HOH O    O N N 235 
HOH H1   H N N 236 
HOH H2   H N N 237 
ILE N    N N N 238 
ILE CA   C N S 239 
ILE C    C N N 240 
ILE O    O N N 241 
ILE CB   C N S 242 
ILE CG1  C N N 243 
ILE CG2  C N N 244 
ILE CD1  C N N 245 
ILE OXT  O N N 246 
ILE H    H N N 247 
ILE H2   H N N 248 
ILE HA   H N N 249 
ILE HB   H N N 250 
ILE HG12 H N N 251 
ILE HG13 H N N 252 
ILE HG21 H N N 253 
ILE HG22 H N N 254 
ILE HG23 H N N 255 
ILE HD11 H N N 256 
ILE HD12 H N N 257 
ILE HD13 H N N 258 
ILE HXT  H N N 259 
LEU N    N N N 260 
LEU CA   C N S 261 
LEU C    C N N 262 
LEU O    O N N 263 
LEU CB   C N N 264 
LEU CG   C N N 265 
LEU CD1  C N N 266 
LEU CD2  C N N 267 
LEU OXT  O N N 268 
LEU H    H N N 269 
LEU H2   H N N 270 
LEU HA   H N N 271 
LEU HB2  H N N 272 
LEU HB3  H N N 273 
LEU HG   H N N 274 
LEU HD11 H N N 275 
LEU HD12 H N N 276 
LEU HD13 H N N 277 
LEU HD21 H N N 278 
LEU HD22 H N N 279 
LEU HD23 H N N 280 
LEU HXT  H N N 281 
LYS N    N N N 282 
LYS CA   C N S 283 
LYS C    C N N 284 
LYS O    O N N 285 
LYS CB   C N N 286 
LYS CG   C N N 287 
LYS CD   C N N 288 
LYS CE   C N N 289 
LYS NZ   N N N 290 
LYS OXT  O N N 291 
LYS H    H N N 292 
LYS H2   H N N 293 
LYS HA   H N N 294 
LYS HB2  H N N 295 
LYS HB3  H N N 296 
LYS HG2  H N N 297 
LYS HG3  H N N 298 
LYS HD2  H N N 299 
LYS HD3  H N N 300 
LYS HE2  H N N 301 
LYS HE3  H N N 302 
LYS HZ1  H N N 303 
LYS HZ2  H N N 304 
LYS HZ3  H N N 305 
LYS HXT  H N N 306 
MET N    N N N 307 
MET CA   C N S 308 
MET C    C N N 309 
MET O    O N N 310 
MET CB   C N N 311 
MET CG   C N N 312 
MET SD   S N N 313 
MET CE   C N N 314 
MET OXT  O N N 315 
MET H    H N N 316 
MET H2   H N N 317 
MET HA   H N N 318 
MET HB2  H N N 319 
MET HB3  H N N 320 
MET HG2  H N N 321 
MET HG3  H N N 322 
MET HE1  H N N 323 
MET HE2  H N N 324 
MET HE3  H N N 325 
MET HXT  H N N 326 
PHE N    N N N 327 
PHE CA   C N S 328 
PHE C    C N N 329 
PHE O    O N N 330 
PHE CB   C N N 331 
PHE CG   C Y N 332 
PHE CD1  C Y N 333 
PHE CD2  C Y N 334 
PHE CE1  C Y N 335 
PHE CE2  C Y N 336 
PHE CZ   C Y N 337 
PHE OXT  O N N 338 
PHE H    H N N 339 
PHE H2   H N N 340 
PHE HA   H N N 341 
PHE HB2  H N N 342 
PHE HB3  H N N 343 
PHE HD1  H N N 344 
PHE HD2  H N N 345 
PHE HE1  H N N 346 
PHE HE2  H N N 347 
PHE HZ   H N N 348 
PHE HXT  H N N 349 
PRO N    N N N 350 
PRO CA   C N S 351 
PRO C    C N N 352 
PRO O    O N N 353 
PRO CB   C N N 354 
PRO CG   C N N 355 
PRO CD   C N N 356 
PRO OXT  O N N 357 
PRO H    H N N 358 
PRO HA   H N N 359 
PRO HB2  H N N 360 
PRO HB3  H N N 361 
PRO HG2  H N N 362 
PRO HG3  H N N 363 
PRO HD2  H N N 364 
PRO HD3  H N N 365 
PRO HXT  H N N 366 
SER N    N N N 367 
SER CA   C N S 368 
SER C    C N N 369 
SER O    O N N 370 
SER CB   C N N 371 
SER OG   O N N 372 
SER OXT  O N N 373 
SER H    H N N 374 
SER H2   H N N 375 
SER HA   H N N 376 
SER HB2  H N N 377 
SER HB3  H N N 378 
SER HG   H N N 379 
SER HXT  H N N 380 
THR N    N N N 381 
THR CA   C N S 382 
THR C    C N N 383 
THR O    O N N 384 
THR CB   C N R 385 
THR OG1  O N N 386 
THR CG2  C N N 387 
THR OXT  O N N 388 
THR H    H N N 389 
THR H2   H N N 390 
THR HA   H N N 391 
THR HB   H N N 392 
THR HG1  H N N 393 
THR HG21 H N N 394 
THR HG22 H N N 395 
THR HG23 H N N 396 
THR HXT  H N N 397 
TRP N    N N N 398 
TRP CA   C N S 399 
TRP C    C N N 400 
TRP O    O N N 401 
TRP CB   C N N 402 
TRP CG   C Y N 403 
TRP CD1  C Y N 404 
TRP CD2  C Y N 405 
TRP NE1  N Y N 406 
TRP CE2  C Y N 407 
TRP CE3  C Y N 408 
TRP CZ2  C Y N 409 
TRP CZ3  C Y N 410 
TRP CH2  C Y N 411 
TRP OXT  O N N 412 
TRP H    H N N 413 
TRP H2   H N N 414 
TRP HA   H N N 415 
TRP HB2  H N N 416 
TRP HB3  H N N 417 
TRP HD1  H N N 418 
TRP HE1  H N N 419 
TRP HE3  H N N 420 
TRP HZ2  H N N 421 
TRP HZ3  H N N 422 
TRP HH2  H N N 423 
TRP HXT  H N N 424 
TYR N    N N N 425 
TYR CA   C N S 426 
TYR C    C N N 427 
TYR O    O N N 428 
TYR CB   C N N 429 
TYR CG   C Y N 430 
TYR CD1  C Y N 431 
TYR CD2  C Y N 432 
TYR CE1  C Y N 433 
TYR CE2  C Y N 434 
TYR CZ   C Y N 435 
TYR OH   O N N 436 
TYR OXT  O N N 437 
TYR H    H N N 438 
TYR H2   H N N 439 
TYR HA   H N N 440 
TYR HB2  H N N 441 
TYR HB3  H N N 442 
TYR HD1  H N N 443 
TYR HD2  H N N 444 
TYR HE1  H N N 445 
TYR HE2  H N N 446 
TYR HH   H N N 447 
TYR HXT  H N N 448 
VAL N    N N N 449 
VAL CA   C N S 450 
VAL C    C N N 451 
VAL O    O N N 452 
VAL CB   C N N 453 
VAL CG1  C N N 454 
VAL CG2  C N N 455 
VAL OXT  O N N 456 
VAL H    H N N 457 
VAL H2   H N N 458 
VAL HA   H N N 459 
VAL HB   H N N 460 
VAL HG11 H N N 461 
VAL HG12 H N N 462 
VAL HG13 H N N 463 
VAL HG21 H N N 464 
VAL HG22 H N N 465 
VAL HG23 H N N 466 
VAL HXT  H N N 467 
# 
loop_
_chem_comp_bond.comp_id 
_chem_comp_bond.atom_id_1 
_chem_comp_bond.atom_id_2 
_chem_comp_bond.value_order 
_chem_comp_bond.pdbx_aromatic_flag 
_chem_comp_bond.pdbx_stereo_config 
_chem_comp_bond.pdbx_ordinal 
ALA N   CA   sing N N 1   
ALA N   H    sing N N 2   
ALA N   H2   sing N N 3   
ALA CA  C    sing N N 4   
ALA CA  CB   sing N N 5   
ALA CA  HA   sing N N 6   
ALA C   O    doub N N 7   
ALA C   OXT  sing N N 8   
ALA CB  HB1  sing N N 9   
ALA CB  HB2  sing N N 10  
ALA CB  HB3  sing N N 11  
ALA OXT HXT  sing N N 12  
ARG N   CA   sing N N 13  
ARG N   H    sing N N 14  
ARG N   H2   sing N N 15  
ARG CA  C    sing N N 16  
ARG CA  CB   sing N N 17  
ARG CA  HA   sing N N 18  
ARG C   O    doub N N 19  
ARG C   OXT  sing N N 20  
ARG CB  CG   sing N N 21  
ARG CB  HB2  sing N N 22  
ARG CB  HB3  sing N N 23  
ARG CG  CD   sing N N 24  
ARG CG  HG2  sing N N 25  
ARG CG  HG3  sing N N 26  
ARG CD  NE   sing N N 27  
ARG CD  HD2  sing N N 28  
ARG CD  HD3  sing N N 29  
ARG NE  CZ   sing N N 30  
ARG NE  HE   sing N N 31  
ARG CZ  NH1  sing N N 32  
ARG CZ  NH2  doub N N 33  
ARG NH1 HH11 sing N N 34  
ARG NH1 HH12 sing N N 35  
ARG NH2 HH21 sing N N 36  
ARG NH2 HH22 sing N N 37  
ARG OXT HXT  sing N N 38  
ASN N   CA   sing N N 39  
ASN N   H    sing N N 40  
ASN N   H2   sing N N 41  
ASN CA  C    sing N N 42  
ASN CA  CB   sing N N 43  
ASN CA  HA   sing N N 44  
ASN C   O    doub N N 45  
ASN C   OXT  sing N N 46  
ASN CB  CG   sing N N 47  
ASN CB  HB2  sing N N 48  
ASN CB  HB3  sing N N 49  
ASN CG  OD1  doub N N 50  
ASN CG  ND2  sing N N 51  
ASN ND2 HD21 sing N N 52  
ASN ND2 HD22 sing N N 53  
ASN OXT HXT  sing N N 54  
ASP N   CA   sing N N 55  
ASP N   H    sing N N 56  
ASP N   H2   sing N N 57  
ASP CA  C    sing N N 58  
ASP CA  CB   sing N N 59  
ASP CA  HA   sing N N 60  
ASP C   O    doub N N 61  
ASP C   OXT  sing N N 62  
ASP CB  CG   sing N N 63  
ASP CB  HB2  sing N N 64  
ASP CB  HB3  sing N N 65  
ASP CG  OD1  doub N N 66  
ASP CG  OD2  sing N N 67  
ASP OD2 HD2  sing N N 68  
ASP OXT HXT  sing N N 69  
CYS N   CA   sing N N 70  
CYS N   H    sing N N 71  
CYS N   H2   sing N N 72  
CYS CA  C    sing N N 73  
CYS CA  CB   sing N N 74  
CYS CA  HA   sing N N 75  
CYS C   O    doub N N 76  
CYS C   OXT  sing N N 77  
CYS CB  SG   sing N N 78  
CYS CB  HB2  sing N N 79  
CYS CB  HB3  sing N N 80  
CYS SG  HG   sing N N 81  
CYS OXT HXT  sing N N 82  
DJR C   C1   sing N N 83  
DJR C   C5   sing N N 84  
DJR C   C27  sing N N 85  
DJR C   H    sing N N 86  
DJR O   C27  sing N N 87  
DJR O   C3   sing N N 88  
DJR C27 O9   sing N N 89  
DJR C27 H27  sing N N 90  
DJR O9  C2   sing N N 91  
DJR C2  C1   sing N N 92  
DJR C2  H21  sing N N 93  
DJR C2  H22A sing N N 94  
DJR C1  H11A sing N N 95  
DJR C1  H12A sing N N 96  
DJR C3  C5   sing N N 97  
DJR C3  H31  sing N N 98  
DJR C3  H32  sing N N 99  
DJR C5  O4   sing N N 100 
DJR C5  H5   sing N N 101 
DJR O4  C4   sing N N 102 
DJR C4  N1   sing N N 103 
DJR C4  O5   doub N N 104 
DJR N1  C6   sing N N 105 
DJR N1  HN1  sing N N 106 
DJR C6  C8   sing N N 107 
DJR C6  C7   sing N N 108 
DJR C6  H6   sing N N 109 
DJR C8  C9   sing N N 110 
DJR C8  H81  sing N N 111 
DJR C8  H82  sing N N 112 
DJR C9  C11  doub Y N 113 
DJR C9  C10  sing Y N 114 
DJR C11 C13  sing Y N 115 
DJR C11 H11  sing N N 116 
DJR C13 C14  doub Y N 117 
DJR C13 H13  sing N N 118 
DJR C14 C12  sing Y N 119 
DJR C14 H14  sing N N 120 
DJR C12 C10  doub Y N 121 
DJR C12 H12  sing N N 122 
DJR C10 H10  sing N N 123 
DJR C7  C15  sing N N 124 
DJR C7  O6   sing N N 125 
DJR C7  H7   sing N N 126 
DJR O6  HO6  sing N N 127 
DJR C15 N2   sing N N 128 
DJR C15 H151 sing N N 129 
DJR C15 H152 sing N N 130 
DJR N2  S    sing N N 131 
DJR N2  C16  sing N N 132 
DJR S   O7   doub N N 133 
DJR S   C18  sing N N 134 
DJR S   O8   doub N N 135 
DJR C18 C19  doub Y N 136 
DJR C18 C23  sing Y N 137 
DJR C23 C22  doub Y N 138 
DJR C23 H23  sing N N 139 
DJR C22 C21  sing Y N 140 
DJR C22 H22  sing N N 141 
DJR C21 O1   sing N N 142 
DJR C21 C20  doub Y N 143 
DJR O1  C26  sing N N 144 
DJR C26 H261 sing N N 145 
DJR C26 H262 sing N N 146 
DJR C26 H263 sing N N 147 
DJR C20 C19  sing Y N 148 
DJR C20 H20  sing N N 149 
DJR C19 H19  sing N N 150 
DJR C16 C17  sing N N 151 
DJR C16 H161 sing N N 152 
DJR C16 H162 sing N N 153 
DJR C17 C24  sing N N 154 
DJR C17 C25  sing N N 155 
DJR C17 H17  sing N N 156 
DJR C25 H251 sing N N 157 
DJR C25 H252 sing N N 158 
DJR C25 H253 sing N N 159 
DJR C24 H241 sing N N 160 
DJR C24 H242 sing N N 161 
DJR C24 H243 sing N N 162 
GLN N   CA   sing N N 163 
GLN N   H    sing N N 164 
GLN N   H2   sing N N 165 
GLN CA  C    sing N N 166 
GLN CA  CB   sing N N 167 
GLN CA  HA   sing N N 168 
GLN C   O    doub N N 169 
GLN C   OXT  sing N N 170 
GLN CB  CG   sing N N 171 
GLN CB  HB2  sing N N 172 
GLN CB  HB3  sing N N 173 
GLN CG  CD   sing N N 174 
GLN CG  HG2  sing N N 175 
GLN CG  HG3  sing N N 176 
GLN CD  OE1  doub N N 177 
GLN CD  NE2  sing N N 178 
GLN NE2 HE21 sing N N 179 
GLN NE2 HE22 sing N N 180 
GLN OXT HXT  sing N N 181 
GLU N   CA   sing N N 182 
GLU N   H    sing N N 183 
GLU N   H2   sing N N 184 
GLU CA  C    sing N N 185 
GLU CA  CB   sing N N 186 
GLU CA  HA   sing N N 187 
GLU C   O    doub N N 188 
GLU C   OXT  sing N N 189 
GLU CB  CG   sing N N 190 
GLU CB  HB2  sing N N 191 
GLU CB  HB3  sing N N 192 
GLU CG  CD   sing N N 193 
GLU CG  HG2  sing N N 194 
GLU CG  HG3  sing N N 195 
GLU CD  OE1  doub N N 196 
GLU CD  OE2  sing N N 197 
GLU OE2 HE2  sing N N 198 
GLU OXT HXT  sing N N 199 
GLY N   CA   sing N N 200 
GLY N   H    sing N N 201 
GLY N   H2   sing N N 202 
GLY CA  C    sing N N 203 
GLY CA  HA2  sing N N 204 
GLY CA  HA3  sing N N 205 
GLY C   O    doub N N 206 
GLY C   OXT  sing N N 207 
GLY OXT HXT  sing N N 208 
HIS N   CA   sing N N 209 
HIS N   H    sing N N 210 
HIS N   H2   sing N N 211 
HIS CA  C    sing N N 212 
HIS CA  CB   sing N N 213 
HIS CA  HA   sing N N 214 
HIS C   O    doub N N 215 
HIS C   OXT  sing N N 216 
HIS CB  CG   sing N N 217 
HIS CB  HB2  sing N N 218 
HIS CB  HB3  sing N N 219 
HIS CG  ND1  sing Y N 220 
HIS CG  CD2  doub Y N 221 
HIS ND1 CE1  doub Y N 222 
HIS ND1 HD1  sing N N 223 
HIS CD2 NE2  sing Y N 224 
HIS CD2 HD2  sing N N 225 
HIS CE1 NE2  sing Y N 226 
HIS CE1 HE1  sing N N 227 
HIS NE2 HE2  sing N N 228 
HIS OXT HXT  sing N N 229 
HOH O   H1   sing N N 230 
HOH O   H2   sing N N 231 
ILE N   CA   sing N N 232 
ILE N   H    sing N N 233 
ILE N   H2   sing N N 234 
ILE CA  C    sing N N 235 
ILE CA  CB   sing N N 236 
ILE CA  HA   sing N N 237 
ILE C   O    doub N N 238 
ILE C   OXT  sing N N 239 
ILE CB  CG1  sing N N 240 
ILE CB  CG2  sing N N 241 
ILE CB  HB   sing N N 242 
ILE CG1 CD1  sing N N 243 
ILE CG1 HG12 sing N N 244 
ILE CG1 HG13 sing N N 245 
ILE CG2 HG21 sing N N 246 
ILE CG2 HG22 sing N N 247 
ILE CG2 HG23 sing N N 248 
ILE CD1 HD11 sing N N 249 
ILE CD1 HD12 sing N N 250 
ILE CD1 HD13 sing N N 251 
ILE OXT HXT  sing N N 252 
LEU N   CA   sing N N 253 
LEU N   H    sing N N 254 
LEU N   H2   sing N N 255 
LEU CA  C    sing N N 256 
LEU CA  CB   sing N N 257 
LEU CA  HA   sing N N 258 
LEU C   O    doub N N 259 
LEU C   OXT  sing N N 260 
LEU CB  CG   sing N N 261 
LEU CB  HB2  sing N N 262 
LEU CB  HB3  sing N N 263 
LEU CG  CD1  sing N N 264 
LEU CG  CD2  sing N N 265 
LEU CG  HG   sing N N 266 
LEU CD1 HD11 sing N N 267 
LEU CD1 HD12 sing N N 268 
LEU CD1 HD13 sing N N 269 
LEU CD2 HD21 sing N N 270 
LEU CD2 HD22 sing N N 271 
LEU CD2 HD23 sing N N 272 
LEU OXT HXT  sing N N 273 
LYS N   CA   sing N N 274 
LYS N   H    sing N N 275 
LYS N   H2   sing N N 276 
LYS CA  C    sing N N 277 
LYS CA  CB   sing N N 278 
LYS CA  HA   sing N N 279 
LYS C   O    doub N N 280 
LYS C   OXT  sing N N 281 
LYS CB  CG   sing N N 282 
LYS CB  HB2  sing N N 283 
LYS CB  HB3  sing N N 284 
LYS CG  CD   sing N N 285 
LYS CG  HG2  sing N N 286 
LYS CG  HG3  sing N N 287 
LYS CD  CE   sing N N 288 
LYS CD  HD2  sing N N 289 
LYS CD  HD3  sing N N 290 
LYS CE  NZ   sing N N 291 
LYS CE  HE2  sing N N 292 
LYS CE  HE3  sing N N 293 
LYS NZ  HZ1  sing N N 294 
LYS NZ  HZ2  sing N N 295 
LYS NZ  HZ3  sing N N 296 
LYS OXT HXT  sing N N 297 
MET N   CA   sing N N 298 
MET N   H    sing N N 299 
MET N   H2   sing N N 300 
MET CA  C    sing N N 301 
MET CA  CB   sing N N 302 
MET CA  HA   sing N N 303 
MET C   O    doub N N 304 
MET C   OXT  sing N N 305 
MET CB  CG   sing N N 306 
MET CB  HB2  sing N N 307 
MET CB  HB3  sing N N 308 
MET CG  SD   sing N N 309 
MET CG  HG2  sing N N 310 
MET CG  HG3  sing N N 311 
MET SD  CE   sing N N 312 
MET CE  HE1  sing N N 313 
MET CE  HE2  sing N N 314 
MET CE  HE3  sing N N 315 
MET OXT HXT  sing N N 316 
PHE N   CA   sing N N 317 
PHE N   H    sing N N 318 
PHE N   H2   sing N N 319 
PHE CA  C    sing N N 320 
PHE CA  CB   sing N N 321 
PHE CA  HA   sing N N 322 
PHE C   O    doub N N 323 
PHE C   OXT  sing N N 324 
PHE CB  CG   sing N N 325 
PHE CB  HB2  sing N N 326 
PHE CB  HB3  sing N N 327 
PHE CG  CD1  doub Y N 328 
PHE CG  CD2  sing Y N 329 
PHE CD1 CE1  sing Y N 330 
PHE CD1 HD1  sing N N 331 
PHE CD2 CE2  doub Y N 332 
PHE CD2 HD2  sing N N 333 
PHE CE1 CZ   doub Y N 334 
PHE CE1 HE1  sing N N 335 
PHE CE2 CZ   sing Y N 336 
PHE CE2 HE2  sing N N 337 
PHE CZ  HZ   sing N N 338 
PHE OXT HXT  sing N N 339 
PRO N   CA   sing N N 340 
PRO N   CD   sing N N 341 
PRO N   H    sing N N 342 
PRO CA  C    sing N N 343 
PRO CA  CB   sing N N 344 
PRO CA  HA   sing N N 345 
PRO C   O    doub N N 346 
PRO C   OXT  sing N N 347 
PRO CB  CG   sing N N 348 
PRO CB  HB2  sing N N 349 
PRO CB  HB3  sing N N 350 
PRO CG  CD   sing N N 351 
PRO CG  HG2  sing N N 352 
PRO CG  HG3  sing N N 353 
PRO CD  HD2  sing N N 354 
PRO CD  HD3  sing N N 355 
PRO OXT HXT  sing N N 356 
SER N   CA   sing N N 357 
SER N   H    sing N N 358 
SER N   H2   sing N N 359 
SER CA  C    sing N N 360 
SER CA  CB   sing N N 361 
SER CA  HA   sing N N 362 
SER C   O    doub N N 363 
SER C   OXT  sing N N 364 
SER CB  OG   sing N N 365 
SER CB  HB2  sing N N 366 
SER CB  HB3  sing N N 367 
SER OG  HG   sing N N 368 
SER OXT HXT  sing N N 369 
THR N   CA   sing N N 370 
THR N   H    sing N N 371 
THR N   H2   sing N N 372 
THR CA  C    sing N N 373 
THR CA  CB   sing N N 374 
THR CA  HA   sing N N 375 
THR C   O    doub N N 376 
THR C   OXT  sing N N 377 
THR CB  OG1  sing N N 378 
THR CB  CG2  sing N N 379 
THR CB  HB   sing N N 380 
THR OG1 HG1  sing N N 381 
THR CG2 HG21 sing N N 382 
THR CG2 HG22 sing N N 383 
THR CG2 HG23 sing N N 384 
THR OXT HXT  sing N N 385 
TRP N   CA   sing N N 386 
TRP N   H    sing N N 387 
TRP N   H2   sing N N 388 
TRP CA  C    sing N N 389 
TRP CA  CB   sing N N 390 
TRP CA  HA   sing N N 391 
TRP C   O    doub N N 392 
TRP C   OXT  sing N N 393 
TRP CB  CG   sing N N 394 
TRP CB  HB2  sing N N 395 
TRP CB  HB3  sing N N 396 
TRP CG  CD1  doub Y N 397 
TRP CG  CD2  sing Y N 398 
TRP CD1 NE1  sing Y N 399 
TRP CD1 HD1  sing N N 400 
TRP CD2 CE2  doub Y N 401 
TRP CD2 CE3  sing Y N 402 
TRP NE1 CE2  sing Y N 403 
TRP NE1 HE1  sing N N 404 
TRP CE2 CZ2  sing Y N 405 
TRP CE3 CZ3  doub Y N 406 
TRP CE3 HE3  sing N N 407 
TRP CZ2 CH2  doub Y N 408 
TRP CZ2 HZ2  sing N N 409 
TRP CZ3 CH2  sing Y N 410 
TRP CZ3 HZ3  sing N N 411 
TRP CH2 HH2  sing N N 412 
TRP OXT HXT  sing N N 413 
TYR N   CA   sing N N 414 
TYR N   H    sing N N 415 
TYR N   H2   sing N N 416 
TYR CA  C    sing N N 417 
TYR CA  CB   sing N N 418 
TYR CA  HA   sing N N 419 
TYR C   O    doub N N 420 
TYR C   OXT  sing N N 421 
TYR CB  CG   sing N N 422 
TYR CB  HB2  sing N N 423 
TYR CB  HB3  sing N N 424 
TYR CG  CD1  doub Y N 425 
TYR CG  CD2  sing Y N 426 
TYR CD1 CE1  sing Y N 427 
TYR CD1 HD1  sing N N 428 
TYR CD2 CE2  doub Y N 429 
TYR CD2 HD2  sing N N 430 
TYR CE1 CZ   doub Y N 431 
TYR CE1 HE1  sing N N 432 
TYR CE2 CZ   sing Y N 433 
TYR CE2 HE2  sing N N 434 
TYR CZ  OH   sing N N 435 
TYR OH  HH   sing N N 436 
TYR OXT HXT  sing N N 437 
VAL N   CA   sing N N 438 
VAL N   H    sing N N 439 
VAL N   H2   sing N N 440 
VAL CA  C    sing N N 441 
VAL CA  CB   sing N N 442 
VAL CA  HA   sing N N 443 
VAL C   O    doub N N 444 
VAL C   OXT  sing N N 445 
VAL CB  CG1  sing N N 446 
VAL CB  CG2  sing N N 447 
VAL CB  HB   sing N N 448 
VAL CG1 HG11 sing N N 449 
VAL CG1 HG12 sing N N 450 
VAL CG1 HG13 sing N N 451 
VAL CG2 HG21 sing N N 452 
VAL CG2 HG22 sing N N 453 
VAL CG2 HG23 sing N N 454 
VAL OXT HXT  sing N N 455 
# 
_atom_sites.entry_id                    2I4U 
_atom_sites.fract_transf_matrix[1][1]   0.00661472 
_atom_sites.fract_transf_matrix[1][2]   0.00297715 
_atom_sites.fract_transf_matrix[1][3]   -0.01579607 
_atom_sites.fract_transf_matrix[2][1]   -0.00731451 
_atom_sites.fract_transf_matrix[2][2]   -0.00781038 
_atom_sites.fract_transf_matrix[2][3]   -0.00453506 
_atom_sites.fract_transf_matrix[3][1]   -0.01465479 
_atom_sites.fract_transf_matrix[3][2]   0.01558240 
_atom_sites.fract_transf_matrix[3][3]   -0.00319993 
_atom_sites.fract_transf_vector[1]      0.229170 
_atom_sites.fract_transf_vector[2]      0.309226 
_atom_sites.fract_transf_vector[3]      0.421515 
# 
loop_
_atom_type.symbol 
C 
N 
O 
S 
# 
loop_
_atom_site.group_PDB 
_atom_site.id 
_atom_site.type_symbol 
_atom_site.label_atom_id 
_atom_site.label_alt_id 
_atom_site.label_comp_id 
_atom_site.label_asym_id 
_atom_site.label_entity_id 
_atom_site.label_seq_id 
_atom_site.pdbx_PDB_ins_code 
_atom_site.Cartn_x 
_atom_site.Cartn_y 
_atom_site.Cartn_z 
_atom_site.occupancy 
_atom_site.B_iso_or_equiv 
_atom_site.pdbx_formal_charge 
_atom_site.auth_seq_id 
_atom_site.auth_comp_id 
_atom_site.auth_asym_id 
_atom_site.auth_atom_id 
_atom_site.pdbx_PDB_model_num 
ATOM   1    N N   . PRO A 1 1  ? -14.298 -12.424 6.931   1.00 18.96 ? 1   PRO A N   1 
ATOM   2    C CA  . PRO A 1 1  ? -14.323 -11.478 8.069   1.00 19.83 ? 1   PRO A CA  1 
ATOM   3    C C   . PRO A 1 1  ? -13.899 -10.077 7.653   1.00 19.85 ? 1   PRO A C   1 
ATOM   4    O O   . PRO A 1 1  ? -13.595 -9.823  6.483   1.00 19.06 ? 1   PRO A O   1 
ATOM   5    C CB  . PRO A 1 1  ? -13.365 -12.025 9.116   1.00 20.61 ? 1   PRO A CB  1 
ATOM   6    C CG  . PRO A 1 1  ? -12.384 -12.784 8.256   1.00 20.99 ? 1   PRO A CG  1 
ATOM   7    C CD  . PRO A 1 1  ? -13.250 -13.436 7.160   1.00 19.92 ? 1   PRO A CD  1 
ATOM   8    N N   . GLN A 1 2  ? -13.873 -9.176  8.631   1.00 19.20 ? 2   GLN A N   1 
ATOM   9    C CA  . GLN A 1 2  ? -13.495 -7.791  8.406   1.00 18.88 ? 2   GLN A CA  1 
ATOM   10   C C   . GLN A 1 2  ? -12.189 -7.472  9.125   1.00 19.44 ? 2   GLN A C   1 
ATOM   11   O O   . GLN A 1 2  ? -11.974 -7.877  10.270  1.00 19.84 ? 2   GLN A O   1 
ATOM   12   C CB  . GLN A 1 2  ? -14.613 -6.868  8.884   1.00 19.61 ? 2   GLN A CB  1 
ATOM   13   C CG  . GLN A 1 2  ? -14.370 -5.405  8.606   1.00 22.74 ? 2   GLN A CG  1 
ATOM   14   C CD  . GLN A 1 2  ? -15.587 -4.559  8.902   1.00 22.75 ? 2   GLN A CD  1 
ATOM   15   O OE1 . GLN A 1 2  ? -15.779 -4.104  10.031  1.00 25.31 ? 2   GLN A OE1 1 
ATOM   16   N NE2 . GLN A 1 2  ? -16.417 -4.339  7.887   1.00 21.35 ? 2   GLN A NE2 1 
ATOM   17   N N   . ILE A 1 3  ? -11.318 -6.747  8.431   1.00 18.39 ? 3   ILE A N   1 
ATOM   18   C CA  . ILE A 1 3  ? -10.016 -6.357  8.953   1.00 18.20 ? 3   ILE A CA  1 
ATOM   19   C C   . ILE A 1 3  ? -9.953  -4.839  9.063   1.00 18.67 ? 3   ILE A C   1 
ATOM   20   O O   . ILE A 1 3  ? -10.008 -4.127  8.059   1.00 19.03 ? 3   ILE A O   1 
ATOM   21   C CB  . ILE A 1 3  ? -8.869  -6.858  8.043   1.00 16.14 ? 3   ILE A CB  1 
ATOM   22   C CG1 . ILE A 1 3  ? -8.885  -8.388  7.975   1.00 17.00 ? 3   ILE A CG1 1 
ATOM   23   C CG2 . ILE A 1 3  ? -7.520  -6.368  8.569   1.00 17.18 ? 3   ILE A CG2 1 
ATOM   24   C CD1 . ILE A 1 3  ? -7.867  -8.974  7.030   1.00 16.17 ? 3   ILE A CD1 1 
ATOM   25   N N   . THR A 1 4  ? -9.875  -4.363  10.300  1.00 17.74 ? 4   THR A N   1 
ATOM   26   C CA  . THR A 1 4  ? -9.806  -2.941  10.601  1.00 18.21 ? 4   THR A CA  1 
ATOM   27   C C   . THR A 1 4  ? -8.433  -2.363  10.206  1.00 14.93 ? 4   THR A C   1 
ATOM   28   O O   . THR A 1 4  ? -7.459  -3.104  10.058  1.00 14.19 ? 4   THR A O   1 
ATOM   29   C CB  . THR A 1 4  ? -10.147 -2.705  12.105  1.00 19.36 ? 4   THR A CB  1 
ATOM   30   O OG1 . THR A 1 4  ? -9.794  -1.377  12.493  1.00 27.77 ? 4   THR A OG1 1 
ATOM   31   C CG2 . THR A 1 4  ? -9.426  -3.699  12.986  1.00 23.61 ? 4   THR A CG2 1 
ATOM   32   N N   . LEU A 1 5  ? -8.364  -1.048  10.013  1.00 13.76 ? 5   LEU A N   1 
ATOM   33   C CA  . LEU A 1 5  ? -7.112  -0.409  9.605   1.00 13.26 ? 5   LEU A CA  1 
ATOM   34   C C   . LEU A 1 5  ? -6.439  0.480   10.653  1.00 13.60 ? 5   LEU A C   1 
ATOM   35   O O   . LEU A 1 5  ? -5.573  1.291   10.318  1.00 13.07 ? 5   LEU A O   1 
ATOM   36   C CB  . LEU A 1 5  ? -7.309  0.359   8.290   1.00 12.89 ? 5   LEU A CB  1 
ATOM   37   C CG  . LEU A 1 5  ? -7.733  -0.501  7.090   1.00 13.96 ? 5   LEU A CG  1 
ATOM   38   C CD1 . LEU A 1 5  ? -8.058  0.383   5.897   1.00 13.39 ? 5   LEU A CD1 1 
ATOM   39   C CD2 . LEU A 1 5  ? -6.642  -1.517  6.746   1.00 12.28 ? 5   LEU A CD2 1 
ATOM   40   N N   . TRP A 1 6  ? -6.827  0.311   11.919  1.00 13.75 ? 6   TRP A N   1 
ATOM   41   C CA  . TRP A 1 6  ? -6.240  1.074   13.016  1.00 14.52 ? 6   TRP A CA  1 
ATOM   42   C C   . TRP A 1 6  ? -4.758  0.713   13.148  1.00 14.70 ? 6   TRP A C   1 
ATOM   43   O O   . TRP A 1 6  ? -3.942  1.538   13.557  1.00 14.34 ? 6   TRP A O   1 
ATOM   44   C CB  . TRP A 1 6  ? -6.957  0.763   14.321  1.00 14.21 ? 6   TRP A CB  1 
ATOM   45   C CG  . TRP A 1 6  ? -8.337  1.329   14.408  1.00 20.05 ? 6   TRP A CG  1 
ATOM   46   C CD1 . TRP A 1 6  ? -9.503  0.629   14.505  1.00 19.98 ? 6   TRP A CD1 1 
ATOM   47   C CD2 . TRP A 1 6  ? -8.696  2.716   14.476  1.00 21.00 ? 6   TRP A CD2 1 
ATOM   48   N NE1 . TRP A 1 6  ? -10.564 1.489   14.639  1.00 23.25 ? 6   TRP A NE1 1 
ATOM   49   C CE2 . TRP A 1 6  ? -10.099 2.778   14.625  1.00 23.84 ? 6   TRP A CE2 1 
ATOM   50   C CE3 . TRP A 1 6  ? -7.968  3.915   14.436  1.00 22.50 ? 6   TRP A CE3 1 
ATOM   51   C CZ2 . TRP A 1 6  ? -10.792 3.990   14.736  1.00 25.74 ? 6   TRP A CZ2 1 
ATOM   52   C CZ3 . TRP A 1 6  ? -8.655  5.121   14.547  1.00 24.32 ? 6   TRP A CZ3 1 
ATOM   53   C CH2 . TRP A 1 6  ? -10.055 5.147   14.697  1.00 24.92 ? 6   TRP A CH2 1 
ATOM   54   N N   . GLN A 1 7  ? -4.436  -0.536  12.826  1.00 13.90 ? 7   GLN A N   1 
ATOM   55   C CA  . GLN A 1 7  ? -3.062  -1.034  12.856  1.00 14.64 ? 7   GLN A CA  1 
ATOM   56   C C   . GLN A 1 7  ? -2.730  -1.554  11.462  1.00 13.35 ? 7   GLN A C   1 
ATOM   57   O O   . GLN A 1 7  ? -3.624  -1.731  10.633  1.00 13.63 ? 7   GLN A O   1 
ATOM   58   C CB  . GLN A 1 7  ? -2.913  -2.194  13.848  1.00 16.21 ? 7   GLN A CB  1 
ATOM   59   C CG  . GLN A 1 7  ? -2.947  -1.812  15.316  1.00 19.12 ? 7   GLN A CG  1 
ATOM   60   C CD  . GLN A 1 7  ? -4.349  -1.594  15.842  1.00 23.39 ? 7   GLN A CD  1 
ATOM   61   O OE1 . GLN A 1 7  ? -5.223  -2.454  15.698  1.00 23.20 ? 7   GLN A OE1 1 
ATOM   62   N NE2 . GLN A 1 7  ? -4.571  -0.445  16.469  1.00 24.19 ? 7   GLN A NE2 1 
ATOM   63   N N   . ARG A 1 8  ? -1.452  -1.801  11.199  1.00 13.15 ? 8   ARG A N   1 
ATOM   64   C CA  . ARG A 1 8  ? -1.046  -2.342  9.903   1.00 13.46 ? 8   ARG A CA  1 
ATOM   65   C C   . ARG A 1 8  ? -1.714  -3.707  9.746   1.00 13.08 ? 8   ARG A C   1 
ATOM   66   O O   . ARG A 1 8  ? -1.678  -4.524  10.669  1.00 11.89 ? 8   ARG A O   1 
ATOM   67   C CB  . ARG A 1 8  ? 0.467   -2.531  9.844   1.00 13.68 ? 8   ARG A CB  1 
ATOM   68   C CG  . ARG A 1 8  ? 1.274   -1.271  10.020  1.00 15.84 ? 8   ARG A CG  1 
ATOM   69   C CD  . ARG A 1 8  ? 2.734   -1.568  9.783   1.00 20.47 ? 8   ARG A CD  1 
ATOM   70   N NE  . ARG A 1 8  ? 3.571   -0.393  9.989   1.00 26.57 ? 8   ARG A NE  1 
ATOM   71   C CZ  . ARG A 1 8  ? 4.702   -0.160  9.332   1.00 34.34 ? 8   ARG A CZ  1 
ATOM   72   N NH1 . ARG A 1 8  ? 5.132   -1.020  8.409   1.00 35.71 ? 8   ARG A NH1 1 
ATOM   73   N NH2 . ARG A 1 8  ? 5.418   0.922   9.616   1.00 33.43 ? 8   ARG A NH2 1 
ATOM   74   N N   . PRO A 1 9  ? -2.373  -3.955  8.598   1.00 14.95 ? 9   PRO A N   1 
ATOM   75   C CA  . PRO A 1 9  ? -3.043  -5.243  8.366   1.00 14.79 ? 9   PRO A CA  1 
ATOM   76   C C   . PRO A 1 9  ? -2.044  -6.363  8.058   1.00 14.06 ? 9   PRO A C   1 
ATOM   77   O O   . PRO A 1 9  ? -1.819  -6.706  6.898   1.00 15.61 ? 9   PRO A O   1 
ATOM   78   C CB  . PRO A 1 9  ? -3.958  -4.941  7.176   1.00 13.46 ? 9   PRO A CB  1 
ATOM   79   C CG  . PRO A 1 9  ? -3.171  -3.924  6.404   1.00 14.23 ? 9   PRO A CG  1 
ATOM   80   C CD  . PRO A 1 9  ? -2.639  -3.013  7.494   1.00 14.45 ? 9   PRO A CD  1 
ATOM   81   N N   . LEU A 1 10 ? -1.458  -6.934  9.112   1.00 15.43 ? 10  LEU A N   1 
ATOM   82   C CA  . LEU A 1 10 ? -0.474  -8.012  8.981   1.00 15.96 ? 10  LEU A CA  1 
ATOM   83   C C   . LEU A 1 10 ? -1.094  -9.401  9.029   1.00 15.96 ? 10  LEU A C   1 
ATOM   84   O O   . LEU A 1 10 ? -2.033  -9.651  9.787   1.00 16.28 ? 10  LEU A O   1 
ATOM   85   C CB  . LEU A 1 10 ? 0.592   -7.907  10.079  1.00 16.10 ? 10  LEU A CB  1 
ATOM   86   C CG  . LEU A 1 10 ? 1.485   -6.659  10.113  1.00 19.07 ? 10  LEU A CG  1 
ATOM   87   C CD1 . LEU A 1 10 ? 2.408   -6.730  11.320  1.00 18.51 ? 10  LEU A CD1 1 
ATOM   88   C CD2 . LEU A 1 10 ? 2.299   -6.549  8.834   1.00 17.85 ? 10  LEU A CD2 1 
ATOM   89   N N   . VAL A 1 11 ? -0.539  -10.304 8.224   1.00 16.82 ? 11  VAL A N   1 
ATOM   90   C CA  . VAL A 1 11 ? -1.000  -11.688 8.150   1.00 17.95 ? 11  VAL A CA  1 
ATOM   91   C C   . VAL A 1 11 ? 0.193   -12.634 8.011   1.00 18.13 ? 11  VAL A C   1 
ATOM   92   O O   . VAL A 1 11 ? 1.285   -12.215 7.616   1.00 16.05 ? 11  VAL A O   1 
ATOM   93   C CB  . VAL A 1 11 ? -1.948  -11.910 6.946   1.00 18.21 ? 11  VAL A CB  1 
ATOM   94   C CG1 . VAL A 1 11 ? -3.238  -11.123 7.134   1.00 20.25 ? 11  VAL A CG1 1 
ATOM   95   C CG2 . VAL A 1 11 ? -1.253  -11.507 5.642   1.00 17.15 ? 11  VAL A CG2 1 
ATOM   96   N N   . THR A 1 12 ? -0.016  -13.904 8.349   1.00 18.77 ? 12  THR A N   1 
ATOM   97   C CA  . THR A 1 12 ? 1.039   -14.908 8.240   1.00 19.41 ? 12  THR A CA  1 
ATOM   98   C C   . THR A 1 12 ? 0.777   -15.750 7.000   1.00 19.90 ? 12  THR A C   1 
ATOM   99   O O   . THR A 1 12 ? -0.287  -16.359 6.867   1.00 21.74 ? 12  THR A O   1 
ATOM   100  C CB  . THR A 1 12 ? 1.077   -15.848 9.470   1.00 21.29 ? 12  THR A CB  1 
ATOM   101  O OG1 . THR A 1 12 ? 1.268   -15.078 10.661  1.00 25.59 ? 12  THR A OG1 1 
ATOM   102  C CG2 . THR A 1 12 ? 2.224   -16.842 9.347   1.00 22.72 ? 12  THR A CG2 1 
ATOM   103  N N   . ILE A 1 13 ? 1.732   -15.757 6.078   1.00 18.58 ? 13  ILE A N   1 
ATOM   104  C CA  . ILE A 1 13 ? 1.589   -16.537 4.860   1.00 20.80 ? 13  ILE A CA  1 
ATOM   105  C C   . ILE A 1 13 ? 2.494   -17.764 4.884   1.00 21.02 ? 13  ILE A C   1 
ATOM   106  O O   . ILE A 1 13 ? 3.465   -17.820 5.643   1.00 20.50 ? 13  ILE A O   1 
ATOM   107  C CB  . ILE A 1 13 ? 1.904   -15.703 3.594   1.00 19.05 ? 13  ILE A CB  1 
ATOM   108  C CG1 . ILE A 1 13 ? 3.390   -15.321 3.547   1.00 20.76 ? 13  ILE A CG1 1 
ATOM   109  C CG2 . ILE A 1 13 ? 1.035   -14.457 3.574   1.00 20.86 ? 13  ILE A CG2 1 
ATOM   110  C CD1 . ILE A 1 13 ? 3.824   -14.699 2.238   1.00 18.20 ? 13  ILE A CD1 1 
ATOM   111  N N   . LYS A 1 14 ? 2.124   -18.765 4.090   1.00 22.41 ? 14  LYS A N   1 
ATOM   112  C CA  . LYS A 1 14 ? 2.893   -19.998 3.967   1.00 25.09 ? 14  LYS A CA  1 
ATOM   113  C C   . LYS A 1 14 ? 3.373   -20.037 2.524   1.00 23.18 ? 14  LYS A C   1 
ATOM   114  O O   . LYS A 1 14 ? 2.566   -20.019 1.595   1.00 22.52 ? 14  LYS A O   1 
ATOM   115  C CB  . LYS A 1 14 ? 2.022   -21.225 4.270   1.00 29.83 ? 14  LYS A CB  1 
ATOM   116  C CG  . LYS A 1 14 ? 1.435   -21.263 5.683   1.00 37.97 ? 14  LYS A CG  1 
ATOM   117  C CD  . LYS A 1 14 ? 0.156   -20.429 5.805   1.00 44.07 ? 14  LYS A CD  1 
ATOM   118  C CE  . LYS A 1 14 ? -0.241  -20.194 7.265   1.00 47.22 ? 14  LYS A CE  1 
ATOM   119  N NZ  . LYS A 1 14 ? -0.360  -21.451 8.058   1.00 49.10 ? 14  LYS A NZ  1 
ATOM   120  N N   . ILE A 1 15 ? 4.687   -20.044 2.338   1.00 22.43 ? 15  ILE A N   1 
ATOM   121  C CA  . ILE A 1 15 ? 5.267   -20.058 1.001   1.00 23.99 ? 15  ILE A CA  1 
ATOM   122  C C   . ILE A 1 15 ? 6.618   -20.769 0.991   1.00 25.72 ? 15  ILE A C   1 
ATOM   123  O O   . ILE A 1 15 ? 7.503   -20.449 1.787   1.00 25.70 ? 15  ILE A O   1 
ATOM   124  C CB  . ILE A 1 15 ? 5.424   -18.609 0.459   1.00 23.00 ? 15  ILE A CB  1 
ATOM   125  C CG1 . ILE A 1 15 ? 6.074   -18.617 -0.923  1.00 20.79 ? 15  ILE A CG1 1 
ATOM   126  C CG2 . ILE A 1 15 ? 6.217   -17.752 1.452   1.00 22.84 ? 15  ILE A CG2 1 
ATOM   127  C CD1 . ILE A 1 15 ? 6.174   -17.244 -1.562  1.00 21.03 ? 15  ILE A CD1 1 
ATOM   128  N N   . GLY A 1 16 ? 6.757   -21.747 0.099   1.00 27.76 ? 16  GLY A N   1 
ATOM   129  C CA  . GLY A 1 16 ? 7.997   -22.499 -0.006  1.00 28.87 ? 16  GLY A CA  1 
ATOM   130  C C   . GLY A 1 16 ? 8.359   -23.215 1.283   1.00 29.47 ? 16  GLY A C   1 
ATOM   131  O O   . GLY A 1 16 ? 9.535   -23.392 1.592   1.00 31.20 ? 16  GLY A O   1 
ATOM   132  N N   . GLY A 1 17 ? 7.339   -23.615 2.039   1.00 29.34 ? 17  GLY A N   1 
ATOM   133  C CA  . GLY A 1 17 ? 7.561   -24.304 3.298   1.00 31.45 ? 17  GLY A CA  1 
ATOM   134  C C   . GLY A 1 17 ? 7.924   -23.390 4.457   1.00 33.40 ? 17  GLY A C   1 
ATOM   135  O O   . GLY A 1 17 ? 8.112   -23.860 5.578   1.00 35.25 ? 17  GLY A O   1 
ATOM   136  N N   . GLN A 1 18 ? 8.001   -22.086 4.198   1.00 34.22 ? 18  GLN A N   1 
ATOM   137  C CA  . GLN A 1 18 ? 8.350   -21.097 5.222   1.00 33.14 ? 18  GLN A CA  1 
ATOM   138  C C   . GLN A 1 18 ? 7.151   -20.239 5.639   1.00 32.56 ? 18  GLN A C   1 
ATOM   139  O O   . GLN A 1 18 ? 6.219   -20.031 4.858   1.00 30.04 ? 18  GLN A O   1 
ATOM   140  C CB  . GLN A 1 18 ? 9.452   -20.162 4.703   1.00 34.54 ? 18  GLN A CB  1 
ATOM   141  C CG  . GLN A 1 18 ? 10.749  -20.835 4.281   1.00 36.27 ? 18  GLN A CG  1 
ATOM   142  C CD  . GLN A 1 18 ? 11.693  -19.880 3.552   1.00 39.15 ? 18  GLN A CD  1 
ATOM   143  O OE1 . GLN A 1 18 ? 11.931  -18.749 3.995   1.00 36.46 ? 18  GLN A OE1 1 
ATOM   144  N NE2 . GLN A 1 18 ? 12.235  -20.337 2.424   1.00 37.57 ? 18  GLN A NE2 1 
ATOM   145  N N   . LEU A 1 19 ? 7.192   -19.747 6.876   1.00 31.29 ? 19  LEU A N   1 
ATOM   146  C CA  . LEU A 1 19 ? 6.149   -18.874 7.413   1.00 30.58 ? 19  LEU A CA  1 
ATOM   147  C C   . LEU A 1 19 ? 6.720   -17.464 7.459   1.00 30.35 ? 19  LEU A C   1 
ATOM   148  O O   . LEU A 1 19 ? 7.807   -17.254 7.997   1.00 31.11 ? 19  LEU A O   1 
ATOM   149  C CB  . LEU A 1 19 ? 5.756   -19.285 8.834   1.00 30.93 ? 19  LEU A CB  1 
ATOM   150  C CG  . LEU A 1 19 ? 4.953   -20.568 9.046   1.00 34.18 ? 19  LEU A CG  1 
ATOM   151  C CD1 . LEU A 1 19 ? 4.726   -20.778 10.538  1.00 33.24 ? 19  LEU A CD1 1 
ATOM   152  C CD2 . LEU A 1 19 ? 3.624   -20.474 8.317   1.00 33.22 ? 19  LEU A CD2 1 
ATOM   153  N N   . LYS A 1 20 ? 5.997   -16.506 6.882   1.00 27.32 ? 20  LYS A N   1 
ATOM   154  C CA  . LYS A 1 20 ? 6.436   -15.113 6.868   1.00 23.97 ? 20  LYS A CA  1 
ATOM   155  C C   . LYS A 1 20 ? 5.312   -14.169 7.263   1.00 23.04 ? 20  LYS A C   1 
ATOM   156  O O   . LYS A 1 20 ? 4.138   -14.445 7.012   1.00 22.44 ? 20  LYS A O   1 
ATOM   157  C CB  . LYS A 1 20 ? 6.953   -14.707 5.480   1.00 23.23 ? 20  LYS A CB  1 
ATOM   158  C CG  . LYS A 1 20 ? 8.312   -15.269 5.103   1.00 22.31 ? 20  LYS A CG  1 
ATOM   159  C CD  . LYS A 1 20 ? 8.847   -14.595 3.849   1.00 22.99 ? 20  LYS A CD  1 
ATOM   160  C CE  . LYS A 1 20 ? 10.235  -15.112 3.480   1.00 23.50 ? 20  LYS A CE  1 
ATOM   161  N NZ  . LYS A 1 20 ? 11.231  -14.874 4.562   1.00 22.61 ? 20  LYS A NZ  1 
ATOM   162  N N   . GLU A 1 21 ? 5.677   -13.070 7.913   1.00 21.07 ? 21  GLU A N   1 
ATOM   163  C CA  . GLU A 1 21 ? 4.711   -12.051 8.312   1.00 20.54 ? 21  GLU A CA  1 
ATOM   164  C C   . GLU A 1 21 ? 4.673   -11.074 7.137   1.00 17.57 ? 21  GLU A C   1 
ATOM   165  O O   . GLU A 1 21 ? 5.721   -10.617 6.676   1.00 14.14 ? 21  GLU A O   1 
ATOM   166  C CB  . GLU A 1 21 ? 5.192   -11.333 9.571   1.00 26.26 ? 21  GLU A CB  1 
ATOM   167  C CG  . GLU A 1 21 ? 4.185   -10.371 10.162  1.00 34.65 ? 21  GLU A CG  1 
ATOM   168  C CD  . GLU A 1 21 ? 3.355   -10.987 11.268  1.00 41.78 ? 21  GLU A CD  1 
ATOM   169  O OE1 . GLU A 1 21 ? 2.883   -12.137 11.109  1.00 45.88 ? 21  GLU A OE1 1 
ATOM   170  O OE2 . GLU A 1 21 ? 3.171   -10.313 12.306  1.00 45.09 ? 21  GLU A OE2 1 
ATOM   171  N N   . ALA A 1 22 ? 3.475   -10.763 6.649   1.00 15.23 ? 22  ALA A N   1 
ATOM   172  C CA  . ALA A 1 22 ? 3.337   -9.869  5.506   1.00 13.74 ? 22  ALA A CA  1 
ATOM   173  C C   . ALA A 1 22 ? 2.200   -8.867  5.655   1.00 13.11 ? 22  ALA A C   1 
ATOM   174  O O   . ALA A 1 22 ? 1.235   -9.102  6.377   1.00 13.29 ? 22  ALA A O   1 
ATOM   175  C CB  . ALA A 1 22 ? 3.165   -10.679 4.226   1.00 12.90 ? 22  ALA A CB  1 
ATOM   176  N N   . LEU A 1 23 ? 2.312   -7.770  4.917   1.00 12.99 ? 23  LEU A N   1 
ATOM   177  C CA  . LEU A 1 23 ? 1.334   -6.693  4.955   1.00 12.92 ? 23  LEU A CA  1 
ATOM   178  C C   . LEU A 1 23 ? 0.332   -6.746  3.795   1.00 12.32 ? 23  LEU A C   1 
ATOM   179  O O   . LEU A 1 23 ? 0.738   -6.825  2.638   1.00 13.73 ? 23  LEU A O   1 
ATOM   180  C CB  . LEU A 1 23 ? 2.091   -5.363  4.921   1.00 13.20 ? 23  LEU A CB  1 
ATOM   181  C CG  . LEU A 1 23 ? 1.347   -4.037  4.984   1.00 14.20 ? 23  LEU A CG  1 
ATOM   182  C CD1 . LEU A 1 23 ? 0.633   -3.896  6.309   1.00 14.73 ? 23  LEU A CD1 1 
ATOM   183  C CD2 . LEU A 1 23 ? 2.356   -2.917  4.807   1.00 15.31 ? 23  LEU A CD2 1 
ATOM   184  N N   . LEU A 1 24 ? -0.970  -6.743  4.110   1.00 13.98 ? 24  LEU A N   1 
ATOM   185  C CA  . LEU A 1 24 ? -2.028  -6.743  3.086   1.00 12.02 ? 24  LEU A CA  1 
ATOM   186  C C   . LEU A 1 24 ? -1.992  -5.327  2.532   1.00 12.37 ? 24  LEU A C   1 
ATOM   187  O O   . LEU A 1 24 ? -2.502  -4.393  3.151   1.00 13.39 ? 24  LEU A O   1 
ATOM   188  C CB  . LEU A 1 24 ? -3.398  -7.021  3.706   1.00 11.67 ? 24  LEU A CB  1 
ATOM   189  C CG  . LEU A 1 24 ? -3.600  -8.390  4.351   1.00 10.61 ? 24  LEU A CG  1 
ATOM   190  C CD1 . LEU A 1 24 ? -4.974  -8.452  4.998   1.00 11.03 ? 24  LEU A CD1 1 
ATOM   191  C CD2 . LEU A 1 24 ? -3.440  -9.485  3.312   1.00 11.51 ? 24  LEU A CD2 1 
ATOM   192  N N   . ASP A 1 25 ? -1.414  -5.188  1.347   1.00 11.43 ? 25  ASP A N   1 
ATOM   193  C CA  . ASP A 1 25 ? -1.208  -3.880  0.745   1.00 12.38 ? 25  ASP A CA  1 
ATOM   194  C C   . ASP A 1 25 ? -1.968  -3.590  -0.551  1.00 11.24 ? 25  ASP A C   1 
ATOM   195  O O   . ASP A 1 25 ? -1.541  -4.003  -1.627  1.00 11.34 ? 25  ASP A O   1 
ATOM   196  C CB  . ASP A 1 25 ? 0.294   -3.735  0.509   1.00 11.37 ? 25  ASP A CB  1 
ATOM   197  C CG  . ASP A 1 25 ? 0.724   -2.313  0.247   1.00 13.61 ? 25  ASP A CG  1 
ATOM   198  O OD1 . ASP A 1 25 ? -0.125  -1.433  -0.006  1.00 12.12 ? 25  ASP A OD1 1 
ATOM   199  O OD2 . ASP A 1 25 ? 1.947   -2.084  0.301   1.00 16.97 ? 25  ASP A OD2 1 
ATOM   200  N N   . THR A 1 26 ? -3.030  -2.790  -0.452  1.00 9.60  ? 26  THR A N   1 
ATOM   201  C CA  . THR A 1 26 ? -3.830  -2.431  -1.619  1.00 9.86  ? 26  THR A CA  1 
ATOM   202  C C   . THR A 1 26 ? -3.087  -1.458  -2.541  1.00 10.17 ? 26  THR A C   1 
ATOM   203  O O   . THR A 1 26 ? -3.474  -1.270  -3.693  1.00 10.84 ? 26  THR A O   1 
ATOM   204  C CB  . THR A 1 26 ? -5.193  -1.810  -1.223  1.00 10.58 ? 26  THR A CB  1 
ATOM   205  O OG1 . THR A 1 26 ? -4.985  -0.620  -0.457  1.00 10.86 ? 26  THR A OG1 1 
ATOM   206  C CG2 . THR A 1 26 ? -6.014  -2.798  -0.399  1.00 10.61 ? 26  THR A CG2 1 
ATOM   207  N N   . GLY A 1 27 ? -2.040  -0.824  -2.014  1.00 10.27 ? 27  GLY A N   1 
ATOM   208  C CA  . GLY A 1 27 ? -1.254  0.110   -2.805  1.00 11.04 ? 27  GLY A CA  1 
ATOM   209  C C   . GLY A 1 27 ? -0.141  -0.570  -3.587  1.00 11.01 ? 27  GLY A C   1 
ATOM   210  O O   . GLY A 1 27 ? 0.579   0.077   -4.352  1.00 12.46 ? 27  GLY A O   1 
ATOM   211  N N   . ALA A 1 28 ? 0.013   -1.876  -3.379  1.00 10.51 ? 28  ALA A N   1 
ATOM   212  C CA  . ALA A 1 28 ? 1.040   -2.652  -4.066  1.00 10.49 ? 28  ALA A CA  1 
ATOM   213  C C   . ALA A 1 28 ? 0.451   -3.467  -5.211  1.00 10.61 ? 28  ALA A C   1 
ATOM   214  O O   . ALA A 1 28 ? -0.449  -4.276  -4.991  1.00 11.41 ? 28  ALA A O   1 
ATOM   215  C CB  . ALA A 1 28 ? 1.729   -3.577  -3.087  1.00 8.85  ? 28  ALA A CB  1 
ATOM   216  N N   . ASP A 1 29 ? 0.967   -3.265  -6.423  1.00 10.25 ? 29  ASP A N   1 
ATOM   217  C CA  . ASP A 1 29 ? 0.486   -4.017  -7.582  1.00 12.40 ? 29  ASP A CA  1 
ATOM   218  C C   . ASP A 1 29 ? 0.864   -5.488  -7.415  1.00 14.04 ? 29  ASP A C   1 
ATOM   219  O O   . ASP A 1 29 ? 0.064   -6.389  -7.676  1.00 14.10 ? 29  ASP A O   1 
ATOM   220  C CB  . ASP A 1 29 ? 1.126   -3.499  -8.877  1.00 12.75 ? 29  ASP A CB  1 
ATOM   221  C CG  . ASP A 1 29 ? 0.753   -2.060  -9.199  1.00 13.30 ? 29  ASP A CG  1 
ATOM   222  O OD1 . ASP A 1 29 ? -0.272  -1.550  -8.696  1.00 13.15 ? 29  ASP A OD1 1 
ATOM   223  O OD2 . ASP A 1 29 ? 1.503   -1.439  -9.979  1.00 16.21 ? 29  ASP A OD2 1 
ATOM   224  N N   . ASP A 1 30 ? 2.093   -5.717  -6.963  1.00 15.04 ? 30  ASP A N   1 
ATOM   225  C CA  . ASP A 1 30 ? 2.609   -7.063  -6.772  1.00 14.87 ? 30  ASP A CA  1 
ATOM   226  C C   . ASP A 1 30 ? 3.055   -7.375  -5.352  1.00 14.29 ? 30  ASP A C   1 
ATOM   227  O O   . ASP A 1 30 ? 3.257   -6.482  -4.527  1.00 12.53 ? 30  ASP A O   1 
ATOM   228  C CB  . ASP A 1 30 ? 3.795   -7.305  -7.709  1.00 18.39 ? 30  ASP A CB  1 
ATOM   229  C CG  . ASP A 1 30 ? 3.387   -7.369  -9.165  1.00 23.54 ? 30  ASP A CG  1 
ATOM   230  O OD1 . ASP A 1 30 ? 2.790   -8.389  -9.582  1.00 23.40 ? 30  ASP A OD1 1 
ATOM   231  O OD2 . ASP A 1 30 ? 3.671   -6.395  -9.894  1.00 26.44 ? 30  ASP A OD2 1 
ATOM   232  N N   . THR A 1 31 ? 3.194   -8.669  -5.085  1.00 13.08 ? 31  THR A N   1 
ATOM   233  C CA  . THR A 1 31 ? 3.651   -9.167  -3.799  1.00 12.91 ? 31  THR A CA  1 
ATOM   234  C C   . THR A 1 31 ? 5.179   -9.100  -3.830  1.00 12.97 ? 31  THR A C   1 
ATOM   235  O O   . THR A 1 31 ? 5.800   -9.517  -4.811  1.00 13.06 ? 31  THR A O   1 
ATOM   236  C CB  . THR A 1 31 ? 3.199   -10.618 -3.605  1.00 13.91 ? 31  THR A CB  1 
ATOM   237  O OG1 . THR A 1 31 ? 1.784   -10.641 -3.380  1.00 15.69 ? 31  THR A OG1 1 
ATOM   238  C CG2 . THR A 1 31 ? 3.916   -11.259 -2.433  1.00 14.52 ? 31  THR A CG2 1 
ATOM   239  N N   . VAL A 1 32 ? 5.775   -8.543  -2.778  1.00 12.08 ? 32  VAL A N   1 
ATOM   240  C CA  . VAL A 1 32 ? 7.226   -8.410  -2.701  1.00 12.02 ? 32  VAL A CA  1 
ATOM   241  C C   . VAL A 1 32 ? 7.708   -8.958  -1.365  1.00 12.67 ? 32  VAL A C   1 
ATOM   242  O O   . VAL A 1 32 ? 7.300   -8.474  -0.314  1.00 13.29 ? 32  VAL A O   1 
ATOM   243  C CB  . VAL A 1 32 ? 7.677   -6.926  -2.814  1.00 11.71 ? 32  VAL A CB  1 
ATOM   244  C CG1 . VAL A 1 32 ? 9.172   -6.860  -3.103  1.00 11.66 ? 32  VAL A CG1 1 
ATOM   245  C CG2 . VAL A 1 32 ? 6.883   -6.189  -3.888  1.00 10.50 ? 32  VAL A CG2 1 
ATOM   246  N N   . LEU A 1 33 ? 8.580   -9.963  -1.411  1.00 10.70 ? 33  LEU A N   1 
ATOM   247  C CA  . LEU A 1 33 ? 9.109   -10.576 -0.196  1.00 12.89 ? 33  LEU A CA  1 
ATOM   248  C C   . LEU A 1 33 ? 10.626  -10.430 -0.069  1.00 12.91 ? 33  LEU A C   1 
ATOM   249  O O   . LEU A 1 33 ? 11.343  -10.350 -1.067  1.00 11.11 ? 33  LEU A O   1 
ATOM   250  C CB  . LEU A 1 33 ? 8.741   -12.065 -0.148  1.00 14.94 ? 33  LEU A CB  1 
ATOM   251  C CG  . LEU A 1 33 ? 7.250   -12.419 -0.205  1.00 16.80 ? 33  LEU A CG  1 
ATOM   252  C CD1 . LEU A 1 33 ? 7.091   -13.930 -0.230  1.00 18.11 ? 33  LEU A CD1 1 
ATOM   253  C CD2 . LEU A 1 33 ? 6.502   -11.813 0.977   1.00 14.96 ? 33  LEU A CD2 1 
ATOM   254  N N   . GLU A 1 34 ? 11.102  -10.415 1.173   1.00 15.13 ? 34  GLU A N   1 
ATOM   255  C CA  . GLU A 1 34 ? 12.530  -10.299 1.471   1.00 16.06 ? 34  GLU A CA  1 
ATOM   256  C C   . GLU A 1 34 ? 13.254  -11.500 0.863   1.00 15.75 ? 34  GLU A C   1 
ATOM   257  O O   . GLU A 1 34 ? 12.619  -12.516 0.567   1.00 15.60 ? 34  GLU A O   1 
ATOM   258  C CB  . GLU A 1 34 ? 12.737  -10.263 2.987   1.00 18.68 ? 34  GLU A CB  1 
ATOM   259  C CG  . GLU A 1 34 ? 12.256  -11.524 3.700   1.00 22.43 ? 34  GLU A CG  1 
ATOM   260  C CD  . GLU A 1 34 ? 11.849  -11.286 5.144   1.00 26.25 ? 34  GLU A CD  1 
ATOM   261  O OE1 . GLU A 1 34 ? 11.184  -12.173 5.719   1.00 26.15 ? 34  GLU A OE1 1 
ATOM   262  O OE2 . GLU A 1 34 ? 12.181  -10.219 5.705   1.00 29.26 ? 34  GLU A OE2 1 
ATOM   263  N N   . GLU A 1 35 ? 14.571  -11.386 0.683   1.00 15.50 ? 35  GLU A N   1 
ATOM   264  C CA  . GLU A 1 35 ? 15.368  -12.460 0.085   1.00 16.16 ? 35  GLU A CA  1 
ATOM   265  C C   . GLU A 1 35 ? 15.032  -13.847 0.594   1.00 16.62 ? 35  GLU A C   1 
ATOM   266  O O   . GLU A 1 35 ? 14.949  -14.077 1.799   1.00 15.06 ? 35  GLU A O   1 
ATOM   267  C CB  . GLU A 1 35 ? 16.866  -12.210 0.257   1.00 18.03 ? 35  GLU A CB  1 
ATOM   268  C CG  . GLU A 1 35 ? 17.442  -11.192 -0.705  1.00 19.80 ? 35  GLU A CG  1 
ATOM   269  C CD  . GLU A 1 35 ? 17.302  -11.597 -2.166  1.00 22.00 ? 35  GLU A CD  1 
ATOM   270  O OE1 . GLU A 1 35 ? 17.268  -10.687 -3.015  1.00 21.88 ? 35  GLU A OE1 1 
ATOM   271  O OE2 . GLU A 1 35 ? 17.234  -12.805 -2.473  1.00 22.42 ? 35  GLU A OE2 1 
ATOM   272  N N   . MET A 1 36 ? 14.799  -14.755 -0.350  1.00 17.37 ? 36  MET A N   1 
ATOM   273  C CA  . MET A 1 36 ? 14.472  -16.137 -0.040  1.00 18.83 ? 36  MET A CA  1 
ATOM   274  C C   . MET A 1 36 ? 14.659  -16.977 -1.296  1.00 20.27 ? 36  MET A C   1 
ATOM   275  O O   . MET A 1 36 ? 14.793  -16.447 -2.400  1.00 20.01 ? 36  MET A O   1 
ATOM   276  C CB  . MET A 1 36 ? 13.019  -16.253 0.433   1.00 19.94 ? 36  MET A CB  1 
ATOM   277  C CG  . MET A 1 36 ? 11.992  -16.101 -0.679  1.00 21.50 ? 36  MET A CG  1 
ATOM   278  S SD  . MET A 1 36 ? 10.296  -16.276 -0.106  1.00 23.42 ? 36  MET A SD  1 
ATOM   279  C CE  . MET A 1 36 ? 10.213  -18.044 0.215   1.00 21.86 ? 36  MET A CE  1 
ATOM   280  N N   . SER A 1 37 ? 14.641  -18.291 -1.121  1.00 22.21 ? 37  SER A N   1 
ATOM   281  C CA  . SER A 1 37 ? 14.802  -19.204 -2.238  1.00 23.26 ? 37  SER A CA  1 
ATOM   282  C C   . SER A 1 37 ? 13.441  -19.686 -2.733  1.00 23.14 ? 37  SER A C   1 
ATOM   283  O O   . SER A 1 37 ? 12.569  -20.036 -1.930  1.00 24.49 ? 37  SER A O   1 
ATOM   284  C CB  . SER A 1 37 ? 15.661  -20.400 -1.811  1.00 25.23 ? 37  SER A CB  1 
ATOM   285  O OG  . SER A 1 37 ? 15.908  -21.273 -2.903  1.00 31.17 ? 37  SER A OG  1 
ATOM   286  N N   . LEU A 1 38 ? 13.252  -19.661 -4.049  1.00 21.91 ? 38  LEU A N   1 
ATOM   287  C CA  . LEU A 1 38 ? 12.016  -20.126 -4.672  1.00 22.80 ? 38  LEU A CA  1 
ATOM   288  C C   . LEU A 1 38 ? 12.391  -20.983 -5.874  1.00 26.25 ? 38  LEU A C   1 
ATOM   289  O O   . LEU A 1 38 ? 13.436  -20.774 -6.493  1.00 23.73 ? 38  LEU A O   1 
ATOM   290  C CB  . LEU A 1 38 ? 11.130  -18.961 -5.123  1.00 19.92 ? 38  LEU A CB  1 
ATOM   291  C CG  . LEU A 1 38 ? 10.343  -18.201 -4.054  1.00 20.51 ? 38  LEU A CG  1 
ATOM   292  C CD1 . LEU A 1 38 ? 9.475   -17.143 -4.714  1.00 19.36 ? 38  LEU A CD1 1 
ATOM   293  C CD2 . LEU A 1 38 ? 9.481   -19.172 -3.255  1.00 19.54 ? 38  LEU A CD2 1 
ATOM   294  N N   . PRO A 1 39 ? 11.561  -21.989 -6.194  1.00 28.09 ? 39  PRO A N   1 
ATOM   295  C CA  . PRO A 1 39 ? 11.812  -22.880 -7.326  1.00 31.26 ? 39  PRO A CA  1 
ATOM   296  C C   . PRO A 1 39 ? 11.375  -22.270 -8.658  1.00 32.44 ? 39  PRO A C   1 
ATOM   297  O O   . PRO A 1 39 ? 10.536  -21.366 -8.696  1.00 32.79 ? 39  PRO A O   1 
ATOM   298  C CB  . PRO A 1 39 ? 10.958  -24.094 -6.979  1.00 31.85 ? 39  PRO A CB  1 
ATOM   299  C CG  . PRO A 1 39 ? 9.752   -23.453 -6.349  1.00 30.96 ? 39  PRO A CG  1 
ATOM   300  C CD  . PRO A 1 39 ? 10.382  -22.436 -5.426  1.00 29.97 ? 39  PRO A CD  1 
ATOM   301  N N   . GLY A 1 40 ? 11.952  -22.771 -9.746  1.00 33.33 ? 40  GLY A N   1 
ATOM   302  C CA  . GLY A 1 40 ? 11.591  -22.291 -11.068 1.00 34.93 ? 40  GLY A CA  1 
ATOM   303  C C   . GLY A 1 40 ? 12.457  -21.192 -11.642 1.00 33.55 ? 40  GLY A C   1 
ATOM   304  O O   . GLY A 1 40 ? 13.450  -20.779 -11.043 1.00 32.91 ? 40  GLY A O   1 
ATOM   305  N N   . ARG A 1 41 ? 12.083  -20.744 -12.836 1.00 33.81 ? 41  ARG A N   1 
ATOM   306  C CA  . ARG A 1 41 ? 12.805  -19.686 -13.520 1.00 34.97 ? 41  ARG A CA  1 
ATOM   307  C C   . ARG A 1 41 ? 12.289  -18.313 -13.091 1.00 31.47 ? 41  ARG A C   1 
ATOM   308  O O   . ARG A 1 41 ? 11.143  -18.169 -12.657 1.00 29.59 ? 41  ARG A O   1 
ATOM   309  C CB  . ARG A 1 41 ? 12.709  -19.864 -15.043 1.00 39.31 ? 41  ARG A CB  1 
ATOM   310  C CG  . ARG A 1 41 ? 11.289  -19.827 -15.609 1.00 48.94 ? 41  ARG A CG  1 
ATOM   311  C CD  . ARG A 1 41 ? 10.984  -21.058 -16.465 1.00 55.33 ? 41  ARG A CD  1 
ATOM   312  N NE  . ARG A 1 41 ? 11.021  -22.292 -15.677 1.00 62.07 ? 41  ARG A NE  1 
ATOM   313  C CZ  . ARG A 1 41 ? 10.004  -22.760 -14.955 1.00 64.11 ? 41  ARG A CZ  1 
ATOM   314  N NH1 . ARG A 1 41 ? 8.847   -22.106 -14.913 1.00 64.48 ? 41  ARG A NH1 1 
ATOM   315  N NH2 . ARG A 1 41 ? 10.152  -23.882 -14.259 1.00 63.69 ? 41  ARG A NH2 1 
ATOM   316  N N   . TRP A 1 42 ? 13.159  -17.315 -13.189 1.00 29.28 ? 42  TRP A N   1 
ATOM   317  C CA  . TRP A 1 42 ? 12.814  -15.952 -12.812 1.00 26.39 ? 42  TRP A CA  1 
ATOM   318  C C   . TRP A 1 42 ? 13.385  -14.926 -13.789 1.00 25.46 ? 42  TRP A C   1 
ATOM   319  O O   . TRP A 1 42 ? 14.336  -15.203 -14.524 1.00 24.60 ? 42  TRP A O   1 
ATOM   320  C CB  . TRP A 1 42 ? 13.314  -15.657 -11.392 1.00 26.03 ? 42  TRP A CB  1 
ATOM   321  C CG  . TRP A 1 42 ? 14.781  -15.914 -11.189 1.00 27.51 ? 42  TRP A CG  1 
ATOM   322  C CD1 . TRP A 1 42 ? 15.359  -17.069 -10.736 1.00 27.90 ? 42  TRP A CD1 1 
ATOM   323  C CD2 . TRP A 1 42 ? 15.856  -14.991 -11.418 1.00 28.59 ? 42  TRP A CD2 1 
ATOM   324  N NE1 . TRP A 1 42 ? 16.724  -16.920 -10.664 1.00 28.22 ? 42  TRP A NE1 1 
ATOM   325  C CE2 . TRP A 1 42 ? 17.057  -15.656 -11.077 1.00 29.12 ? 42  TRP A CE2 1 
ATOM   326  C CE3 . TRP A 1 42 ? 15.920  -13.667 -11.876 1.00 29.52 ? 42  TRP A CE3 1 
ATOM   327  C CZ2 . TRP A 1 42 ? 18.311  -15.039 -11.180 1.00 28.82 ? 42  TRP A CZ2 1 
ATOM   328  C CZ3 . TRP A 1 42 ? 17.167  -13.053 -11.977 1.00 30.89 ? 42  TRP A CZ3 1 
ATOM   329  C CH2 . TRP A 1 42 ? 18.345  -13.742 -11.630 1.00 30.16 ? 42  TRP A CH2 1 
ATOM   330  N N   . LYS A 1 43 ? 12.791  -13.738 -13.786 1.00 23.97 ? 43  LYS A N   1 
ATOM   331  C CA  . LYS A 1 43 ? 13.227  -12.649 -14.650 1.00 23.56 ? 43  LYS A CA  1 
ATOM   332  C C   . LYS A 1 43 ? 13.590  -11.466 -13.761 1.00 21.94 ? 43  LYS A C   1 
ATOM   333  O O   . LYS A 1 43 ? 12.914  -11.213 -12.763 1.00 20.05 ? 43  LYS A O   1 
ATOM   334  C CB  . LYS A 1 43 ? 12.086  -12.227 -15.583 1.00 25.54 ? 43  LYS A CB  1 
ATOM   335  C CG  . LYS A 1 43 ? 11.559  -13.331 -16.479 1.00 33.60 ? 43  LYS A CG  1 
ATOM   336  C CD  . LYS A 1 43 ? 10.056  -13.179 -16.716 1.00 36.68 ? 43  LYS A CD  1 
ATOM   337  C CE  . LYS A 1 43 ? 9.250   -13.366 -15.422 1.00 40.81 ? 43  LYS A CE  1 
ATOM   338  N NZ  . LYS A 1 43 ? 9.478   -14.690 -14.751 1.00 38.93 ? 43  LYS A NZ  1 
ATOM   339  N N   . PRO A 1 44 ? 14.699  -10.767 -14.065 1.00 20.45 ? 44  PRO A N   1 
ATOM   340  C CA  . PRO A 1 44 ? 15.070  -9.611  -13.240 1.00 18.61 ? 44  PRO A CA  1 
ATOM   341  C C   . PRO A 1 44 ? 14.063  -8.481  -13.499 1.00 17.80 ? 44  PRO A C   1 
ATOM   342  O O   . PRO A 1 44 ? 13.525  -8.360  -14.602 1.00 16.03 ? 44  PRO A O   1 
ATOM   343  C CB  . PRO A 1 44 ? 16.473  -9.271  -13.739 1.00 19.51 ? 44  PRO A CB  1 
ATOM   344  C CG  . PRO A 1 44 ? 16.451  -9.727  -15.165 1.00 20.67 ? 44  PRO A CG  1 
ATOM   345  C CD  . PRO A 1 44 ? 15.736  -11.049 -15.075 1.00 19.09 ? 44  PRO A CD  1 
ATOM   346  N N   . LYS A 1 45 ? 13.797  -7.671  -12.478 1.00 16.54 ? 45  LYS A N   1 
ATOM   347  C CA  . LYS A 1 45 ? 12.826  -6.587  -12.594 1.00 16.84 ? 45  LYS A CA  1 
ATOM   348  C C   . LYS A 1 45 ? 13.182  -5.450  -11.639 1.00 14.17 ? 45  LYS A C   1 
ATOM   349  O O   . LYS A 1 45 ? 13.870  -5.667  -10.651 1.00 14.84 ? 45  LYS A O   1 
ATOM   350  C CB  . LYS A 1 45 ? 11.437  -7.145  -12.250 1.00 18.10 ? 45  LYS A CB  1 
ATOM   351  C CG  . LYS A 1 45 ? 10.263  -6.204  -12.413 1.00 17.91 ? 45  LYS A CG  1 
ATOM   352  C CD  . LYS A 1 45 ? 8.993   -6.896  -11.928 1.00 20.76 ? 45  LYS A CD  1 
ATOM   353  C CE  . LYS A 1 45 ? 7.792   -5.962  -11.857 1.00 22.71 ? 45  LYS A CE  1 
ATOM   354  N NZ  . LYS A 1 45 ? 7.225   -5.638  -13.194 1.00 24.30 ? 45  LYS A NZ  1 
ATOM   355  N N   . MET A 1 46 ? 12.727  -4.241  -11.952 1.00 14.92 ? 46  MET A N   1 
ATOM   356  C CA  . MET A 1 46 ? 12.965  -3.070  -11.110 1.00 14.79 ? 46  MET A CA  1 
ATOM   357  C C   . MET A 1 46 ? 11.613  -2.505  -10.701 1.00 15.51 ? 46  MET A C   1 
ATOM   358  O O   . MET A 1 46 ? 10.757  -2.251  -11.554 1.00 14.54 ? 46  MET A O   1 
ATOM   359  C CB  . MET A 1 46 ? 13.752  -1.998  -11.869 1.00 15.07 ? 46  MET A CB  1 
ATOM   360  C CG  . MET A 1 46 ? 15.254  -2.258  -11.975 1.00 18.37 ? 46  MET A CG  1 
ATOM   361  S SD  . MET A 1 46 ? 16.163  -1.842  -10.475 1.00 22.45 ? 46  MET A SD  1 
ATOM   362  C CE  . MET A 1 46 ? 16.500  -0.092  -10.768 1.00 21.94 ? 46  MET A CE  1 
ATOM   363  N N   . ILE A 1 47 ? 11.398  -2.362  -9.396  1.00 14.28 ? 47  ILE A N   1 
ATOM   364  C CA  . ILE A 1 47 ? 10.140  -1.815  -8.899  1.00 15.55 ? 47  ILE A CA  1 
ATOM   365  C C   . ILE A 1 47 ? 10.392  -0.556  -8.077  1.00 16.84 ? 47  ILE A C   1 
ATOM   366  O O   . ILE A 1 47 ? 11.334  -0.495  -7.280  1.00 15.57 ? 47  ILE A O   1 
ATOM   367  C CB  . ILE A 1 47 ? 9.332   -2.844  -8.074  1.00 16.87 ? 47  ILE A CB  1 
ATOM   368  C CG1 . ILE A 1 47 ? 10.174  -3.391  -6.917  1.00 17.48 ? 47  ILE A CG1 1 
ATOM   369  C CG2 . ILE A 1 47 ? 8.829   -3.964  -8.977  1.00 15.45 ? 47  ILE A CG2 1 
ATOM   370  C CD1 . ILE A 1 47 ? 9.371   -4.227  -5.930  1.00 20.87 ? 47  ILE A CD1 1 
ATOM   371  N N   . GLY A 1 48 ? 9.554   0.453   -8.290  1.00 17.23 ? 48  GLY A N   1 
ATOM   372  C CA  . GLY A 1 48 ? 9.727   1.704   -7.583  1.00 17.24 ? 48  GLY A CA  1 
ATOM   373  C C   . GLY A 1 48 ? 8.633   2.049   -6.602  1.00 18.95 ? 48  GLY A C   1 
ATOM   374  O O   . GLY A 1 48 ? 7.480   1.644   -6.753  1.00 19.67 ? 48  GLY A O   1 
ATOM   375  N N   . GLY A 1 49 ? 9.012   2.826   -5.597  1.00 19.57 ? 49  GLY A N   1 
ATOM   376  C CA  . GLY A 1 49 ? 8.082   3.262   -4.576  1.00 19.12 ? 49  GLY A CA  1 
ATOM   377  C C   . GLY A 1 49 ? 8.691   4.471   -3.908  1.00 18.34 ? 49  GLY A C   1 
ATOM   378  O O   . GLY A 1 49 ? 9.558   5.125   -4.487  1.00 19.88 ? 49  GLY A O   1 
ATOM   379  N N   . ILE A 1 50 ? 8.228   4.794   -2.708  1.00 16.90 ? 50  ILE A N   1 
ATOM   380  C CA  . ILE A 1 50 ? 8.780   5.927   -1.981  1.00 16.79 ? 50  ILE A CA  1 
ATOM   381  C C   . ILE A 1 50 ? 10.232  5.588   -1.637  1.00 17.34 ? 50  ILE A C   1 
ATOM   382  O O   . ILE A 1 50 ? 10.518  4.537   -1.055  1.00 17.88 ? 50  ILE A O   1 
ATOM   383  C CB  . ILE A 1 50 ? 7.952   6.220   -0.713  1.00 16.51 ? 50  ILE A CB  1 
ATOM   384  C CG1 . ILE A 1 50 ? 6.681   6.976   -1.099  1.00 13.90 ? 50  ILE A CG1 1 
ATOM   385  C CG2 . ILE A 1 50 ? 8.768   7.009   0.304   1.00 19.27 ? 50  ILE A CG2 1 
ATOM   386  C CD1 . ILE A 1 50 ? 5.767   7.233   0.049   1.00 15.69 ? 50  ILE A CD1 1 
ATOM   387  N N   . GLY A 1 51 ? 11.147  6.455   -2.057  1.00 19.09 ? 51  GLY A N   1 
ATOM   388  C CA  . GLY A 1 51 ? 12.557  6.224   -1.798  1.00 17.54 ? 51  GLY A CA  1 
ATOM   389  C C   . GLY A 1 51 ? 13.308  5.788   -3.043  1.00 17.41 ? 51  GLY A C   1 
ATOM   390  O O   . GLY A 1 51 ? 14.535  5.804   -3.054  1.00 20.35 ? 51  GLY A O   1 
ATOM   391  N N   . GLY A 1 52 ? 12.581  5.394   -4.087  1.00 15.56 ? 52  GLY A N   1 
ATOM   392  C CA  . GLY A 1 52 ? 13.231  4.965   -5.313  1.00 13.98 ? 52  GLY A CA  1 
ATOM   393  C C   . GLY A 1 52 ? 12.942  3.531   -5.715  1.00 14.07 ? 52  GLY A C   1 
ATOM   394  O O   . GLY A 1 52 ? 11.953  2.936   -5.281  1.00 15.24 ? 52  GLY A O   1 
ATOM   395  N N   . PHE A 1 53 ? 13.841  2.965   -6.512  1.00 13.69 ? 53  PHE A N   1 
ATOM   396  C CA  . PHE A 1 53 ? 13.697  1.605   -7.017  1.00 14.48 ? 53  PHE A CA  1 
ATOM   397  C C   . PHE A 1 53 ? 14.605  0.567   -6.363  1.00 17.65 ? 53  PHE A C   1 
ATOM   398  O O   . PHE A 1 53 ? 15.676  0.894   -5.850  1.00 18.69 ? 53  PHE A O   1 
ATOM   399  C CB  . PHE A 1 53 ? 13.994  1.579   -8.520  1.00 14.52 ? 53  PHE A CB  1 
ATOM   400  C CG  . PHE A 1 53 ? 12.962  2.260   -9.362  1.00 14.17 ? 53  PHE A CG  1 
ATOM   401  C CD1 . PHE A 1 53 ? 12.868  3.645   -9.388  1.00 15.07 ? 53  PHE A CD1 1 
ATOM   402  C CD2 . PHE A 1 53 ? 12.083  1.512   -10.137 1.00 13.25 ? 53  PHE A CD2 1 
ATOM   403  C CE1 . PHE A 1 53 ? 11.910  4.276   -10.178 1.00 14.03 ? 53  PHE A CE1 1 
ATOM   404  C CE2 . PHE A 1 53 ? 11.124  2.130   -10.929 1.00 14.92 ? 53  PHE A CE2 1 
ATOM   405  C CZ  . PHE A 1 53 ? 11.036  3.515   -10.949 1.00 15.50 ? 53  PHE A CZ  1 
ATOM   406  N N   . ILE A 1 54 ? 14.154  -0.687  -6.375  1.00 16.46 ? 54  ILE A N   1 
ATOM   407  C CA  . ILE A 1 54 ? 14.951  -1.806  -5.882  1.00 15.21 ? 54  ILE A CA  1 
ATOM   408  C C   . ILE A 1 54 ? 14.872  -2.895  -6.954  1.00 15.86 ? 54  ILE A C   1 
ATOM   409  O O   . ILE A 1 54 ? 13.873  -3.000  -7.675  1.00 14.78 ? 54  ILE A O   1 
ATOM   410  C CB  . ILE A 1 54 ? 14.484  -2.381  -4.511  1.00 14.85 ? 54  ILE A CB  1 
ATOM   411  C CG1 . ILE A 1 54 ? 13.059  -2.928  -4.597  1.00 13.77 ? 54  ILE A CG1 1 
ATOM   412  C CG2 . ILE A 1 54 ? 14.631  -1.340  -3.416  1.00 14.77 ? 54  ILE A CG2 1 
ATOM   413  C CD1 . ILE A 1 54 ? 12.686  -3.829  -3.431  1.00 13.37 ? 54  ILE A CD1 1 
ATOM   414  N N   . LYS A 1 55 ? 15.950  -3.661  -7.090  1.00 15.49 ? 55  LYS A N   1 
ATOM   415  C CA  . LYS A 1 55 ? 16.023  -4.742  -8.069  1.00 15.96 ? 55  LYS A CA  1 
ATOM   416  C C   . LYS A 1 55 ? 15.501  -6.020  -7.414  1.00 15.49 ? 55  LYS A C   1 
ATOM   417  O O   . LYS A 1 55 ? 15.876  -6.341  -6.282  1.00 15.83 ? 55  LYS A O   1 
ATOM   418  C CB  . LYS A 1 55 ? 17.474  -4.921  -8.515  1.00 17.37 ? 55  LYS A CB  1 
ATOM   419  C CG  . LYS A 1 55 ? 17.730  -6.033  -9.498  1.00 22.22 ? 55  LYS A CG  1 
ATOM   420  C CD  . LYS A 1 55 ? 19.228  -6.302  -9.548  1.00 29.98 ? 55  LYS A CD  1 
ATOM   421  C CE  . LYS A 1 55 ? 19.562  -7.493  -10.421 1.00 35.73 ? 55  LYS A CE  1 
ATOM   422  N NZ  . LYS A 1 55 ? 19.291  -7.212  -11.856 1.00 41.92 ? 55  LYS A NZ  1 
ATOM   423  N N   . VAL A 1 56 ? 14.632  -6.736  -8.123  1.00 14.20 ? 56  VAL A N   1 
ATOM   424  C CA  . VAL A 1 56 ? 14.033  -7.974  -7.613  1.00 13.77 ? 56  VAL A CA  1 
ATOM   425  C C   . VAL A 1 56 ? 14.006  -9.090  -8.662  1.00 15.48 ? 56  VAL A C   1 
ATOM   426  O O   . VAL A 1 56 ? 14.207  -8.848  -9.856  1.00 16.86 ? 56  VAL A O   1 
ATOM   427  C CB  . VAL A 1 56 ? 12.561  -7.741  -7.133  1.00 14.85 ? 56  VAL A CB  1 
ATOM   428  C CG1 . VAL A 1 56 ? 12.511  -6.708  -6.012  1.00 14.25 ? 56  VAL A CG1 1 
ATOM   429  C CG2 . VAL A 1 56 ? 11.688  -7.289  -8.292  1.00 13.06 ? 56  VAL A CG2 1 
ATOM   430  N N   . ARG A 1 57 ? 13.800  -10.320 -8.202  1.00 15.17 ? 57  ARG A N   1 
ATOM   431  C CA  . ARG A 1 57 ? 13.709  -11.467 -9.101  1.00 15.88 ? 57  ARG A CA  1 
ATOM   432  C C   . ARG A 1 57 ? 12.233  -11.818 -9.161  1.00 15.29 ? 57  ARG A C   1 
ATOM   433  O O   . ARG A 1 57 ? 11.590  -12.004 -8.128  1.00 15.67 ? 57  ARG A O   1 
ATOM   434  C CB  . ARG A 1 57 ? 14.489  -12.666 -8.560  1.00 17.16 ? 57  ARG A CB  1 
ATOM   435  C CG  . ARG A 1 57 ? 15.955  -12.395 -8.295  1.00 19.75 ? 57  ARG A CG  1 
ATOM   436  C CD  . ARG A 1 57 ? 16.731  -13.685 -8.072  1.00 23.50 ? 57  ARG A CD  1 
ATOM   437  N NE  . ARG A 1 57 ? 16.089  -14.595 -7.121  1.00 26.25 ? 57  ARG A NE  1 
ATOM   438  C CZ  . ARG A 1 57 ? 16.128  -14.460 -5.796  1.00 29.18 ? 57  ARG A CZ  1 
ATOM   439  N NH1 . ARG A 1 57 ? 16.773  -13.440 -5.245  1.00 28.15 ? 57  ARG A NH1 1 
ATOM   440  N NH2 . ARG A 1 57 ? 15.554  -15.371 -5.015  1.00 26.06 ? 57  ARG A NH2 1 
ATOM   441  N N   . GLN A 1 58 ? 11.698  -11.907 -10.370 1.00 14.63 ? 58  GLN A N   1 
ATOM   442  C CA  . GLN A 1 58 ? 10.293  -12.218 -10.561 1.00 16.59 ? 58  GLN A CA  1 
ATOM   443  C C   . GLN A 1 58 ? 10.017  -13.702 -10.792 1.00 16.43 ? 58  GLN A C   1 
ATOM   444  O O   . GLN A 1 58 ? 10.481  -14.286 -11.776 1.00 16.78 ? 58  GLN A O   1 
ATOM   445  C CB  . GLN A 1 58 ? 9.733   -11.407 -11.724 1.00 15.65 ? 58  GLN A CB  1 
ATOM   446  C CG  . GLN A 1 58 ? 8.284   -11.715 -12.034 1.00 19.50 ? 58  GLN A CG  1 
ATOM   447  C CD  . GLN A 1 58 ? 7.785   -11.000 -13.269 1.00 21.89 ? 58  GLN A CD  1 
ATOM   448  O OE1 . GLN A 1 58 ? 8.453   -10.112 -13.802 1.00 22.86 ? 58  GLN A OE1 1 
ATOM   449  N NE2 . GLN A 1 58 ? 6.598   -11.384 -13.732 1.00 23.29 ? 58  GLN A NE2 1 
ATOM   450  N N   . TYR A 1 59 ? 9.253   -14.292 -9.877  1.00 16.41 ? 59  TYR A N   1 
ATOM   451  C CA  . TYR A 1 59 ? 8.862   -15.694 -9.958  1.00 16.53 ? 59  TYR A CA  1 
ATOM   452  C C   . TYR A 1 59 ? 7.360   -15.764 -10.217 1.00 18.99 ? 59  TYR A C   1 
ATOM   453  O O   . TYR A 1 59 ? 6.574   -15.118 -9.530  1.00 17.64 ? 59  TYR A O   1 
ATOM   454  C CB  . TYR A 1 59 ? 9.169   -16.426 -8.649  1.00 17.64 ? 59  TYR A CB  1 
ATOM   455  C CG  . TYR A 1 59 ? 10.639  -16.620 -8.352  1.00 19.88 ? 59  TYR A CG  1 
ATOM   456  C CD1 . TYR A 1 59 ? 11.359  -15.664 -7.628  1.00 19.04 ? 59  TYR A CD1 1 
ATOM   457  C CD2 . TYR A 1 59 ? 11.303  -17.780 -8.754  1.00 19.08 ? 59  TYR A CD2 1 
ATOM   458  C CE1 . TYR A 1 59 ? 12.695  -15.861 -7.304  1.00 20.04 ? 59  TYR A CE1 1 
ATOM   459  C CE2 . TYR A 1 59 ? 12.643  -17.985 -8.435  1.00 21.05 ? 59  TYR A CE2 1 
ATOM   460  C CZ  . TYR A 1 59 ? 13.331  -17.022 -7.707  1.00 21.63 ? 59  TYR A CZ  1 
ATOM   461  O OH  . TYR A 1 59 ? 14.644  -17.232 -7.360  1.00 23.71 ? 59  TYR A OH  1 
ATOM   462  N N   . ASP A 1 60 ? 6.964   -16.547 -11.211 1.00 20.84 ? 60  ASP A N   1 
ATOM   463  C CA  . ASP A 1 60 ? 5.552   -16.688 -11.530 1.00 22.64 ? 60  ASP A CA  1 
ATOM   464  C C   . ASP A 1 60 ? 5.018   -18.043 -11.070 1.00 23.84 ? 60  ASP A C   1 
ATOM   465  O O   . ASP A 1 60 ? 5.786   -18.950 -10.751 1.00 23.50 ? 60  ASP A O   1 
ATOM   466  C CB  . ASP A 1 60 ? 5.329   -16.519 -13.036 1.00 25.60 ? 60  ASP A CB  1 
ATOM   467  C CG  . ASP A 1 60 ? 5.797   -15.166 -13.550 1.00 27.80 ? 60  ASP A CG  1 
ATOM   468  O OD1 . ASP A 1 60 ? 5.591   -14.150 -12.853 1.00 29.25 ? 60  ASP A OD1 1 
ATOM   469  O OD2 . ASP A 1 60 ? 6.370   -15.116 -14.656 1.00 31.47 ? 60  ASP A OD2 1 
ATOM   470  N N   . GLN A 1 61 ? 3.692   -18.153 -11.020 1.00 24.38 ? 61  GLN A N   1 
ATOM   471  C CA  . GLN A 1 61 ? 2.997   -19.379 -10.627 1.00 25.71 ? 61  GLN A CA  1 
ATOM   472  C C   . GLN A 1 61 ? 3.464   -19.982 -9.301  1.00 23.90 ? 61  GLN A C   1 
ATOM   473  O O   . GLN A 1 61 ? 3.745   -21.174 -9.217  1.00 24.81 ? 61  GLN A O   1 
ATOM   474  C CB  . GLN A 1 61 ? 3.070   -20.425 -11.754 1.00 28.97 ? 61  GLN A CB  1 
ATOM   475  C CG  . GLN A 1 61 ? 2.585   -19.926 -13.122 1.00 37.79 ? 61  GLN A CG  1 
ATOM   476  C CD  . GLN A 1 61 ? 1.246   -19.198 -13.051 1.00 44.93 ? 61  GLN A CD  1 
ATOM   477  O OE1 . GLN A 1 61 ? 1.195   -17.977 -12.865 1.00 50.39 ? 61  GLN A OE1 1 
ATOM   478  N NE2 . GLN A 1 61 ? 0.156   -19.944 -13.193 1.00 47.65 ? 61  GLN A NE2 1 
ATOM   479  N N   . ILE A 1 62 ? 3.525   -19.156 -8.263  1.00 23.01 ? 62  ILE A N   1 
ATOM   480  C CA  . ILE A 1 62 ? 3.944   -19.611 -6.939  1.00 23.09 ? 62  ILE A CA  1 
ATOM   481  C C   . ILE A 1 62 ? 2.731   -19.827 -6.028  1.00 22.77 ? 62  ILE A C   1 
ATOM   482  O O   . ILE A 1 62 ? 1.856   -18.961 -5.935  1.00 21.66 ? 62  ILE A O   1 
ATOM   483  C CB  . ILE A 1 62 ? 4.888   -18.572 -6.270  1.00 22.85 ? 62  ILE A CB  1 
ATOM   484  C CG1 . ILE A 1 62 ? 6.150   -18.366 -7.112  1.00 20.68 ? 62  ILE A CG1 1 
ATOM   485  C CG2 . ILE A 1 62 ? 5.241   -19.004 -4.853  1.00 22.41 ? 62  ILE A CG2 1 
ATOM   486  C CD1 . ILE A 1 62 ? 7.066   -19.568 -7.165  1.00 20.53 ? 62  ILE A CD1 1 
ATOM   487  N N   . LEU A 1 63 ? 2.670   -20.989 -5.380  1.00 22.17 ? 63  LEU A N   1 
ATOM   488  C CA  . LEU A 1 63 ? 1.577   -21.297 -4.462  1.00 24.62 ? 63  LEU A CA  1 
ATOM   489  C C   . LEU A 1 63 ? 1.808   -20.616 -3.112  1.00 25.48 ? 63  LEU A C   1 
ATOM   490  O O   . LEU A 1 63 ? 2.885   -20.740 -2.523  1.00 24.37 ? 63  LEU A O   1 
ATOM   491  C CB  . LEU A 1 63 ? 1.455   -22.808 -4.248  1.00 28.21 ? 63  LEU A CB  1 
ATOM   492  C CG  . LEU A 1 63 ? 0.470   -23.192 -3.133  1.00 33.28 ? 63  LEU A CG  1 
ATOM   493  C CD1 . LEU A 1 63 ? -0.937  -22.751 -3.523  1.00 30.08 ? 63  LEU A CD1 1 
ATOM   494  C CD2 . LEU A 1 63 ? 0.518   -24.694 -2.851  1.00 32.85 ? 63  LEU A CD2 1 
ATOM   495  N N   . ILE A 1 64 ? 0.786   -19.920 -2.618  1.00 24.43 ? 64  ILE A N   1 
ATOM   496  C CA  . ILE A 1 64 ? 0.865   -19.217 -1.339  1.00 26.10 ? 64  ILE A CA  1 
ATOM   497  C C   . ILE A 1 64 ? -0.413  -19.395 -0.517  1.00 26.66 ? 64  ILE A C   1 
ATOM   498  O O   . ILE A 1 64 ? -1.517  -19.205 -1.025  1.00 26.67 ? 64  ILE A O   1 
ATOM   499  C CB  . ILE A 1 64 ? 1.077   -17.685 -1.537  1.00 26.76 ? 64  ILE A CB  1 
ATOM   500  C CG1 . ILE A 1 64 ? 2.340   -17.415 -2.355  1.00 27.56 ? 64  ILE A CG1 1 
ATOM   501  C CG2 . ILE A 1 64 ? 1.177   -16.979 -0.180  1.00 26.11 ? 64  ILE A CG2 1 
ATOM   502  C CD1 . ILE A 1 64 ? 2.598   -15.947 -2.607  1.00 30.87 ? 64  ILE A CD1 1 
ATOM   503  N N   . GLU A 1 65 ? -0.259  -19.779 0.747   1.00 27.57 ? 65  GLU A N   1 
ATOM   504  C CA  . GLU A 1 65 ? -1.405  -19.927 1.636   1.00 27.88 ? 65  GLU A CA  1 
ATOM   505  C C   . GLU A 1 65 ? -1.536  -18.643 2.445   1.00 25.96 ? 65  GLU A C   1 
ATOM   506  O O   . GLU A 1 65 ? -0.592  -18.214 3.107   1.00 23.48 ? 65  GLU A O   1 
ATOM   507  C CB  . GLU A 1 65 ? -1.232  -21.116 2.572   1.00 32.07 ? 65  GLU A CB  1 
ATOM   508  C CG  . GLU A 1 65 ? -1.428  -22.460 1.921   1.00 39.68 ? 65  GLU A CG  1 
ATOM   509  C CD  . GLU A 1 65 ? -1.506  -23.564 2.949   1.00 46.17 ? 65  GLU A CD  1 
ATOM   510  O OE1 . GLU A 1 65 ? -2.638  -23.953 3.318   1.00 49.97 ? 65  GLU A OE1 1 
ATOM   511  O OE2 . GLU A 1 65 ? -0.437  -24.026 3.408   1.00 48.87 ? 65  GLU A OE2 1 
ATOM   512  N N   . ILE A 1 66 ? -2.713  -18.036 2.391   1.00 24.35 ? 66  ILE A N   1 
ATOM   513  C CA  . ILE A 1 66 ? -2.959  -16.785 3.093   1.00 25.39 ? 66  ILE A CA  1 
ATOM   514  C C   . ILE A 1 66 ? -4.436  -16.649 3.470   1.00 26.06 ? 66  ILE A C   1 
ATOM   515  O O   . ILE A 1 66 ? -5.321  -16.832 2.630   1.00 26.34 ? 66  ILE A O   1 
ATOM   516  C CB  . ILE A 1 66 ? -2.506  -15.595 2.205   1.00 24.42 ? 66  ILE A CB  1 
ATOM   517  C CG1 . ILE A 1 66 ? -2.926  -14.258 2.812   1.00 23.77 ? 66  ILE A CG1 1 
ATOM   518  C CG2 . ILE A 1 66 ? -3.038  -15.764 0.783   1.00 27.34 ? 66  ILE A CG2 1 
ATOM   519  C CD1 . ILE A 1 66 ? -2.482  -13.065 1.992   1.00 23.01 ? 66  ILE A CD1 1 
ATOM   520  N N   . CYS A 1 67 ? -4.691  -16.363 4.746   1.00 27.79 ? 67  CYS A N   1 
ATOM   521  C CA  . CYS A 1 67 ? -6.053  -16.198 5.261   1.00 29.09 ? 67  CYS A CA  1 
ATOM   522  C C   . CYS A 1 67 ? -6.937  -17.428 5.014   1.00 31.46 ? 67  CYS A C   1 
ATOM   523  O O   . CYS A 1 67 ? -8.130  -17.300 4.722   1.00 31.70 ? 67  CYS A O   1 
ATOM   524  C CB  . CYS A 1 67 ? -6.710  -14.950 4.649   1.00 28.79 ? 67  CYS A CB  1 
ATOM   525  S SG  . CYS A 1 67 ? -5.945  -13.362 5.077   1.00 27.98 ? 67  CYS A SG  1 
ATOM   526  N N   . GLY A 1 68 ? -6.336  -18.613 5.109   1.00 31.57 ? 68  GLY A N   1 
ATOM   527  C CA  . GLY A 1 68 ? -7.075  -19.847 4.899   1.00 32.28 ? 68  GLY A CA  1 
ATOM   528  C C   . GLY A 1 68 ? -7.210  -20.275 3.448   1.00 32.55 ? 68  GLY A C   1 
ATOM   529  O O   . GLY A 1 68 ? -7.576  -21.416 3.167   1.00 33.96 ? 68  GLY A O   1 
ATOM   530  N N   . HIS A 1 69 ? -6.937  -19.362 2.523   1.00 31.34 ? 69  HIS A N   1 
ATOM   531  C CA  . HIS A 1 69 ? -7.030  -19.665 1.101   1.00 30.56 ? 69  HIS A CA  1 
ATOM   532  C C   . HIS A 1 69 ? -5.696  -20.132 0.542   1.00 30.62 ? 69  HIS A C   1 
ATOM   533  O O   . HIS A 1 69 ? -4.639  -19.858 1.103   1.00 30.75 ? 69  HIS A O   1 
ATOM   534  C CB  . HIS A 1 69 ? -7.487  -18.437 0.313   1.00 32.74 ? 69  HIS A CB  1 
ATOM   535  C CG  . HIS A 1 69 ? -8.863  -17.965 0.663   1.00 34.94 ? 69  HIS A CG  1 
ATOM   536  N ND1 . HIS A 1 69 ? -9.233  -17.625 1.946   1.00 36.55 ? 69  HIS A ND1 1 
ATOM   537  C CD2 . HIS A 1 69 ? -9.955  -17.750 -0.111  1.00 35.18 ? 69  HIS A CD2 1 
ATOM   538  C CE1 . HIS A 1 69 ? -10.489 -17.218 1.952   1.00 37.97 ? 69  HIS A CE1 1 
ATOM   539  N NE2 . HIS A 1 69 ? -10.950 -17.284 0.714   1.00 38.42 ? 69  HIS A NE2 1 
ATOM   540  N N   . LYS A 1 70 ? -5.762  -20.838 -0.576  1.00 30.11 ? 70  LYS A N   1 
ATOM   541  C CA  . LYS A 1 70 ? -4.575  -21.332 -1.245  1.00 30.81 ? 70  LYS A CA  1 
ATOM   542  C C   . LYS A 1 70 ? -4.589  -20.600 -2.583  1.00 30.10 ? 70  LYS A C   1 
ATOM   543  O O   . LYS A 1 70 ? -5.408  -20.902 -3.452  1.00 32.18 ? 70  LYS A O   1 
ATOM   544  C CB  . LYS A 1 70 ? -4.688  -22.846 -1.438  1.00 33.99 ? 70  LYS A CB  1 
ATOM   545  C CG  . LYS A 1 70 ? -3.361  -23.569 -1.547  1.00 39.16 ? 70  LYS A CG  1 
ATOM   546  C CD  . LYS A 1 70 ? -3.539  -25.085 -1.611  1.00 42.95 ? 70  LYS A CD  1 
ATOM   547  C CE  . LYS A 1 70 ? -3.517  -25.728 -0.224  1.00 45.51 ? 70  LYS A CE  1 
ATOM   548  N NZ  . LYS A 1 70 ? -4.561  -25.210 0.707   1.00 46.85 ? 70  LYS A NZ  1 
ATOM   549  N N   . ALA A 1 71 ? -3.737  -19.586 -2.715  1.00 27.73 ? 71  ALA A N   1 
ATOM   550  C CA  . ALA A 1 71 ? -3.678  -18.789 -3.939  1.00 25.18 ? 71  ALA A CA  1 
ATOM   551  C C   . ALA A 1 71 ? -2.421  -18.996 -4.778  1.00 23.65 ? 71  ALA A C   1 
ATOM   552  O O   . ALA A 1 71 ? -1.392  -19.440 -4.279  1.00 24.42 ? 71  ALA A O   1 
ATOM   553  C CB  . ALA A 1 71 ? -3.849  -17.315 -3.603  1.00 23.35 ? 71  ALA A CB  1 
ATOM   554  N N   . ILE A 1 72 ? -2.530  -18.685 -6.067  1.00 22.55 ? 72  ILE A N   1 
ATOM   555  C CA  . ILE A 1 72 ? -1.421  -18.802 -7.013  1.00 20.45 ? 72  ILE A CA  1 
ATOM   556  C C   . ILE A 1 72 ? -1.123  -17.401 -7.543  1.00 20.82 ? 72  ILE A C   1 
ATOM   557  O O   . ILE A 1 72 ? -2.045  -16.653 -7.882  1.00 18.21 ? 72  ILE A O   1 
ATOM   558  C CB  . ILE A 1 72 ? -1.786  -19.705 -8.224  1.00 23.37 ? 72  ILE A CB  1 
ATOM   559  C CG1 . ILE A 1 72 ? -2.212  -21.101 -7.750  1.00 25.70 ? 72  ILE A CG1 1 
ATOM   560  C CG2 . ILE A 1 72 ? -0.609  -19.797 -9.193  1.00 21.79 ? 72  ILE A CG2 1 
ATOM   561  C CD1 . ILE A 1 72 ? -1.128  -21.883 -7.045  1.00 26.89 ? 72  ILE A CD1 1 
ATOM   562  N N   . GLY A 1 73 ? 0.155   -17.048 -7.622  1.00 20.06 ? 73  GLY A N   1 
ATOM   563  C CA  . GLY A 1 73 ? 0.501   -15.727 -8.117  1.00 20.43 ? 73  GLY A CA  1 
ATOM   564  C C   . GLY A 1 73 ? 1.978   -15.441 -8.276  1.00 18.51 ? 73  GLY A C   1 
ATOM   565  O O   . GLY A 1 73 ? 2.826   -16.286 -7.995  1.00 19.23 ? 73  GLY A O   1 
ATOM   566  N N   . THR A 1 74 ? 2.276   -14.240 -8.758  1.00 17.82 ? 74  THR A N   1 
ATOM   567  C CA  . THR A 1 74 ? 3.648   -13.805 -8.968  1.00 16.93 ? 74  THR A CA  1 
ATOM   568  C C   . THR A 1 74 ? 4.220   -13.267 -7.668  1.00 15.63 ? 74  THR A C   1 
ATOM   569  O O   . THR A 1 74 ? 3.534   -12.577 -6.914  1.00 16.16 ? 74  THR A O   1 
ATOM   570  C CB  . THR A 1 74 ? 3.727   -12.690 -10.040 1.00 17.95 ? 74  THR A CB  1 
ATOM   571  O OG1 . THR A 1 74 ? 3.353   -13.222 -11.317 1.00 18.47 ? 74  THR A OG1 1 
ATOM   572  C CG2 . THR A 1 74 ? 5.134   -12.117 -10.134 1.00 16.51 ? 74  THR A CG2 1 
ATOM   573  N N   . VAL A 1 75 ? 5.469   -13.619 -7.395  1.00 13.99 ? 75  VAL A N   1 
ATOM   574  C CA  . VAL A 1 75 ? 6.149   -13.153 -6.199  1.00 12.18 ? 75  VAL A CA  1 
ATOM   575  C C   . VAL A 1 75 ? 7.468   -12.504 -6.603  1.00 13.15 ? 75  VAL A C   1 
ATOM   576  O O   . VAL A 1 75 ? 8.242   -13.082 -7.366  1.00 12.54 ? 75  VAL A O   1 
ATOM   577  C CB  . VAL A 1 75 ? 6.457   -14.302 -5.229  1.00 11.19 ? 75  VAL A CB  1 
ATOM   578  C CG1 . VAL A 1 75 ? 7.140   -13.763 -3.977  1.00 13.27 ? 75  VAL A CG1 1 
ATOM   579  C CG2 . VAL A 1 75 ? 5.186   -15.033 -4.864  1.00 13.55 ? 75  VAL A CG2 1 
ATOM   580  N N   . LEU A 1 76 ? 7.696   -11.289 -6.115  1.00 12.12 ? 76  LEU A N   1 
ATOM   581  C CA  . LEU A 1 76 ? 8.927   -10.565 -6.395  1.00 14.19 ? 76  LEU A CA  1 
ATOM   582  C C   . LEU A 1 76 ? 9.806   -10.684 -5.148  1.00 14.49 ? 76  LEU A C   1 
ATOM   583  O O   . LEU A 1 76 ? 9.379   -10.322 -4.054  1.00 14.02 ? 76  LEU A O   1 
ATOM   584  C CB  . LEU A 1 76 ? 8.623   -9.093  -6.688  1.00 14.17 ? 76  LEU A CB  1 
ATOM   585  C CG  . LEU A 1 76 ? 7.580   -8.802  -7.771  1.00 13.81 ? 76  LEU A CG  1 
ATOM   586  C CD1 . LEU A 1 76 ? 7.448   -7.299  -7.961  1.00 15.83 ? 76  LEU A CD1 1 
ATOM   587  C CD2 . LEU A 1 76 ? 7.977   -9.469  -9.082  1.00 13.58 ? 76  LEU A CD2 1 
ATOM   588  N N   . VAL A 1 77 ? 11.015  -11.214 -5.317  1.00 15.13 ? 77  VAL A N   1 
ATOM   589  C CA  . VAL A 1 77 ? 11.952  -11.393 -4.209  1.00 12.37 ? 77  VAL A CA  1 
ATOM   590  C C   . VAL A 1 77 ? 13.086  -10.371 -4.288  1.00 12.79 ? 77  VAL A C   1 
ATOM   591  O O   . VAL A 1 77 ? 13.758  -10.253 -5.313  1.00 12.31 ? 77  VAL A O   1 
ATOM   592  C CB  . VAL A 1 77 ? 12.550  -12.817 -4.217  1.00 14.78 ? 77  VAL A CB  1 
ATOM   593  C CG1 . VAL A 1 77 ? 13.524  -12.991 -3.063  1.00 12.72 ? 77  VAL A CG1 1 
ATOM   594  C CG2 . VAL A 1 77 ? 11.433  -13.852 -4.130  1.00 14.74 ? 77  VAL A CG2 1 
ATOM   595  N N   . GLY A 1 78 ? 13.304  -9.644  -3.198  1.00 12.14 ? 78  GLY A N   1 
ATOM   596  C CA  . GLY A 1 78 ? 14.355  -8.642  -3.191  1.00 12.93 ? 78  GLY A CA  1 
ATOM   597  C C   . GLY A 1 78 ? 14.535  -7.942  -1.863  1.00 12.69 ? 78  GLY A C   1 
ATOM   598  O O   . GLY A 1 78 ? 13.880  -8.288  -0.877  1.00 14.33 ? 78  GLY A O   1 
ATOM   599  N N   . PRO A 1 79 ? 15.398  -6.915  -1.815  1.00 12.96 ? 79  PRO A N   1 
ATOM   600  C CA  . PRO A 1 79 ? 15.687  -6.148  -0.603  1.00 15.13 ? 79  PRO A CA  1 
ATOM   601  C C   . PRO A 1 79 ? 14.592  -5.172  -0.141  1.00 16.11 ? 79  PRO A C   1 
ATOM   602  O O   . PRO A 1 79 ? 14.850  -3.985  0.056   1.00 16.13 ? 79  PRO A O   1 
ATOM   603  C CB  . PRO A 1 79 ? 16.988  -5.433  -0.965  1.00 15.44 ? 79  PRO A CB  1 
ATOM   604  C CG  . PRO A 1 79 ? 16.799  -5.139  -2.422  1.00 15.20 ? 79  PRO A CG  1 
ATOM   605  C CD  . PRO A 1 79 ? 16.211  -6.434  -2.951  1.00 13.83 ? 79  PRO A CD  1 
ATOM   606  N N   . THR A 1 80 ? 13.375  -5.678  0.037   1.00 15.05 ? 80  THR A N   1 
ATOM   607  C CA  . THR A 1 80 ? 12.268  -4.847  0.506   1.00 15.88 ? 80  THR A CA  1 
ATOM   608  C C   . THR A 1 80 ? 12.340  -4.797  2.032   1.00 15.35 ? 80  THR A C   1 
ATOM   609  O O   . THR A 1 80 ? 12.651  -5.799  2.675   1.00 15.72 ? 80  THR A O   1 
ATOM   610  C CB  . THR A 1 80 ? 10.884  -5.417  0.060   1.00 17.50 ? 80  THR A CB  1 
ATOM   611  O OG1 . THR A 1 80 ? 9.833   -4.633  0.642   1.00 16.93 ? 80  THR A OG1 1 
ATOM   612  C CG2 . THR A 1 80 ? 10.722  -6.884  0.479   1.00 13.64 ? 80  THR A CG2 1 
ATOM   613  N N   . PRO A 1 81 ? 12.054  -3.627  2.631   1.00 16.33 ? 81  PRO A N   1 
ATOM   614  C CA  . PRO A 1 81 ? 12.102  -3.488  4.094   1.00 16.33 ? 81  PRO A CA  1 
ATOM   615  C C   . PRO A 1 81 ? 10.998  -4.243  4.827   1.00 16.76 ? 81  PRO A C   1 
ATOM   616  O O   . PRO A 1 81 ? 11.108  -4.509  6.023   1.00 17.13 ? 81  PRO A O   1 
ATOM   617  C CB  . PRO A 1 81 ? 11.992  -1.975  4.298   1.00 17.13 ? 81  PRO A CB  1 
ATOM   618  C CG  . PRO A 1 81 ? 11.172  -1.534  3.140   1.00 17.80 ? 81  PRO A CG  1 
ATOM   619  C CD  . PRO A 1 81 ? 11.728  -2.340  1.990   1.00 16.86 ? 81  PRO A CD  1 
ATOM   620  N N   . VAL A 1 82 ? 9.940   -4.603  4.101   1.00 15.87 ? 82  VAL A N   1 
ATOM   621  C CA  . VAL A 1 82 ? 8.820   -5.329  4.690   1.00 16.56 ? 82  VAL A CA  1 
ATOM   622  C C   . VAL A 1 82 ? 8.198   -6.245  3.637   1.00 15.86 ? 82  VAL A C   1 
ATOM   623  O O   . VAL A 1 82 ? 8.227   -5.931  2.444   1.00 15.76 ? 82  VAL A O   1 
ATOM   624  C CB  . VAL A 1 82 ? 7.728   -4.351  5.216   1.00 18.57 ? 82  VAL A CB  1 
ATOM   625  C CG1 . VAL A 1 82 ? 7.186   -3.523  4.082   1.00 21.86 ? 82  VAL A CG1 1 
ATOM   626  C CG2 . VAL A 1 82 ? 6.585   -5.112  5.878   1.00 20.21 ? 82  VAL A CG2 1 
ATOM   627  N N   . ASN A 1 83 ? 7.670   -7.386  4.080   1.00 15.06 ? 83  ASN A N   1 
ATOM   628  C CA  . ASN A 1 83 ? 7.007   -8.334  3.187   1.00 12.78 ? 83  ASN A CA  1 
ATOM   629  C C   . ASN A 1 83 ? 5.639   -7.744  2.858   1.00 12.72 ? 83  ASN A C   1 
ATOM   630  O O   . ASN A 1 83 ? 4.865   -7.389  3.754   1.00 12.03 ? 83  ASN A O   1 
ATOM   631  C CB  . ASN A 1 83 ? 6.857   -9.693  3.862   1.00 13.89 ? 83  ASN A CB  1 
ATOM   632  C CG  . ASN A 1 83 ? 8.189   -10.372 4.095   1.00 17.12 ? 83  ASN A CG  1 
ATOM   633  O OD1 . ASN A 1 83 ? 9.122   -10.216 3.305   1.00 15.81 ? 83  ASN A OD1 1 
ATOM   634  N ND2 . ASN A 1 83 ? 8.288   -11.128 5.185   1.00 15.05 ? 83  ASN A ND2 1 
ATOM   635  N N   . ILE A 1 84 ? 5.356   -7.649  1.565   1.00 12.78 ? 84  ILE A N   1 
ATOM   636  C CA  . ILE A 1 84 ? 4.130   -7.046  1.061   1.00 12.95 ? 84  ILE A CA  1 
ATOM   637  C C   . ILE A 1 84 ? 3.305   -7.993  0.199   1.00 14.07 ? 84  ILE A C   1 
ATOM   638  O O   . ILE A 1 84 ? 3.841   -8.643  -0.701  1.00 14.78 ? 84  ILE A O   1 
ATOM   639  C CB  . ILE A 1 84 ? 4.507   -5.810  0.195   1.00 15.70 ? 84  ILE A CB  1 
ATOM   640  C CG1 . ILE A 1 84 ? 5.063   -4.691  1.077   1.00 15.19 ? 84  ILE A CG1 1 
ATOM   641  C CG2 . ILE A 1 84 ? 3.335   -5.332  -0.638  1.00 16.54 ? 84  ILE A CG2 1 
ATOM   642  C CD1 . ILE A 1 84 ? 5.804   -3.636  0.289   1.00 19.28 ? 84  ILE A CD1 1 
ATOM   643  N N   . ILE A 1 85 ? 2.004   -8.058  0.475   1.00 12.64 ? 85  ILE A N   1 
ATOM   644  C CA  . ILE A 1 85 ? 1.080   -8.881  -0.308  1.00 13.13 ? 85  ILE A CA  1 
ATOM   645  C C   . ILE A 1 85 ? 0.341   -7.905  -1.228  1.00 11.69 ? 85  ILE A C   1 
ATOM   646  O O   . ILE A 1 85 ? -0.452  -7.077  -0.765  1.00 11.48 ? 85  ILE A O   1 
ATOM   647  C CB  . ILE A 1 85 ? 0.051   -9.639  0.571   1.00 12.50 ? 85  ILE A CB  1 
ATOM   648  C CG1 . ILE A 1 85 ? 0.768   -10.510 1.604   1.00 12.43 ? 85  ILE A CG1 1 
ATOM   649  C CG2 . ILE A 1 85 ? -0.839  -10.525 -0.307  1.00 13.62 ? 85  ILE A CG2 1 
ATOM   650  C CD1 . ILE A 1 85 ? 1.707   -11.510 1.003   1.00 13.04 ? 85  ILE A CD1 1 
ATOM   651  N N   . GLY A 1 86 ? 0.645   -7.984  -2.523  1.00 10.95 ? 86  GLY A N   1 
ATOM   652  C CA  . GLY A 1 86 ? 0.040   -7.088  -3.492  1.00 11.73 ? 86  GLY A CA  1 
ATOM   653  C C   . GLY A 1 86 ? -1.316  -7.511  -4.022  1.00 12.00 ? 86  GLY A C   1 
ATOM   654  O O   . GLY A 1 86 ? -1.799  -8.603  -3.719  1.00 10.69 ? 86  GLY A O   1 
ATOM   655  N N   . ARG A 1 87 ? -1.906  -6.646  -4.847  1.00 10.42 ? 87  ARG A N   1 
ATOM   656  C CA  . ARG A 1 87 ? -3.220  -6.891  -5.432  1.00 11.26 ? 87  ARG A CA  1 
ATOM   657  C C   . ARG A 1 87 ? -3.292  -8.176  -6.248  1.00 12.46 ? 87  ARG A C   1 
ATOM   658  O O   . ARG A 1 87 ? -4.340  -8.821  -6.288  1.00 13.58 ? 87  ARG A O   1 
ATOM   659  C CB  . ARG A 1 87 ? -3.650  -5.714  -6.308  1.00 10.44 ? 87  ARG A CB  1 
ATOM   660  C CG  . ARG A 1 87 ? -3.861  -4.409  -5.553  1.00 9.91  ? 87  ARG A CG  1 
ATOM   661  C CD  . ARG A 1 87 ? -4.405  -3.311  -6.472  1.00 10.11 ? 87  ARG A CD  1 
ATOM   662  N NE  . ARG A 1 87 ? -3.461  -2.951  -7.528  1.00 10.22 ? 87  ARG A NE  1 
ATOM   663  C CZ  . ARG A 1 87 ? -3.554  -3.341  -8.797  1.00 12.86 ? 87  ARG A CZ  1 
ATOM   664  N NH1 . ARG A 1 87 ? -4.561  -4.115  -9.191  1.00 12.37 ? 87  ARG A NH1 1 
ATOM   665  N NH2 . ARG A 1 87 ? -2.631  -2.968  -9.673  1.00 10.33 ? 87  ARG A NH2 1 
ATOM   666  N N   . ASN A 1 88 ? -2.187  -8.561  -6.885  1.00 13.13 ? 88  ASN A N   1 
ATOM   667  C CA  . ASN A 1 88 ? -2.196  -9.771  -7.699  1.00 16.16 ? 88  ASN A CA  1 
ATOM   668  C C   . ASN A 1 88 ? -2.581  -11.014 -6.892  1.00 15.21 ? 88  ASN A C   1 
ATOM   669  O O   . ASN A 1 88 ? -3.100  -11.976 -7.449  1.00 16.06 ? 88  ASN A O   1 
ATOM   670  C CB  . ASN A 1 88 ? -0.872  -9.959  -8.448  1.00 20.07 ? 88  ASN A CB  1 
ATOM   671  C CG  . ASN A 1 88 ? 0.145   -10.741 -7.662  1.00 25.25 ? 88  ASN A CG  1 
ATOM   672  O OD1 . ASN A 1 88 ? 0.813   -10.207 -6.771  1.00 29.28 ? 88  ASN A OD1 1 
ATOM   673  N ND2 . ASN A 1 88 ? 0.280   -12.025 -7.994  1.00 22.47 ? 88  ASN A ND2 1 
ATOM   674  N N   . LEU A 1 89 ? -2.380  -10.963 -5.577  1.00 13.10 ? 89  LEU A N   1 
ATOM   675  C CA  . LEU A 1 89 ? -2.736  -12.084 -4.710  1.00 14.17 ? 89  LEU A CA  1 
ATOM   676  C C   . LEU A 1 89 ? -4.020  -11.782 -3.931  1.00 14.22 ? 89  LEU A C   1 
ATOM   677  O O   . LEU A 1 89 ? -4.847  -12.670 -3.723  1.00 13.79 ? 89  LEU A O   1 
ATOM   678  C CB  . LEU A 1 89 ? -1.608  -12.397 -3.724  1.00 14.88 ? 89  LEU A CB  1 
ATOM   679  C CG  . LEU A 1 89 ? -1.641  -13.819 -3.151  1.00 19.74 ? 89  LEU A CG  1 
ATOM   680  C CD1 . LEU A 1 89 ? -1.183  -14.795 -4.223  1.00 20.36 ? 89  LEU A CD1 1 
ATOM   681  C CD2 . LEU A 1 89 ? -0.744  -13.932 -1.924  1.00 21.79 ? 89  LEU A CD2 1 
ATOM   682  N N   . LEU A 1 90 ? -4.182  -10.527 -3.509  1.00 11.70 ? 90  LEU A N   1 
ATOM   683  C CA  . LEU A 1 90 ? -5.361  -10.114 -2.748  1.00 10.97 ? 90  LEU A CA  1 
ATOM   684  C C   . LEU A 1 90 ? -6.668  -10.426 -3.472  1.00 11.04 ? 90  LEU A C   1 
ATOM   685  O O   . LEU A 1 90 ? -7.651  -10.822 -2.847  1.00 12.88 ? 90  LEU A O   1 
ATOM   686  C CB  . LEU A 1 90 ? -5.294  -8.619  -2.418  1.00 13.65 ? 90  LEU A CB  1 
ATOM   687  C CG  . LEU A 1 90 ? -4.148  -8.183  -1.500  1.00 14.40 ? 90  LEU A CG  1 
ATOM   688  C CD1 . LEU A 1 90 ? -4.226  -6.679  -1.256  1.00 14.94 ? 90  LEU A CD1 1 
ATOM   689  C CD2 . LEU A 1 90 ? -4.221  -8.944  -0.179  1.00 13.36 ? 90  LEU A CD2 1 
ATOM   690  N N   . THR A 1 91 ? -6.667  -10.248 -4.792  1.00 10.50 ? 91  THR A N   1 
ATOM   691  C CA  . THR A 1 91 ? -7.849  -10.513 -5.615  1.00 12.25 ? 91  THR A CA  1 
ATOM   692  C C   . THR A 1 91 ? -8.215  -11.997 -5.578  1.00 13.22 ? 91  THR A C   1 
ATOM   693  O O   . THR A 1 91 ? -9.388  -12.348 -5.505  1.00 14.18 ? 91  THR A O   1 
ATOM   694  C CB  . THR A 1 91 ? -7.619  -10.121 -7.097  1.00 12.70 ? 91  THR A CB  1 
ATOM   695  O OG1 . THR A 1 91 ? -6.521  -10.872 -7.633  1.00 11.79 ? 91  THR A OG1 1 
ATOM   696  C CG2 . THR A 1 91 ? -7.329  -8.643  -7.223  1.00 12.26 ? 91  THR A CG2 1 
ATOM   697  N N   . GLN A 1 92 ? -7.197  -12.856 -5.618  1.00 12.39 ? 92  GLN A N   1 
ATOM   698  C CA  . GLN A 1 92 ? -7.397  -14.302 -5.608  1.00 13.20 ? 92  GLN A CA  1 
ATOM   699  C C   . GLN A 1 92 ? -8.111  -14.818 -4.363  1.00 13.35 ? 92  GLN A C   1 
ATOM   700  O O   . GLN A 1 92 ? -8.815  -15.823 -4.427  1.00 14.53 ? 92  GLN A O   1 
ATOM   701  C CB  . GLN A 1 92 ? -6.063  -15.034 -5.789  1.00 11.65 ? 92  GLN A CB  1 
ATOM   702  C CG  . GLN A 1 92 ? -5.341  -14.683 -7.071  1.00 10.52 ? 92  GLN A CG  1 
ATOM   703  C CD  . GLN A 1 92 ? -6.194  -14.907 -8.307  1.00 14.20 ? 92  GLN A CD  1 
ATOM   704  O OE1 . GLN A 1 92 ? -6.864  -13.994 -8.793  1.00 15.83 ? 92  GLN A OE1 1 
ATOM   705  N NE2 . GLN A 1 92 ? -6.161  -16.122 -8.831  1.00 12.75 ? 92  GLN A NE2 1 
ATOM   706  N N   . ILE A 1 93 ? -7.922  -14.145 -3.232  1.00 13.78 ? 93  ILE A N   1 
ATOM   707  C CA  . ILE A 1 93 ? -8.582  -14.571 -2.004  1.00 15.04 ? 93  ILE A CA  1 
ATOM   708  C C   . ILE A 1 93 ? -9.893  -13.821 -1.782  1.00 15.15 ? 93  ILE A C   1 
ATOM   709  O O   . ILE A 1 93 ? -10.532 -13.962 -0.743  1.00 15.56 ? 93  ILE A O   1 
ATOM   710  C CB  . ILE A 1 93 ? -7.661  -14.454 -0.770  1.00 17.22 ? 93  ILE A CB  1 
ATOM   711  C CG1 . ILE A 1 93 ? -7.280  -12.996 -0.495  1.00 16.96 ? 93  ILE A CG1 1 
ATOM   712  C CG2 . ILE A 1 93 ? -6.417  -15.304 -0.974  1.00 17.29 ? 93  ILE A CG2 1 
ATOM   713  C CD1 . ILE A 1 93 ? -6.374  -12.832 0.720   1.00 16.17 ? 93  ILE A CD1 1 
ATOM   714  N N   . GLY A 1 94 ? -10.275 -13.015 -2.770  1.00 15.62 ? 94  GLY A N   1 
ATOM   715  C CA  . GLY A 1 94 ? -11.518 -12.274 -2.700  1.00 15.63 ? 94  GLY A CA  1 
ATOM   716  C C   . GLY A 1 94 ? -11.551 -11.090 -1.759  1.00 16.13 ? 94  GLY A C   1 
ATOM   717  O O   . GLY A 1 94 ? -12.626 -10.694 -1.301  1.00 16.93 ? 94  GLY A O   1 
ATOM   718  N N   . MET A 1 95 ? -10.392 -10.500 -1.487  1.00 15.33 ? 95  MET A N   1 
ATOM   719  C CA  . MET A 1 95 ? -10.346 -9.352  -0.591  1.00 15.21 ? 95  MET A CA  1 
ATOM   720  C C   . MET A 1 95 ? -10.733 -8.049  -1.279  1.00 14.46 ? 95  MET A C   1 
ATOM   721  O O   . MET A 1 95 ? -10.329 -7.787  -2.413  1.00 14.11 ? 95  MET A O   1 
ATOM   722  C CB  . MET A 1 95 ? -8.967  -9.217  0.037   1.00 18.12 ? 95  MET A CB  1 
ATOM   723  C CG  . MET A 1 95 ? -8.957  -8.280  1.214   1.00 22.42 ? 95  MET A CG  1 
ATOM   724  S SD  . MET A 1 95 ? -7.514  -8.549  2.200   1.00 28.82 ? 95  MET A SD  1 
ATOM   725  C CE  . MET A 1 95 ? -7.948  -10.090 3.019   1.00 23.66 ? 95  MET A CE  1 
ATOM   726  N N   . THR A 1 96 ? -11.527 -7.239  -0.587  1.00 11.88 ? 96  THR A N   1 
ATOM   727  C CA  . THR A 1 96 ? -11.974 -5.958  -1.121  1.00 13.45 ? 96  THR A CA  1 
ATOM   728  C C   . THR A 1 96 ? -11.944 -4.874  -0.055  1.00 11.97 ? 96  THR A C   1 
ATOM   729  O O   . THR A 1 96 ? -11.897 -5.157  1.144   1.00 11.11 ? 96  THR A O   1 
ATOM   730  C CB  . THR A 1 96 ? -13.424 -6.022  -1.653  1.00 14.20 ? 96  THR A CB  1 
ATOM   731  O OG1 . THR A 1 96 ? -14.305 -6.345  -0.574  1.00 14.11 ? 96  THR A OG1 1 
ATOM   732  C CG2 . THR A 1 96 ? -13.569 -7.057  -2.756  1.00 13.76 ? 96  THR A CG2 1 
ATOM   733  N N   . LEU A 1 97 ? -11.982 -3.632  -0.526  1.00 13.88 ? 97  LEU A N   1 
ATOM   734  C CA  . LEU A 1 97 ? -11.986 -2.439  0.309   1.00 14.76 ? 97  LEU A CA  1 
ATOM   735  C C   . LEU A 1 97 ? -13.469 -2.067  0.455   1.00 14.85 ? 97  LEU A C   1 
ATOM   736  O O   . LEU A 1 97 ? -14.215 -2.072  -0.525  1.00 13.11 ? 97  LEU A O   1 
ATOM   737  C CB  . LEU A 1 97 ? -11.232 -1.321  -0.428  1.00 15.22 ? 97  LEU A CB  1 
ATOM   738  C CG  . LEU A 1 97 ? -9.990  -0.600  0.113   1.00 18.41 ? 97  LEU A CG  1 
ATOM   739  C CD1 . LEU A 1 97 ? -9.292  -1.340  1.242   1.00 13.86 ? 97  LEU A CD1 1 
ATOM   740  C CD2 . LEU A 1 97 ? -9.048  -0.343  -1.047  1.00 14.28 ? 97  LEU A CD2 1 
ATOM   741  N N   . ASN A 1 98 ? -13.901 -1.767  1.676   1.00 15.83 ? 98  ASN A N   1 
ATOM   742  C CA  . ASN A 1 98 ? -15.296 -1.412  1.916   1.00 15.75 ? 98  ASN A CA  1 
ATOM   743  C C   . ASN A 1 98 ? -15.423 -0.220  2.853   1.00 16.84 ? 98  ASN A C   1 
ATOM   744  O O   . ASN A 1 98 ? -14.630 -0.060  3.777   1.00 16.32 ? 98  ASN A O   1 
ATOM   745  C CB  . ASN A 1 98 ? -16.055 -2.609  2.491   1.00 16.74 ? 98  ASN A CB  1 
ATOM   746  C CG  . ASN A 1 98 ? -16.062 -3.799  1.548   1.00 17.96 ? 98  ASN A CG  1 
ATOM   747  O OD1 . ASN A 1 98 ? -17.016 -4.007  0.798   1.00 21.10 ? 98  ASN A OD1 1 
ATOM   748  N ND2 . ASN A 1 98 ? -14.986 -4.570  1.563   1.00 18.16 ? 98  ASN A ND2 1 
ATOM   749  N N   . PHE A 1 99 ? -16.420 0.621   2.599   1.00 18.44 ? 99  PHE A N   1 
ATOM   750  C CA  . PHE A 1 99 ? -16.661 1.812   3.414   1.00 20.33 ? 99  PHE A CA  1 
ATOM   751  C C   . PHE A 1 99 ? -18.095 2.306   3.236   1.00 19.98 ? 99  PHE A C   1 
ATOM   752  O O   . PHE A 1 99 ? -18.846 1.663   2.479   1.00 19.45 ? 99  PHE A O   1 
ATOM   753  C CB  . PHE A 1 99 ? -15.665 2.927   3.050   1.00 21.18 ? 99  PHE A CB  1 
ATOM   754  C CG  . PHE A 1 99 ? -15.798 3.432   1.636   1.00 26.08 ? 99  PHE A CG  1 
ATOM   755  C CD1 . PHE A 1 99 ? -15.509 2.604   0.552   1.00 26.17 ? 99  PHE A CD1 1 
ATOM   756  C CD2 . PHE A 1 99 ? -16.219 4.733   1.389   1.00 28.56 ? 99  PHE A CD2 1 
ATOM   757  C CE1 . PHE A 1 99 ? -15.642 3.062   -0.757  1.00 26.79 ? 99  PHE A CE1 1 
ATOM   758  C CE2 . PHE A 1 99 ? -16.356 5.205   0.079   1.00 30.57 ? 99  PHE A CE2 1 
ATOM   759  C CZ  . PHE A 1 99 ? -16.066 4.365   -0.996  1.00 30.67 ? 99  PHE A CZ  1 
ATOM   760  O OXT . PHE A 1 99 ? -18.460 3.323   3.856   1.00 21.31 ? 99  PHE A OXT 1 
ATOM   761  N N   . PRO B 1 1  ? -19.901 1.599   -0.109  1.00 23.68 ? 201 PRO B N   1 
ATOM   762  C CA  . PRO B 1 1  ? -19.488 0.993   -1.395  1.00 22.79 ? 201 PRO B CA  1 
ATOM   763  C C   . PRO B 1 1  ? -18.386 -0.042  -1.221  1.00 21.98 ? 201 PRO B C   1 
ATOM   764  O O   . PRO B 1 1  ? -17.757 -0.124  -0.162  1.00 21.22 ? 201 PRO B O   1 
ATOM   765  C CB  . PRO B 1 1  ? -19.010 2.139   -2.276  1.00 25.64 ? 201 PRO B CB  1 
ATOM   766  C CG  . PRO B 1 1  ? -19.876 3.277   -1.760  1.00 25.63 ? 201 PRO B CG  1 
ATOM   767  C CD  . PRO B 1 1  ? -19.907 3.069   -0.238  1.00 25.11 ? 201 PRO B CD  1 
ATOM   768  N N   . GLN B 1 2  ? -18.169 -0.837  -2.266  1.00 20.21 ? 202 GLN B N   1 
ATOM   769  C CA  . GLN B 1 2  ? -17.128 -1.861  -2.262  1.00 20.06 ? 202 GLN B CA  1 
ATOM   770  C C   . GLN B 1 2  ? -16.198 -1.678  -3.458  1.00 19.17 ? 202 GLN B C   1 
ATOM   771  O O   . GLN B 1 2  ? -16.654 -1.502  -4.589  1.00 18.57 ? 202 GLN B O   1 
ATOM   772  C CB  . GLN B 1 2  ? -17.730 -3.262  -2.311  1.00 20.89 ? 202 GLN B CB  1 
ATOM   773  C CG  . GLN B 1 2  ? -16.678 -4.351  -2.363  1.00 19.09 ? 202 GLN B CG  1 
ATOM   774  C CD  . GLN B 1 2  ? -17.274 -5.727  -2.276  1.00 22.06 ? 202 GLN B CD  1 
ATOM   775  O OE1 . GLN B 1 2  ? -17.539 -6.364  -3.292  1.00 25.44 ? 202 GLN B OE1 1 
ATOM   776  N NE2 . GLN B 1 2  ? -17.493 -6.198  -1.056  1.00 21.24 ? 202 GLN B NE2 1 
ATOM   777  N N   . ILE B 1 3  ? -14.896 -1.722  -3.197  1.00 16.03 ? 203 ILE B N   1 
ATOM   778  C CA  . ILE B 1 3  ? -13.898 -1.567  -4.245  1.00 15.55 ? 203 ILE B CA  1 
ATOM   779  C C   . ILE B 1 3  ? -13.055 -2.834  -4.362  1.00 15.45 ? 203 ILE B C   1 
ATOM   780  O O   . ILE B 1 3  ? -12.373 -3.240  -3.410  1.00 13.68 ? 203 ILE B O   1 
ATOM   781  C CB  . ILE B 1 3  ? -12.972 -0.347  -3.974  1.00 14.46 ? 203 ILE B CB  1 
ATOM   782  C CG1 . ILE B 1 3  ? -13.801 0.943   -3.911  1.00 16.23 ? 203 ILE B CG1 1 
ATOM   783  C CG2 . ILE B 1 3  ? -11.912 -0.232  -5.060  1.00 12.27 ? 203 ILE B CG2 1 
ATOM   784  C CD1 . ILE B 1 3  ? -12.982 2.181   -3.566  1.00 16.38 ? 203 ILE B CD1 1 
ATOM   785  N N   . THR B 1 4  ? -13.148 -3.484  -5.519  1.00 15.23 ? 204 THR B N   1 
ATOM   786  C CA  . THR B 1 4  ? -12.383 -4.697  -5.783  1.00 15.25 ? 204 THR B CA  1 
ATOM   787  C C   . THR B 1 4  ? -10.935 -4.288  -6.079  1.00 14.79 ? 204 THR B C   1 
ATOM   788  O O   . THR B 1 4  ? -10.644 -3.102  -6.260  1.00 15.01 ? 204 THR B O   1 
ATOM   789  C CB  . THR B 1 4  ? -12.990 -5.490  -6.953  1.00 15.81 ? 204 THR B CB  1 
ATOM   790  O OG1 . THR B 1 4  ? -12.961 -4.692  -8.138  1.00 14.89 ? 204 THR B OG1 1 
ATOM   791  C CG2 . THR B 1 4  ? -14.434 -5.868  -6.634  1.00 15.63 ? 204 THR B CG2 1 
ATOM   792  N N   . LEU B 1 5  ? -10.034 -5.260  -6.168  1.00 13.95 ? 205 LEU B N   1 
ATOM   793  C CA  . LEU B 1 5  ? -8.627  -4.946  -6.383  1.00 12.55 ? 205 LEU B CA  1 
ATOM   794  C C   . LEU B 1 5  ? -8.000  -5.413  -7.697  1.00 13.19 ? 205 LEU B C   1 
ATOM   795  O O   . LEU B 1 5  ? -6.775  -5.505  -7.810  1.00 12.25 ? 205 LEU B O   1 
ATOM   796  C CB  . LEU B 1 5  ? -7.813  -5.454  -5.189  1.00 13.20 ? 205 LEU B CB  1 
ATOM   797  C CG  . LEU B 1 5  ? -8.226  -4.876  -3.829  1.00 15.45 ? 205 LEU B CG  1 
ATOM   798  C CD1 . LEU B 1 5  ? -7.541  -5.646  -2.728  1.00 14.76 ? 205 LEU B CD1 1 
ATOM   799  C CD2 . LEU B 1 5  ? -7.912  -3.380  -3.741  1.00 10.51 ? 205 LEU B CD2 1 
ATOM   800  N N   . TRP B 1 6  ? -8.829  -5.692  -8.694  1.00 13.72 ? 206 TRP B N   1 
ATOM   801  C CA  . TRP B 1 6  ? -8.319  -6.134  -9.987  1.00 13.09 ? 206 TRP B CA  1 
ATOM   802  C C   . TRP B 1 6  ? -7.530  -5.019  -10.648 1.00 14.38 ? 206 TRP B C   1 
ATOM   803  O O   . TRP B 1 6  ? -6.608  -5.271  -11.420 1.00 16.26 ? 206 TRP B O   1 
ATOM   804  C CB  . TRP B 1 6  ? -9.471  -6.605  -10.863 1.00 12.68 ? 206 TRP B CB  1 
ATOM   805  C CG  . TRP B 1 6  ? -10.197 -7.713  -10.201 1.00 13.21 ? 206 TRP B CG  1 
ATOM   806  C CD1 . TRP B 1 6  ? -11.366 -7.625  -9.501  1.00 13.66 ? 206 TRP B CD1 1 
ATOM   807  C CD2 . TRP B 1 6  ? -9.771  -9.076  -10.108 1.00 14.44 ? 206 TRP B CD2 1 
ATOM   808  N NE1 . TRP B 1 6  ? -11.689 -8.852  -8.969  1.00 14.18 ? 206 TRP B NE1 1 
ATOM   809  C CE2 . TRP B 1 6  ? -10.728 -9.761  -9.328  1.00 15.51 ? 206 TRP B CE2 1 
ATOM   810  C CE3 . TRP B 1 6  ? -8.670  -9.790  -10.609 1.00 14.19 ? 206 TRP B CE3 1 
ATOM   811  C CZ2 . TRP B 1 6  ? -10.622 -11.128 -9.036  1.00 15.16 ? 206 TRP B CZ2 1 
ATOM   812  C CZ3 . TRP B 1 6  ? -8.565  -11.152 -10.318 1.00 14.48 ? 206 TRP B CZ3 1 
ATOM   813  C CH2 . TRP B 1 6  ? -9.538  -11.803 -9.539  1.00 14.50 ? 206 TRP B CH2 1 
ATOM   814  N N   . GLN B 1 7  ? -7.894  -3.784  -10.319 1.00 15.29 ? 207 GLN B N   1 
ATOM   815  C CA  . GLN B 1 7  ? -7.213  -2.601  -10.817 1.00 16.55 ? 207 GLN B CA  1 
ATOM   816  C C   . GLN B 1 7  ? -6.774  -1.772  -9.614  1.00 15.16 ? 207 GLN B C   1 
ATOM   817  O O   . GLN B 1 7  ? -7.189  -2.035  -8.487  1.00 14.01 ? 207 GLN B O   1 
ATOM   818  C CB  . GLN B 1 7  ? -8.143  -1.762  -11.684 1.00 20.46 ? 207 GLN B CB  1 
ATOM   819  C CG  . GLN B 1 7  ? -8.382  -2.333  -13.056 1.00 32.71 ? 207 GLN B CG  1 
ATOM   820  C CD  . GLN B 1 7  ? -8.848  -1.267  -14.023 1.00 41.75 ? 207 GLN B CD  1 
ATOM   821  O OE1 . GLN B 1 7  ? -9.938  -0.708  -13.871 1.00 46.22 ? 207 GLN B OE1 1 
ATOM   822  N NE2 . GLN B 1 7  ? -8.003  -0.946  -15.003 1.00 43.52 ? 207 GLN B NE2 1 
ATOM   823  N N   . ARG B 1 8  ? -5.918  -0.785  -9.846  1.00 14.90 ? 208 ARG B N   1 
ATOM   824  C CA  . ARG B 1 8  ? -5.468  0.070   -8.755  1.00 14.30 ? 208 ARG B CA  1 
ATOM   825  C C   . ARG B 1 8  ? -6.655  0.834   -8.189  1.00 11.98 ? 208 ARG B C   1 
ATOM   826  O O   . ARG B 1 8  ? -7.461  1.377   -8.941  1.00 12.39 ? 208 ARG B O   1 
ATOM   827  C CB  . ARG B 1 8  ? -4.401  1.053   -9.242  1.00 14.92 ? 208 ARG B CB  1 
ATOM   828  C CG  . ARG B 1 8  ? -3.005  0.472   -9.208  1.00 21.86 ? 208 ARG B CG  1 
ATOM   829  C CD  . ARG B 1 8  ? -1.962  1.489   -9.596  1.00 26.25 ? 208 ARG B CD  1 
ATOM   830  N NE  . ARG B 1 8  ? -1.707  1.481   -11.031 1.00 36.59 ? 208 ARG B NE  1 
ATOM   831  C CZ  . ARG B 1 8  ? -0.499  1.345   -11.574 1.00 39.52 ? 208 ARG B CZ  1 
ATOM   832  N NH1 . ARG B 1 8  ? -0.363  1.349   -12.893 1.00 39.71 ? 208 ARG B NH1 1 
ATOM   833  N NH2 . ARG B 1 8  ? 0.577   1.211   -10.805 1.00 41.40 ? 208 ARG B NH2 1 
ATOM   834  N N   . PRO B 1 9  ? -6.812  0.822   -6.851  1.00 12.48 ? 209 PRO B N   1 
ATOM   835  C CA  . PRO B 1 9  ? -7.917  1.532   -6.202  1.00 12.33 ? 209 PRO B CA  1 
ATOM   836  C C   . PRO B 1 9  ? -7.679  3.048   -6.159  1.00 12.57 ? 209 PRO B C   1 
ATOM   837  O O   . PRO B 1 9  ? -7.442  3.632   -5.102  1.00 11.66 ? 209 PRO B O   1 
ATOM   838  C CB  . PRO B 1 9  ? -7.955  0.891   -4.811  1.00 13.48 ? 209 PRO B CB  1 
ATOM   839  C CG  . PRO B 1 9  ? -6.526  0.547   -4.557  1.00 13.09 ? 209 PRO B CG  1 
ATOM   840  C CD  . PRO B 1 9  ? -6.080  -0.015  -5.883  1.00 13.94 ? 209 PRO B CD  1 
ATOM   841  N N   . LEU B 1 10 ? -7.717  3.660   -7.340  1.00 13.63 ? 210 LEU B N   1 
ATOM   842  C CA  . LEU B 1 10 ? -7.530  5.099   -7.509  1.00 15.48 ? 210 LEU B CA  1 
ATOM   843  C C   . LEU B 1 10 ? -8.872  5.783   -7.351  1.00 15.51 ? 210 LEU B C   1 
ATOM   844  O O   . LEU B 1 10 ? -9.856  5.378   -7.970  1.00 19.21 ? 210 LEU B O   1 
ATOM   845  C CB  . LEU B 1 10 ? -6.977  5.406   -8.899  1.00 15.38 ? 210 LEU B CB  1 
ATOM   846  C CG  . LEU B 1 10 ? -5.605  4.836   -9.242  1.00 17.56 ? 210 LEU B CG  1 
ATOM   847  C CD1 . LEU B 1 10 ? -5.354  5.010   -10.726 1.00 19.16 ? 210 LEU B CD1 1 
ATOM   848  C CD2 . LEU B 1 10 ? -4.531  5.536   -8.420  1.00 18.34 ? 210 LEU B CD2 1 
ATOM   849  N N   . VAL B 1 11 ? -8.911  6.808   -6.510  1.00 14.35 ? 211 VAL B N   1 
ATOM   850  C CA  . VAL B 1 11 ? -10.128 7.563   -6.254  1.00 15.11 ? 211 VAL B CA  1 
ATOM   851  C C   . VAL B 1 11 ? -9.851  9.052   -6.375  1.00 15.32 ? 211 VAL B C   1 
ATOM   852  O O   . VAL B 1 11 ? -8.697  9.478   -6.444  1.00 14.39 ? 211 VAL B O   1 
ATOM   853  C CB  . VAL B 1 11 ? -10.688 7.286   -4.840  1.00 14.92 ? 211 VAL B CB  1 
ATOM   854  C CG1 . VAL B 1 11 ? -11.050 5.810   -4.690  1.00 15.50 ? 211 VAL B CG1 1 
ATOM   855  C CG2 . VAL B 1 11 ? -9.683  7.724   -3.771  1.00 12.78 ? 211 VAL B CG2 1 
ATOM   856  N N   . THR B 1 12 ? -10.920 9.836   -6.449  1.00 15.28 ? 212 THR B N   1 
ATOM   857  C CA  . THR B 1 12 ? -10.799 11.283  -6.541  1.00 15.17 ? 212 THR B CA  1 
ATOM   858  C C   . THR B 1 12 ? -10.876 11.839  -5.126  1.00 14.24 ? 212 THR B C   1 
ATOM   859  O O   . THR B 1 12 ? -11.733 11.440  -4.331  1.00 14.74 ? 212 THR B O   1 
ATOM   860  C CB  . THR B 1 12 ? -11.939 11.902  -7.392  1.00 16.03 ? 212 THR B CB  1 
ATOM   861  O OG1 . THR B 1 12 ? -11.886 11.366  -8.717  1.00 19.87 ? 212 THR B OG1 1 
ATOM   862  C CG2 . THR B 1 12 ? -11.792 13.416  -7.478  1.00 16.59 ? 212 THR B CG2 1 
ATOM   863  N N   . ILE B 1 13 ? -9.924  12.702  -4.798  1.00 13.25 ? 213 ILE B N   1 
ATOM   864  C CA  . ILE B 1 13 ? -9.874  13.350  -3.499  1.00 12.33 ? 213 ILE B CA  1 
ATOM   865  C C   . ILE B 1 13 ? -9.980  14.850  -3.749  1.00 12.45 ? 213 ILE B C   1 
ATOM   866  O O   . ILE B 1 13 ? -9.758  15.312  -4.866  1.00 12.51 ? 213 ILE B O   1 
ATOM   867  C CB  . ILE B 1 13 ? -8.537  13.072  -2.758  1.00 13.35 ? 213 ILE B CB  1 
ATOM   868  C CG1 . ILE B 1 13 ? -7.352  13.648  -3.542  1.00 13.80 ? 213 ILE B CG1 1 
ATOM   869  C CG2 . ILE B 1 13 ? -8.362  11.578  -2.522  1.00 14.60 ? 213 ILE B CG2 1 
ATOM   870  C CD1 . ILE B 1 13 ? -6.047  13.687  -2.758  1.00 14.93 ? 213 ILE B CD1 1 
ATOM   871  N N   . LYS B 1 14 ? -10.351 15.605  -2.722  1.00 13.13 ? 214 LYS B N   1 
ATOM   872  C CA  . LYS B 1 14 ? -10.437 17.052  -2.849  1.00 13.56 ? 214 LYS B CA  1 
ATOM   873  C C   . LYS B 1 14 ? -9.638  17.652  -1.710  1.00 13.78 ? 214 LYS B C   1 
ATOM   874  O O   . LYS B 1 14 ? -9.881  17.355  -0.547  1.00 13.67 ? 214 LYS B O   1 
ATOM   875  C CB  . LYS B 1 14 ? -11.879 17.556  -2.771  1.00 12.12 ? 214 LYS B CB  1 
ATOM   876  C CG  . LYS B 1 14 ? -11.996 18.983  -3.303  1.00 15.14 ? 214 LYS B CG  1 
ATOM   877  C CD  . LYS B 1 14 ? -13.125 19.775  -2.696  1.00 16.30 ? 214 LYS B CD  1 
ATOM   878  C CE  . LYS B 1 14 ? -14.437 19.059  -2.790  1.00 20.07 ? 214 LYS B CE  1 
ATOM   879  N NZ  . LYS B 1 14 ? -15.561 19.982  -2.486  1.00 19.75 ? 214 LYS B NZ  1 
ATOM   880  N N   . ILE B 1 15 ? -8.678  18.497  -2.055  1.00 15.02 ? 215 ILE B N   1 
ATOM   881  C CA  . ILE B 1 15 ? -7.839  19.142  -1.062  1.00 16.28 ? 215 ILE B CA  1 
ATOM   882  C C   . ILE B 1 15 ? -7.433  20.501  -1.623  1.00 17.94 ? 215 ILE B C   1 
ATOM   883  O O   . ILE B 1 15 ? -6.970  20.601  -2.763  1.00 17.91 ? 215 ILE B O   1 
ATOM   884  C CB  . ILE B 1 15 ? -6.605  18.260  -0.725  1.00 15.13 ? 215 ILE B CB  1 
ATOM   885  C CG1 . ILE B 1 15 ? -5.745  18.915  0.362   1.00 14.45 ? 215 ILE B CG1 1 
ATOM   886  C CG2 . ILE B 1 15 ? -5.814  17.939  -1.989  1.00 15.88 ? 215 ILE B CG2 1 
ATOM   887  C CD1 . ILE B 1 15 ? -4.643  18.015  0.885   1.00 14.11 ? 215 ILE B CD1 1 
ATOM   888  N N   . GLY B 1 16 ? -7.673  21.547  -0.835  1.00 18.85 ? 216 GLY B N   1 
ATOM   889  C CA  . GLY B 1 16 ? -7.362  22.893  -1.275  1.00 19.25 ? 216 GLY B CA  1 
ATOM   890  C C   . GLY B 1 16 ? -8.305  23.337  -2.383  1.00 19.42 ? 216 GLY B C   1 
ATOM   891  O O   . GLY B 1 16 ? -7.925  24.122  -3.250  1.00 19.93 ? 216 GLY B O   1 
ATOM   892  N N   . GLY B 1 17 ? -9.519  22.793  -2.378  1.00 18.53 ? 217 GLY B N   1 
ATOM   893  C CA  . GLY B 1 17 ? -10.512 23.144  -3.382  1.00 20.42 ? 217 GLY B CA  1 
ATOM   894  C C   . GLY B 1 17 ? -10.301 22.530  -4.759  1.00 21.29 ? 217 GLY B C   1 
ATOM   895  O O   . GLY B 1 17 ? -11.063 22.807  -5.691  1.00 19.11 ? 217 GLY B O   1 
ATOM   896  N N   . GLN B 1 18 ? -9.297  21.666  -4.889  1.00 19.75 ? 218 GLN B N   1 
ATOM   897  C CA  . GLN B 1 18 ? -9.001  21.043  -6.170  1.00 20.72 ? 218 GLN B CA  1 
ATOM   898  C C   . GLN B 1 18 ? -9.094  19.526  -6.104  1.00 18.49 ? 218 GLN B C   1 
ATOM   899  O O   . GLN B 1 18 ? -8.840  18.918  -5.062  1.00 16.36 ? 218 GLN B O   1 
ATOM   900  C CB  . GLN B 1 18 ? -7.613  21.471  -6.649  1.00 26.36 ? 218 GLN B CB  1 
ATOM   901  C CG  . GLN B 1 18 ? -6.488  21.073  -5.695  1.00 38.49 ? 218 GLN B CG  1 
ATOM   902  C CD  . GLN B 1 18 ? -5.225  21.922  -5.832  1.00 44.84 ? 218 GLN B CD  1 
ATOM   903  O OE1 . GLN B 1 18 ? -4.292  21.792  -5.034  1.00 46.04 ? 218 GLN B OE1 1 
ATOM   904  N NE2 . GLN B 1 18 ? -5.191  22.798  -6.839  1.00 48.05 ? 218 GLN B NE2 1 
ATOM   905  N N   . LEU B 1 19 ? -9.481  18.927  -7.226  1.00 16.47 ? 219 LEU B N   1 
ATOM   906  C CA  . LEU B 1 19 ? -9.614  17.482  -7.332  1.00 14.94 ? 219 LEU B CA  1 
ATOM   907  C C   . LEU B 1 19 ? -8.304  16.871  -7.816  1.00 15.55 ? 219 LEU B C   1 
ATOM   908  O O   . LEU B 1 19 ? -7.644  17.407  -8.716  1.00 14.19 ? 219 LEU B O   1 
ATOM   909  C CB  . LEU B 1 19 ? -10.733 17.108  -8.309  1.00 16.45 ? 219 LEU B CB  1 
ATOM   910  C CG  . LEU B 1 19 ? -12.152 17.623  -8.037  1.00 16.82 ? 219 LEU B CG  1 
ATOM   911  C CD1 . LEU B 1 19 ? -13.077 17.180  -9.157  1.00 18.26 ? 219 LEU B CD1 1 
ATOM   912  C CD2 . LEU B 1 19 ? -12.651 17.103  -6.695  1.00 16.89 ? 219 LEU B CD2 1 
ATOM   913  N N   . LYS B 1 20 ? -7.946  15.745  -7.210  1.00 15.01 ? 220 LYS B N   1 
ATOM   914  C CA  . LYS B 1 20 ? -6.737  15.005  -7.546  1.00 14.88 ? 220 LYS B CA  1 
ATOM   915  C C   . LYS B 1 20 ? -7.054  13.507  -7.471  1.00 14.68 ? 220 LYS B C   1 
ATOM   916  O O   . LYS B 1 20 ? -8.054  13.104  -6.881  1.00 15.51 ? 220 LYS B O   1 
ATOM   917  C CB  . LYS B 1 20 ? -5.619  15.324  -6.545  1.00 15.20 ? 220 LYS B CB  1 
ATOM   918  C CG  . LYS B 1 20 ? -5.156  16.770  -6.512  1.00 17.43 ? 220 LYS B CG  1 
ATOM   919  C CD  . LYS B 1 20 ? -4.189  16.983  -5.355  1.00 20.18 ? 220 LYS B CD  1 
ATOM   920  C CE  . LYS B 1 20 ? -3.774  18.442  -5.212  1.00 24.12 ? 220 LYS B CE  1 
ATOM   921  N NZ  . LYS B 1 20 ? -2.965  18.954  -6.360  1.00 26.45 ? 220 LYS B NZ  1 
ATOM   922  N N   . GLU B 1 21 ? -6.220  12.694  -8.108  1.00 14.61 ? 221 GLU B N   1 
ATOM   923  C CA  . GLU B 1 21 ? -6.380  11.242  -8.082  1.00 15.61 ? 221 GLU B CA  1 
ATOM   924  C C   . GLU B 1 21 ? -5.404  10.674  -7.059  1.00 14.58 ? 221 GLU B C   1 
ATOM   925  O O   . GLU B 1 21 ? -4.217  11.006  -7.078  1.00 12.79 ? 221 GLU B O   1 
ATOM   926  C CB  . GLU B 1 21 ? -6.071  10.643  -9.451  1.00 20.14 ? 221 GLU B CB  1 
ATOM   927  C CG  . GLU B 1 21 ? -7.162  10.847  -10.495 1.00 34.93 ? 221 GLU B CG  1 
ATOM   928  C CD  . GLU B 1 21 ? -8.425  10.044  -10.200 1.00 40.56 ? 221 GLU B CD  1 
ATOM   929  O OE1 . GLU B 1 21 ? -9.421  10.654  -9.746  1.00 42.39 ? 221 GLU B OE1 1 
ATOM   930  O OE2 . GLU B 1 21 ? -8.418  8.811   -10.429 1.00 43.54 ? 221 GLU B OE2 1 
ATOM   931  N N   . ALA B 1 22 ? -5.895  9.814   -6.173  1.00 13.28 ? 222 ALA B N   1 
ATOM   932  C CA  . ALA B 1 22 ? -5.041  9.213   -5.155  1.00 12.81 ? 222 ALA B CA  1 
ATOM   933  C C   . ALA B 1 22 ? -5.294  7.721   -5.033  1.00 13.49 ? 222 ALA B C   1 
ATOM   934  O O   . ALA B 1 22 ? -6.375  7.230   -5.362  1.00 14.52 ? 222 ALA B O   1 
ATOM   935  C CB  . ALA B 1 22 ? -5.253  9.895   -3.813  1.00 10.38 ? 222 ALA B CB  1 
ATOM   936  N N   . LEU B 1 23 ? -4.299  7.016   -4.511  1.00 11.91 ? 223 LEU B N   1 
ATOM   937  C CA  . LEU B 1 23 ? -4.359  5.573   -4.340  1.00 12.96 ? 223 LEU B CA  1 
ATOM   938  C C   . LEU B 1 23 ? -4.702  5.161   -2.905  1.00 13.46 ? 223 LEU B C   1 
ATOM   939  O O   . LEU B 1 23 ? -4.020  5.566   -1.965  1.00 13.16 ? 223 LEU B O   1 
ATOM   940  C CB  . LEU B 1 23 ? -3.000  4.984   -4.741  1.00 13.76 ? 223 LEU B CB  1 
ATOM   941  C CG  . LEU B 1 23 ? -2.785  3.473   -4.741  1.00 13.73 ? 223 LEU B CG  1 
ATOM   942  C CD1 . LEU B 1 23 ? -3.636  2.838   -5.825  1.00 14.36 ? 223 LEU B CD1 1 
ATOM   943  C CD2 . LEU B 1 23 ? -1.307  3.170   -4.976  1.00 13.39 ? 223 LEU B CD2 1 
ATOM   944  N N   . LEU B 1 24 ? -5.775  4.385   -2.739  1.00 13.02 ? 224 LEU B N   1 
ATOM   945  C CA  . LEU B 1 24 ? -6.177  3.882   -1.420  1.00 12.91 ? 224 LEU B CA  1 
ATOM   946  C C   . LEU B 1 24 ? -5.107  2.848   -1.081  1.00 13.16 ? 224 LEU B C   1 
ATOM   947  O O   . LEU B 1 24 ? -5.044  1.780   -1.694  1.00 13.15 ? 224 LEU B O   1 
ATOM   948  C CB  . LEU B 1 24 ? -7.560  3.236   -1.484  1.00 12.42 ? 224 LEU B CB  1 
ATOM   949  C CG  . LEU B 1 24 ? -8.682  4.182   -1.917  1.00 14.44 ? 224 LEU B CG  1 
ATOM   950  C CD1 . LEU B 1 24 ? -10.015 3.438   -1.903  1.00 11.30 ? 224 LEU B CD1 1 
ATOM   951  C CD2 . LEU B 1 24 ? -8.720  5.394   -0.983  1.00 13.18 ? 224 LEU B CD2 1 
ATOM   952  N N   . ASP B 1 25 ? -4.283  3.181   -0.094  1.00 11.89 ? 225 ASP B N   1 
ATOM   953  C CA  . ASP B 1 25 ? -3.138  2.366   0.283   1.00 12.06 ? 225 ASP B CA  1 
ATOM   954  C C   . ASP B 1 25 ? -3.133  1.833   1.714   1.00 12.14 ? 225 ASP B C   1 
ATOM   955  O O   . ASP B 1 25 ? -2.691  2.514   2.634   1.00 13.46 ? 225 ASP B O   1 
ATOM   956  C CB  . ASP B 1 25 ? -1.882  3.217   0.040   1.00 13.03 ? 225 ASP B CB  1 
ATOM   957  C CG  . ASP B 1 25 ? -0.619  2.397   -0.089  1.00 13.18 ? 225 ASP B CG  1 
ATOM   958  O OD1 . ASP B 1 25 ? -0.613  1.212   0.309   1.00 16.34 ? 225 ASP B OD1 1 
ATOM   959  O OD2 . ASP B 1 25 ? 0.377   2.952   -0.593  1.00 15.39 ? 225 ASP B OD2 1 
ATOM   960  N N   . THR B 1 26 ? -3.538  0.580   1.882   1.00 10.69 ? 226 THR B N   1 
ATOM   961  C CA  . THR B 1 26 ? -3.563  -0.028  3.205   1.00 11.04 ? 226 THR B CA  1 
ATOM   962  C C   . THR B 1 26 ? -2.156  -0.350  3.730   1.00 11.22 ? 226 THR B C   1 
ATOM   963  O O   . THR B 1 26 ? -1.976  -0.590  4.929   1.00 11.61 ? 226 THR B O   1 
ATOM   964  C CB  . THR B 1 26 ? -4.426  -1.308  3.215   1.00 10.55 ? 226 THR B CB  1 
ATOM   965  O OG1 . THR B 1 26 ? -3.905  -2.245  2.267   1.00 10.22 ? 226 THR B OG1 1 
ATOM   966  C CG2 . THR B 1 26 ? -5.869  -0.978  2.860   1.00 10.62 ? 226 THR B CG2 1 
ATOM   967  N N   . GLY B 1 27 ? -1.169  -0.360  2.834   1.00 10.59 ? 227 GLY B N   1 
ATOM   968  C CA  . GLY B 1 27 ? 0.200   -0.638  3.236   1.00 10.91 ? 227 GLY B CA  1 
ATOM   969  C C   . GLY B 1 27 ? 0.952   0.613   3.668   1.00 12.07 ? 227 GLY B C   1 
ATOM   970  O O   . GLY B 1 27 ? 2.137   0.555   4.008   1.00 12.04 ? 227 GLY B O   1 
ATOM   971  N N   . ALA B 1 28 ? 0.258   1.747   3.650   1.00 10.59 ? 228 ALA B N   1 
ATOM   972  C CA  . ALA B 1 28 ? 0.840   3.029   4.031   1.00 10.55 ? 228 ALA B CA  1 
ATOM   973  C C   . ALA B 1 28 ? 0.281   3.499   5.367   1.00 11.11 ? 228 ALA B C   1 
ATOM   974  O O   . ALA B 1 28 ? -0.934  3.580   5.532   1.00 10.64 ? 228 ALA B O   1 
ATOM   975  C CB  . ALA B 1 28 ? 0.549   4.066   2.954   1.00 11.96 ? 228 ALA B CB  1 
ATOM   976  N N   . ASP B 1 29 ? 1.162   3.789   6.327   1.00 10.71 ? 229 ASP B N   1 
ATOM   977  C CA  . ASP B 1 29 ? 0.722   4.280   7.637   1.00 12.47 ? 229 ASP B CA  1 
ATOM   978  C C   . ASP B 1 29 ? 0.173   5.696   7.482   1.00 11.93 ? 229 ASP B C   1 
ATOM   979  O O   . ASP B 1 29 ? -0.839  6.055   8.089   1.00 11.93 ? 229 ASP B O   1 
ATOM   980  C CB  . ASP B 1 29 ? 1.888   4.350   8.632   1.00 11.97 ? 229 ASP B CB  1 
ATOM   981  C CG  . ASP B 1 29 ? 2.536   3.002   8.893   1.00 17.09 ? 229 ASP B CG  1 
ATOM   982  O OD1 . ASP B 1 29 ? 1.887   1.947   8.711   1.00 12.55 ? 229 ASP B OD1 1 
ATOM   983  O OD2 . ASP B 1 29 ? 3.715   3.009   9.300   1.00 17.41 ? 229 ASP B OD2 1 
ATOM   984  N N   . ASP B 1 30 ? 0.856   6.487   6.658   1.00 11.72 ? 230 ASP B N   1 
ATOM   985  C CA  . ASP B 1 30 ? 0.493   7.877   6.430   1.00 12.83 ? 230 ASP B CA  1 
ATOM   986  C C   . ASP B 1 30 ? 0.099   8.212   4.997   1.00 12.69 ? 230 ASP B C   1 
ATOM   987  O O   . ASP B 1 30 ? 0.388   7.469   4.054   1.00 14.08 ? 230 ASP B O   1 
ATOM   988  C CB  . ASP B 1 30 ? 1.663   8.782   6.824   1.00 16.29 ? 230 ASP B CB  1 
ATOM   989  C CG  . ASP B 1 30 ? 2.322   8.356   8.120   1.00 19.13 ? 230 ASP B CG  1 
ATOM   990  O OD1 . ASP B 1 30 ? 1.626   8.308   9.150   1.00 18.45 ? 230 ASP B OD1 1 
ATOM   991  O OD2 . ASP B 1 30 ? 3.534   8.056   8.097   1.00 23.82 ? 230 ASP B OD2 1 
ATOM   992  N N   . THR B 1 31 ? -0.539  9.368   4.858   1.00 12.56 ? 231 THR B N   1 
ATOM   993  C CA  . THR B 1 31 ? -0.978  9.889   3.572   1.00 12.41 ? 231 THR B CA  1 
ATOM   994  C C   . THR B 1 31 ? 0.127   10.793  3.019   1.00 13.60 ? 231 THR B C   1 
ATOM   995  O O   . THR B 1 31 ? 0.548   11.748  3.681   1.00 13.46 ? 231 THR B O   1 
ATOM   996  C CB  . THR B 1 31 ? -2.278  10.686  3.743   1.00 12.05 ? 231 THR B CB  1 
ATOM   997  O OG1 . THR B 1 31 ? -3.326  9.796   4.157   1.00 12.33 ? 231 THR B OG1 1 
ATOM   998  C CG2 . THR B 1 31 ? -2.667  11.383  2.448   1.00 11.86 ? 231 THR B CG2 1 
ATOM   999  N N   . VAL B 1 32 ? 0.618   10.457  1.827   1.00 11.47 ? 232 VAL B N   1 
ATOM   1000 C CA  . VAL B 1 32 ? 1.692   11.218  1.191   1.00 12.74 ? 232 VAL B CA  1 
ATOM   1001 C C   . VAL B 1 32 ? 1.232   11.709  -0.178  1.00 13.78 ? 232 VAL B C   1 
ATOM   1002 O O   . VAL B 1 32 ? 0.864   10.910  -1.036  1.00 11.81 ? 232 VAL B O   1 
ATOM   1003 C CB  . VAL B 1 32 ? 2.981   10.352  1.010   1.00 14.10 ? 232 VAL B CB  1 
ATOM   1004 C CG1 . VAL B 1 32 ? 4.165   11.232  0.602   1.00 13.74 ? 232 VAL B CG1 1 
ATOM   1005 C CG2 . VAL B 1 32 ? 3.308   9.591   2.288   1.00 13.63 ? 232 VAL B CG2 1 
ATOM   1006 N N   . LEU B 1 33 ? 1.264   13.022  -0.379  1.00 13.24 ? 233 LEU B N   1 
ATOM   1007 C CA  . LEU B 1 33 ? 0.847   13.625  -1.641  1.00 12.50 ? 233 LEU B CA  1 
ATOM   1008 C C   . LEU B 1 33 ? 1.999   14.294  -2.378  1.00 14.43 ? 233 LEU B C   1 
ATOM   1009 O O   . LEU B 1 33 ? 2.980   14.735  -1.769  1.00 14.23 ? 233 LEU B O   1 
ATOM   1010 C CB  . LEU B 1 33 ? -0.255  14.662  -1.396  1.00 12.51 ? 233 LEU B CB  1 
ATOM   1011 C CG  . LEU B 1 33 ? -1.511  14.228  -0.632  1.00 13.01 ? 233 LEU B CG  1 
ATOM   1012 C CD1 . LEU B 1 33 ? -2.473  15.396  -0.544  1.00 16.05 ? 233 LEU B CD1 1 
ATOM   1013 C CD2 . LEU B 1 33 ? -2.179  13.050  -1.311  1.00 13.58 ? 233 LEU B CD2 1 
ATOM   1014 N N   . GLU B 1 34 ? 1.853   14.370  -3.696  1.00 13.81 ? 234 GLU B N   1 
ATOM   1015 C CA  . GLU B 1 34 ? 2.830   15.000  -4.573  1.00 17.09 ? 234 GLU B CA  1 
ATOM   1016 C C   . GLU B 1 34 ? 2.919   16.484  -4.202  1.00 16.18 ? 234 GLU B C   1 
ATOM   1017 O O   . GLU B 1 34 ? 2.028   17.021  -3.536  1.00 15.70 ? 234 GLU B O   1 
ATOM   1018 C CB  . GLU B 1 34 ? 2.373   14.859  -6.031  1.00 19.03 ? 234 GLU B CB  1 
ATOM   1019 C CG  . GLU B 1 34 ? 2.120   13.418  -6.484  1.00 21.58 ? 234 GLU B CG  1 
ATOM   1020 C CD  . GLU B 1 34 ? 1.246   13.321  -7.736  1.00 24.79 ? 234 GLU B CD  1 
ATOM   1021 O OE1 . GLU B 1 34 ? 1.125   14.323  -8.475  1.00 24.71 ? 234 GLU B OE1 1 
ATOM   1022 O OE2 . GLU B 1 34 ? 0.668   12.236  -7.975  1.00 26.74 ? 234 GLU B OE2 1 
ATOM   1023 N N   . GLU B 1 35 ? 3.981   17.144  -4.655  1.00 17.14 ? 235 GLU B N   1 
ATOM   1024 C CA  . GLU B 1 35 ? 4.206   18.562  -4.380  1.00 19.39 ? 235 GLU B CA  1 
ATOM   1025 C C   . GLU B 1 35 ? 2.961   19.429  -4.612  1.00 18.27 ? 235 GLU B C   1 
ATOM   1026 O O   . GLU B 1 35 ? 2.311   19.351  -5.656  1.00 17.13 ? 235 GLU B O   1 
ATOM   1027 C CB  . GLU B 1 35 ? 5.370   19.077  -5.232  1.00 19.87 ? 235 GLU B CB  1 
ATOM   1028 C CG  . GLU B 1 35 ? 5.818   20.491  -4.889  1.00 27.72 ? 235 GLU B CG  1 
ATOM   1029 C CD  . GLU B 1 35 ? 6.218   20.641  -3.429  1.00 28.71 ? 235 GLU B CD  1 
ATOM   1030 O OE1 . GLU B 1 35 ? 7.072   19.857  -2.955  1.00 31.77 ? 235 GLU B OE1 1 
ATOM   1031 O OE2 . GLU B 1 35 ? 5.672   21.544  -2.758  1.00 31.16 ? 235 GLU B OE2 1 
ATOM   1032 N N   . MET B 1 36 ? 2.625   20.230  -3.607  1.00 18.70 ? 236 MET B N   1 
ATOM   1033 C CA  . MET B 1 36 ? 1.477   21.126  -3.671  1.00 19.65 ? 236 MET B CA  1 
ATOM   1034 C C   . MET B 1 36 ? 1.574   22.146  -2.537  1.00 20.22 ? 236 MET B C   1 
ATOM   1035 O O   . MET B 1 36 ? 2.395   22.005  -1.630  1.00 19.53 ? 236 MET B O   1 
ATOM   1036 C CB  . MET B 1 36 ? 0.164   20.345  -3.545  1.00 18.89 ? 236 MET B CB  1 
ATOM   1037 C CG  . MET B 1 36 ? -0.060  19.745  -2.169  1.00 20.56 ? 236 MET B CG  1 
ATOM   1038 S SD  . MET B 1 36 ? -1.692  18.999  -1.998  1.00 23.08 ? 236 MET B SD  1 
ATOM   1039 C CE  . MET B 1 36 ? -2.748  20.455  -2.021  1.00 22.37 ? 236 MET B CE  1 
ATOM   1040 N N   . SER B 1 37 ? 0.736   23.175  -2.596  1.00 20.71 ? 237 SER B N   1 
ATOM   1041 C CA  . SER B 1 37 ? 0.735   24.197  -1.558  1.00 22.33 ? 237 SER B CA  1 
ATOM   1042 C C   . SER B 1 37 ? -0.356  23.936  -0.527  1.00 21.08 ? 237 SER B C   1 
ATOM   1043 O O   . SER B 1 37 ? -1.502  23.637  -0.877  1.00 21.25 ? 237 SER B O   1 
ATOM   1044 C CB  . SER B 1 37 ? 0.543   25.592  -2.167  1.00 24.88 ? 237 SER B CB  1 
ATOM   1045 O OG  . SER B 1 37 ? 1.658   25.952  -2.968  1.00 31.48 ? 237 SER B OG  1 
ATOM   1046 N N   . LEU B 1 38 ? 0.021   24.012  0.745   1.00 19.68 ? 238 LEU B N   1 
ATOM   1047 C CA  . LEU B 1 38 ? -0.913  23.830  1.847   1.00 20.42 ? 238 LEU B CA  1 
ATOM   1048 C C   . LEU B 1 38 ? -0.701  24.981  2.836   1.00 22.19 ? 238 LEU B C   1 
ATOM   1049 O O   . LEU B 1 38 ? 0.413   25.487  2.975   1.00 21.75 ? 238 LEU B O   1 
ATOM   1050 C CB  . LEU B 1 38 ? -0.708  22.472  2.527   1.00 19.99 ? 238 LEU B CB  1 
ATOM   1051 C CG  . LEU B 1 38 ? -1.272  21.254  1.782   1.00 19.82 ? 238 LEU B CG  1 
ATOM   1052 C CD1 . LEU B 1 38 ? -0.956  19.971  2.542   1.00 20.34 ? 238 LEU B CD1 1 
ATOM   1053 C CD2 . LEU B 1 38 ? -2.780  21.413  1.613   1.00 20.88 ? 238 LEU B CD2 1 
ATOM   1054 N N   . PRO B 1 39 ? -1.775  25.423  3.516   1.00 21.37 ? 239 PRO B N   1 
ATOM   1055 C CA  . PRO B 1 39 ? -1.707  26.521  4.486   1.00 22.58 ? 239 PRO B CA  1 
ATOM   1056 C C   . PRO B 1 39 ? -0.970  26.197  5.789   1.00 22.43 ? 239 PRO B C   1 
ATOM   1057 O O   . PRO B 1 39 ? -0.736  25.029  6.115   1.00 23.01 ? 239 PRO B O   1 
ATOM   1058 C CB  . PRO B 1 39 ? -3.183  26.814  4.755   1.00 21.07 ? 239 PRO B CB  1 
ATOM   1059 C CG  . PRO B 1 39 ? -3.795  25.454  4.682   1.00 21.63 ? 239 PRO B CG  1 
ATOM   1060 C CD  . PRO B 1 39 ? -3.153  24.905  3.422   1.00 21.27 ? 239 PRO B CD  1 
ATOM   1061 N N   . GLY B 1 40 ? -0.589  27.251  6.511   1.00 21.51 ? 240 GLY B N   1 
ATOM   1062 C CA  . GLY B 1 40 ? 0.082   27.097  7.791   1.00 19.20 ? 240 GLY B CA  1 
ATOM   1063 C C   . GLY B 1 40 ? 1.528   26.650  7.802   1.00 17.22 ? 240 GLY B C   1 
ATOM   1064 O O   . GLY B 1 40 ? 2.225   26.700  6.795   1.00 18.43 ? 240 GLY B O   1 
ATOM   1065 N N   . ARG B 1 41 ? 1.986   26.243  8.979   1.00 18.22 ? 241 ARG B N   1 
ATOM   1066 C CA  . ARG B 1 41 ? 3.358   25.784  9.161   1.00 17.46 ? 241 ARG B CA  1 
ATOM   1067 C C   . ARG B 1 41 ? 3.439   24.272  9.046   1.00 17.05 ? 241 ARG B C   1 
ATOM   1068 O O   . ARG B 1 41 ? 2.467   23.568  9.300   1.00 16.21 ? 241 ARG B O   1 
ATOM   1069 C CB  . ARG B 1 41 ? 3.888   26.211  10.536  1.00 17.49 ? 241 ARG B CB  1 
ATOM   1070 C CG  . ARG B 1 41 ? 4.129   27.711  10.691  1.00 18.29 ? 241 ARG B CG  1 
ATOM   1071 C CD  . ARG B 1 41 ? 4.672   28.050  12.078  1.00 18.22 ? 241 ARG B CD  1 
ATOM   1072 N NE  . ARG B 1 41 ? 5.941   27.379  12.369  1.00 18.95 ? 241 ARG B NE  1 
ATOM   1073 C CZ  . ARG B 1 41 ? 7.133   27.802  11.952  1.00 15.63 ? 241 ARG B CZ  1 
ATOM   1074 N NH1 . ARG B 1 41 ? 7.233   28.903  11.217  1.00 13.83 ? 241 ARG B NH1 1 
ATOM   1075 N NH2 . ARG B 1 41 ? 8.228   27.139  12.296  1.00 13.85 ? 241 ARG B NH2 1 
ATOM   1076 N N   . TRP B 1 42 ? 4.613   23.786  8.663   1.00 15.49 ? 242 TRP B N   1 
ATOM   1077 C CA  . TRP B 1 42 ? 4.855   22.358  8.535   1.00 16.64 ? 242 TRP B CA  1 
ATOM   1078 C C   . TRP B 1 42 ? 6.054   21.924  9.379   1.00 17.96 ? 242 TRP B C   1 
ATOM   1079 O O   . TRP B 1 42 ? 6.919   22.742  9.715   1.00 16.46 ? 242 TRP B O   1 
ATOM   1080 C CB  . TRP B 1 42 ? 5.057   21.976  7.064   1.00 15.42 ? 242 TRP B CB  1 
ATOM   1081 C CG  . TRP B 1 42 ? 6.195   22.671  6.380   1.00 15.00 ? 242 TRP B CG  1 
ATOM   1082 C CD1 . TRP B 1 42 ? 6.156   23.874  5.729   1.00 14.05 ? 242 TRP B CD1 1 
ATOM   1083 C CD2 . TRP B 1 42 ? 7.535   22.175  6.233   1.00 14.79 ? 242 TRP B CD2 1 
ATOM   1084 N NE1 . TRP B 1 42 ? 7.385   24.155  5.182   1.00 14.68 ? 242 TRP B NE1 1 
ATOM   1085 C CE2 . TRP B 1 42 ? 8.250   23.132  5.473   1.00 13.78 ? 242 TRP B CE2 1 
ATOM   1086 C CE3 . TRP B 1 42 ? 8.195   21.015  6.662   1.00 13.57 ? 242 TRP B CE3 1 
ATOM   1087 C CZ2 . TRP B 1 42 ? 9.598   22.960  5.133   1.00 11.78 ? 242 TRP B CZ2 1 
ATOM   1088 C CZ3 . TRP B 1 42 ? 9.536   20.843  6.321   1.00 13.38 ? 242 TRP B CZ3 1 
ATOM   1089 C CH2 . TRP B 1 42 ? 10.221  21.813  5.561   1.00 12.58 ? 242 TRP B CH2 1 
ATOM   1090 N N   . LYS B 1 43 ? 6.063   20.645  9.752   1.00 18.27 ? 243 LYS B N   1 
ATOM   1091 C CA  . LYS B 1 43 ? 7.123   20.025  10.556  1.00 18.52 ? 243 LYS B CA  1 
ATOM   1092 C C   . LYS B 1 43 ? 7.837   19.003  9.676   1.00 18.01 ? 243 LYS B C   1 
ATOM   1093 O O   . LYS B 1 43 ? 7.250   18.475  8.731   1.00 18.46 ? 243 LYS B O   1 
ATOM   1094 C CB  . LYS B 1 43 ? 6.518   19.285  11.761  1.00 19.25 ? 243 LYS B CB  1 
ATOM   1095 C CG  . LYS B 1 43 ? 5.895   20.184  12.812  1.00 27.89 ? 243 LYS B CG  1 
ATOM   1096 C CD  . LYS B 1 43 ? 4.814   19.475  13.652  1.00 33.51 ? 243 LYS B CD  1 
ATOM   1097 C CE  . LYS B 1 43 ? 5.353   18.368  14.556  1.00 35.85 ? 243 LYS B CE  1 
ATOM   1098 N NZ  . LYS B 1 43 ? 5.676   17.110  13.830  1.00 37.49 ? 243 LYS B NZ  1 
ATOM   1099 N N   . PRO B 1 44 ? 9.106   18.692  9.982   1.00 17.12 ? 244 PRO B N   1 
ATOM   1100 C CA  . PRO B 1 44 ? 9.840   17.715  9.174   1.00 15.30 ? 244 PRO B CA  1 
ATOM   1101 C C   . PRO B 1 44 ? 9.515   16.275  9.567   1.00 15.97 ? 244 PRO B C   1 
ATOM   1102 O O   . PRO B 1 44 ? 9.235   15.987  10.732  1.00 14.09 ? 244 PRO B O   1 
ATOM   1103 C CB  . PRO B 1 44 ? 11.292  18.047  9.498   1.00 16.19 ? 244 PRO B CB  1 
ATOM   1104 C CG  . PRO B 1 44 ? 11.213  18.401  10.942  1.00 16.10 ? 244 PRO B CG  1 
ATOM   1105 C CD  . PRO B 1 44 ? 9.981   19.281  11.011  1.00 15.98 ? 244 PRO B CD  1 
ATOM   1106 N N   . LYS B 1 45 ? 9.524   15.381  8.583   1.00 16.20 ? 245 LYS B N   1 
ATOM   1107 C CA  . LYS B 1 45 ? 9.274   13.968  8.835   1.00 16.23 ? 245 LYS B CA  1 
ATOM   1108 C C   . LYS B 1 45 ? 10.036  13.100  7.837   1.00 15.47 ? 245 LYS B C   1 
ATOM   1109 O O   . LYS B 1 45 ? 10.181  13.449  6.668   1.00 14.83 ? 245 LYS B O   1 
ATOM   1110 C CB  . LYS B 1 45 ? 7.777   13.634  8.802   1.00 17.54 ? 245 LYS B CB  1 
ATOM   1111 C CG  . LYS B 1 45 ? 7.474   12.210  9.292   1.00 18.89 ? 245 LYS B CG  1 
ATOM   1112 C CD  . LYS B 1 45 ? 5.992   11.873  9.237   1.00 19.96 ? 245 LYS B CD  1 
ATOM   1113 C CE  . LYS B 1 45 ? 5.722   10.420  9.616   1.00 20.47 ? 245 LYS B CE  1 
ATOM   1114 N NZ  . LYS B 1 45 ? 5.904   10.140  11.058  1.00 22.50 ? 245 LYS B NZ  1 
ATOM   1115 N N   . MET B 1 46 ? 10.569  11.996  8.340   1.00 15.13 ? 246 MET B N   1 
ATOM   1116 C CA  . MET B 1 46 ? 11.317  11.043  7.538   1.00 18.73 ? 246 MET B CA  1 
ATOM   1117 C C   . MET B 1 46 ? 10.464  9.794   7.415   1.00 17.62 ? 246 MET B C   1 
ATOM   1118 O O   . MET B 1 46 ? 10.032  9.240   8.425   1.00 17.39 ? 246 MET B O   1 
ATOM   1119 C CB  . MET B 1 46 ? 12.623  10.672  8.246   1.00 23.83 ? 246 MET B CB  1 
ATOM   1120 C CG  . MET B 1 46 ? 13.811  11.543  7.897   1.00 32.26 ? 246 MET B CG  1 
ATOM   1121 S SD  . MET B 1 46 ? 14.514  11.104  6.291   1.00 43.90 ? 246 MET B SD  1 
ATOM   1122 C CE  . MET B 1 46 ? 15.598  9.739   6.783   1.00 39.55 ? 246 MET B CE  1 
ATOM   1123 N N   . ILE B 1 47 ? 10.187  9.375   6.187   1.00 17.34 ? 247 ILE B N   1 
ATOM   1124 C CA  . ILE B 1 47 ? 9.400   8.165   5.974   1.00 17.47 ? 247 ILE B CA  1 
ATOM   1125 C C   . ILE B 1 47 ? 10.189  7.207   5.093   1.00 17.91 ? 247 ILE B C   1 
ATOM   1126 O O   . ILE B 1 47 ? 10.914  7.629   4.184   1.00 16.98 ? 247 ILE B O   1 
ATOM   1127 C CB  . ILE B 1 47 ? 7.997   8.444   5.353   1.00 17.47 ? 247 ILE B CB  1 
ATOM   1128 C CG1 . ILE B 1 47 ? 8.124   9.114   3.987   1.00 18.51 ? 247 ILE B CG1 1 
ATOM   1129 C CG2 . ILE B 1 47 ? 7.162   9.314   6.293   1.00 17.58 ? 247 ILE B CG2 1 
ATOM   1130 C CD1 . ILE B 1 47 ? 6.805   9.209   3.234   1.00 15.74 ? 247 ILE B CD1 1 
ATOM   1131 N N   . GLY B 1 48 ? 10.082  5.920   5.407   1.00 19.95 ? 248 GLY B N   1 
ATOM   1132 C CA  . GLY B 1 48 ? 10.783  4.903   4.651   1.00 19.17 ? 248 GLY B CA  1 
ATOM   1133 C C   . GLY B 1 48 ? 9.866   4.094   3.759   1.00 19.40 ? 248 GLY B C   1 
ATOM   1134 O O   . GLY B 1 48 ? 8.856   3.549   4.205   1.00 18.29 ? 248 GLY B O   1 
ATOM   1135 N N   . GLY B 1 49 ? 10.209  4.044   2.481   1.00 17.07 ? 249 GLY B N   1 
ATOM   1136 C CA  . GLY B 1 49 ? 9.424   3.281   1.532   1.00 18.91 ? 249 GLY B CA  1 
ATOM   1137 C C   . GLY B 1 49 ? 10.215  2.085   1.041   1.00 18.36 ? 249 GLY B C   1 
ATOM   1138 O O   . GLY B 1 49 ? 11.238  1.720   1.624   1.00 19.16 ? 249 GLY B O   1 
ATOM   1139 N N   . ILE B 1 50 ? 9.779   1.507   -0.071  1.00 17.27 ? 250 ILE B N   1 
ATOM   1140 C CA  . ILE B 1 50 ? 10.452  0.343   -0.623  1.00 20.61 ? 250 ILE B CA  1 
ATOM   1141 C C   . ILE B 1 50 ? 11.883  0.628   -1.102  1.00 21.64 ? 250 ILE B C   1 
ATOM   1142 O O   . ILE B 1 50 ? 12.773  -0.218  -0.952  1.00 22.54 ? 250 ILE B O   1 
ATOM   1143 C CB  . ILE B 1 50 ? 9.609   -0.311  -1.750  1.00 20.93 ? 250 ILE B CB  1 
ATOM   1144 C CG1 . ILE B 1 50 ? 9.872   -1.815  -1.779  1.00 22.04 ? 250 ILE B CG1 1 
ATOM   1145 C CG2 . ILE B 1 50 ? 9.912   0.328   -3.105  1.00 19.37 ? 250 ILE B CG2 1 
ATOM   1146 C CD1 . ILE B 1 50 ? 8.903   -2.577  -2.641  1.00 22.96 ? 250 ILE B CD1 1 
ATOM   1147 N N   . GLY B 1 51 ? 12.109  1.829   -1.632  1.00 22.15 ? 251 GLY B N   1 
ATOM   1148 C CA  . GLY B 1 51 ? 13.431  2.184   -2.123  1.00 20.90 ? 251 GLY B CA  1 
ATOM   1149 C C   . GLY B 1 51 ? 14.301  2.967   -1.160  1.00 20.93 ? 251 GLY B C   1 
ATOM   1150 O O   . GLY B 1 51 ? 15.401  3.376   -1.519  1.00 21.76 ? 251 GLY B O   1 
ATOM   1151 N N   . GLY B 1 52 ? 13.819  3.200   0.053   1.00 20.85 ? 252 GLY B N   1 
ATOM   1152 C CA  . GLY B 1 52 ? 14.616  3.945   1.011   1.00 22.06 ? 252 GLY B CA  1 
ATOM   1153 C C   . GLY B 1 52 ? 13.840  5.055   1.685   1.00 22.51 ? 252 GLY B C   1 
ATOM   1154 O O   . GLY B 1 52 ? 12.620  5.086   1.633   1.00 22.68 ? 252 GLY B O   1 
ATOM   1155 N N   . PHE B 1 53 ? 14.553  6.000   2.282   1.00 24.08 ? 253 PHE B N   1 
ATOM   1156 C CA  . PHE B 1 53 ? 13.911  7.103   2.987   1.00 25.69 ? 253 PHE B CA  1 
ATOM   1157 C C   . PHE B 1 53 ? 13.882  8.411   2.216   1.00 26.46 ? 253 PHE B C   1 
ATOM   1158 O O   . PHE B 1 53 ? 14.731  8.664   1.360   1.00 27.00 ? 253 PHE B O   1 
ATOM   1159 C CB  . PHE B 1 53 ? 14.591  7.320   4.344   1.00 26.64 ? 253 PHE B CB  1 
ATOM   1160 C CG  . PHE B 1 53 ? 14.433  6.166   5.295   1.00 28.51 ? 253 PHE B CG  1 
ATOM   1161 C CD1 . PHE B 1 53 ? 15.203  5.015   5.148   1.00 29.21 ? 253 PHE B CD1 1 
ATOM   1162 C CD2 . PHE B 1 53 ? 13.494  6.220   6.321   1.00 29.70 ? 253 PHE B CD2 1 
ATOM   1163 C CE1 . PHE B 1 53 ? 15.035  3.932   6.003   1.00 29.95 ? 253 PHE B CE1 1 
ATOM   1164 C CE2 . PHE B 1 53 ? 13.316  5.142   7.184   1.00 29.88 ? 253 PHE B CE2 1 
ATOM   1165 C CZ  . PHE B 1 53 ? 14.089  3.993   7.025   1.00 31.16 ? 253 PHE B CZ  1 
ATOM   1166 N N   . ILE B 1 54 ? 12.864  9.219   2.500   1.00 25.36 ? 254 ILE B N   1 
ATOM   1167 C CA  . ILE B 1 54 ? 12.715  10.530  1.883   1.00 23.39 ? 254 ILE B CA  1 
ATOM   1168 C C   . ILE B 1 54 ? 12.244  11.524  2.951   1.00 23.69 ? 254 ILE B C   1 
ATOM   1169 O O   . ILE B 1 54 ? 11.703  11.127  3.992   1.00 22.97 ? 254 ILE B O   1 
ATOM   1170 C CB  . ILE B 1 54 ? 11.694  10.542  0.702   1.00 21.35 ? 254 ILE B CB  1 
ATOM   1171 C CG1 . ILE B 1 54 ? 10.273  10.275  1.202   1.00 19.80 ? 254 ILE B CG1 1 
ATOM   1172 C CG2 . ILE B 1 54 ? 12.106  9.547   -0.378  1.00 20.44 ? 254 ILE B CG2 1 
ATOM   1173 C CD1 . ILE B 1 54 ? 9.199   10.596  0.187   1.00 18.32 ? 254 ILE B CD1 1 
ATOM   1174 N N   . LYS B 1 55 ? 12.509  12.805  2.708   1.00 22.07 ? 255 LYS B N   1 
ATOM   1175 C CA  . LYS B 1 55 ? 12.090  13.869  3.606   1.00 20.19 ? 255 LYS B CA  1 
ATOM   1176 C C   . LYS B 1 55 ? 10.775  14.413  3.085   1.00 20.04 ? 255 LYS B C   1 
ATOM   1177 O O   . LYS B 1 55 ? 10.616  14.627  1.877   1.00 21.44 ? 255 LYS B O   1 
ATOM   1178 C CB  . LYS B 1 55 ? 13.120  15.002  3.630   1.00 22.22 ? 255 LYS B CB  1 
ATOM   1179 C CG  . LYS B 1 55 ? 14.410  14.668  4.352   1.00 27.98 ? 255 LYS B CG  1 
ATOM   1180 C CD  . LYS B 1 55 ? 14.145  14.259  5.793   1.00 31.26 ? 255 LYS B CD  1 
ATOM   1181 C CE  . LYS B 1 55 ? 13.479  15.376  6.591   1.00 33.35 ? 255 LYS B CE  1 
ATOM   1182 N NZ  . LYS B 1 55 ? 13.018  14.934  7.939   1.00 29.70 ? 255 LYS B NZ  1 
ATOM   1183 N N   . VAL B 1 56 ? 9.824   14.617  3.986   1.00 16.00 ? 256 VAL B N   1 
ATOM   1184 C CA  . VAL B 1 56 ? 8.523   15.149  3.603   1.00 16.43 ? 256 VAL B CA  1 
ATOM   1185 C C   . VAL B 1 56 ? 8.098   16.261  4.555   1.00 17.06 ? 256 VAL B C   1 
ATOM   1186 O O   . VAL B 1 56 ? 8.622   16.375  5.666   1.00 17.40 ? 256 VAL B O   1 
ATOM   1187 C CB  . VAL B 1 56 ? 7.416   14.042  3.584   1.00 16.35 ? 256 VAL B CB  1 
ATOM   1188 C CG1 . VAL B 1 56 ? 7.733   12.985  2.537   1.00 17.26 ? 256 VAL B CG1 1 
ATOM   1189 C CG2 . VAL B 1 56 ? 7.261   13.406  4.956   1.00 15.01 ? 256 VAL B CG2 1 
ATOM   1190 N N   . ARG B 1 57 ? 7.170   17.096  4.101   1.00 14.91 ? 257 ARG B N   1 
ATOM   1191 C CA  . ARG B 1 57 ? 6.655   18.188  4.910   1.00 16.05 ? 257 ARG B CA  1 
ATOM   1192 C C   . ARG B 1 57 ? 5.353   17.712  5.541   1.00 17.39 ? 257 ARG B C   1 
ATOM   1193 O O   . ARG B 1 57 ? 4.439   17.265  4.839   1.00 16.45 ? 257 ARG B O   1 
ATOM   1194 C CB  . ARG B 1 57 ? 6.380   19.421  4.046   1.00 17.66 ? 257 ARG B CB  1 
ATOM   1195 C CG  . ARG B 1 57 ? 7.526   19.826  3.141   1.00 18.00 ? 257 ARG B CG  1 
ATOM   1196 C CD  . ARG B 1 57 ? 7.385   21.265  2.674   1.00 18.17 ? 257 ARG B CD  1 
ATOM   1197 N NE  . ARG B 1 57 ? 6.115   21.559  2.015   1.00 18.39 ? 257 ARG B NE  1 
ATOM   1198 C CZ  . ARG B 1 57 ? 5.858   21.319  0.731   1.00 19.29 ? 257 ARG B CZ  1 
ATOM   1199 N NH1 . ARG B 1 57 ? 6.780   20.765  -0.046  1.00 19.40 ? 257 ARG B NH1 1 
ATOM   1200 N NH2 . ARG B 1 57 ? 4.700   21.695  0.203   1.00 21.28 ? 257 ARG B NH2 1 
ATOM   1201 N N   . GLN B 1 58 ? 5.264   17.812  6.860   1.00 14.92 ? 258 GLN B N   1 
ATOM   1202 C CA  . GLN B 1 58 ? 4.071   17.381  7.564   1.00 14.04 ? 258 GLN B CA  1 
ATOM   1203 C C   . GLN B 1 58 ? 3.138   18.529  7.946   1.00 15.91 ? 258 GLN B C   1 
ATOM   1204 O O   . GLN B 1 58 ? 3.519   19.433  8.697   1.00 14.95 ? 258 GLN B O   1 
ATOM   1205 C CB  . GLN B 1 58 ? 4.448   16.582  8.813   1.00 12.22 ? 258 GLN B CB  1 
ATOM   1206 C CG  . GLN B 1 58 ? 3.249   16.114  9.620   1.00 12.12 ? 258 GLN B CG  1 
ATOM   1207 C CD  . GLN B 1 58 ? 3.639   15.347  10.874  1.00 13.53 ? 258 GLN B CD  1 
ATOM   1208 O OE1 . GLN B 1 58 ? 4.634   14.626  10.897  1.00 16.38 ? 258 GLN B OE1 1 
ATOM   1209 N NE2 . GLN B 1 58 ? 2.857   15.514  11.928  1.00 14.50 ? 258 GLN B NE2 1 
ATOM   1210 N N   . TYR B 1 59 ? 1.922   18.485  7.405   1.00 13.51 ? 259 TYR B N   1 
ATOM   1211 C CA  . TYR B 1 59 ? 0.888   19.474  7.694   1.00 13.76 ? 259 TYR B CA  1 
ATOM   1212 C C   . TYR B 1 59 ? -0.206  18.769  8.495   1.00 15.82 ? 259 TYR B C   1 
ATOM   1213 O O   . TYR B 1 59 ? -0.647  17.676  8.125   1.00 15.42 ? 259 TYR B O   1 
ATOM   1214 C CB  . TYR B 1 59 ? 0.284   20.019  6.403   1.00 14.44 ? 259 TYR B CB  1 
ATOM   1215 C CG  . TYR B 1 59 ? 1.246   20.800  5.551   1.00 14.12 ? 259 TYR B CG  1 
ATOM   1216 C CD1 . TYR B 1 59 ? 2.063   20.155  4.624   1.00 13.71 ? 259 TYR B CD1 1 
ATOM   1217 C CD2 . TYR B 1 59 ? 1.330   22.192  5.657   1.00 14.57 ? 259 TYR B CD2 1 
ATOM   1218 C CE1 . TYR B 1 59 ? 2.939   20.869  3.822   1.00 14.24 ? 259 TYR B CE1 1 
ATOM   1219 C CE2 . TYR B 1 59 ? 2.207   22.917  4.854   1.00 14.79 ? 259 TYR B CE2 1 
ATOM   1220 C CZ  . TYR B 1 59 ? 3.008   22.245  3.938   1.00 15.55 ? 259 TYR B CZ  1 
ATOM   1221 O OH  . TYR B 1 59 ? 3.879   22.937  3.134   1.00 17.24 ? 259 TYR B OH  1 
ATOM   1222 N N   . ASP B 1 60 ? -0.648  19.394  9.583   1.00 15.78 ? 260 ASP B N   1 
ATOM   1223 C CA  . ASP B 1 60 ? -1.680  18.803  10.423  1.00 15.72 ? 260 ASP B CA  1 
ATOM   1224 C C   . ASP B 1 60 ? -3.043  19.482  10.322  1.00 15.93 ? 260 ASP B C   1 
ATOM   1225 O O   . ASP B 1 60 ? -3.144  20.654  9.967   1.00 15.80 ? 260 ASP B O   1 
ATOM   1226 C CB  . ASP B 1 60 ? -1.212  18.766  11.878  1.00 16.37 ? 260 ASP B CB  1 
ATOM   1227 C CG  . ASP B 1 60 ? 0.050   17.939  12.061  1.00 19.54 ? 260 ASP B CG  1 
ATOM   1228 O OD1 . ASP B 1 60 ? 0.115   16.810  11.531  1.00 20.58 ? 260 ASP B OD1 1 
ATOM   1229 O OD2 . ASP B 1 60 ? 0.985   18.420  12.730  1.00 22.04 ? 260 ASP B OD2 1 
ATOM   1230 N N   . GLN B 1 61 ? -4.088  18.717  10.626  1.00 14.69 ? 261 GLN B N   1 
ATOM   1231 C CA  . GLN B 1 61 ? -5.467  19.193  10.589  1.00 16.88 ? 261 GLN B CA  1 
ATOM   1232 C C   . GLN B 1 61 ? -5.856  19.829  9.264   1.00 17.01 ? 261 GLN B C   1 
ATOM   1233 O O   . GLN B 1 61 ? -6.463  20.900  9.216   1.00 17.14 ? 261 GLN B O   1 
ATOM   1234 C CB  . GLN B 1 61 ? -5.761  20.123  11.767  1.00 17.99 ? 261 GLN B CB  1 
ATOM   1235 C CG  . GLN B 1 61 ? -5.855  19.381  13.080  1.00 22.19 ? 261 GLN B CG  1 
ATOM   1236 C CD  . GLN B 1 61 ? -6.065  20.302  14.260  1.00 27.40 ? 261 GLN B CD  1 
ATOM   1237 O OE1 . GLN B 1 61 ? -5.254  20.332  15.186  1.00 29.82 ? 261 GLN B OE1 1 
ATOM   1238 N NE2 . GLN B 1 61 ? -7.163  21.053  14.241  1.00 27.43 ? 261 GLN B NE2 1 
ATOM   1239 N N   . ILE B 1 62 ? -5.495  19.142  8.187   1.00 16.14 ? 262 ILE B N   1 
ATOM   1240 C CA  . ILE B 1 62 ? -5.797  19.582  6.835   1.00 15.88 ? 262 ILE B CA  1 
ATOM   1241 C C   . ILE B 1 62 ? -7.115  18.958  6.380   1.00 17.21 ? 262 ILE B C   1 
ATOM   1242 O O   . ILE B 1 62 ? -7.346  17.759  6.568   1.00 16.77 ? 262 ILE B O   1 
ATOM   1243 C CB  . ILE B 1 62 ? -4.679  19.144  5.855   1.00 13.72 ? 262 ILE B CB  1 
ATOM   1244 C CG1 . ILE B 1 62 ? -3.359  19.836  6.212   1.00 13.28 ? 262 ILE B CG1 1 
ATOM   1245 C CG2 . ILE B 1 62 ? -5.084  19.433  4.409   1.00 15.60 ? 262 ILE B CG2 1 
ATOM   1246 C CD1 . ILE B 1 62 ? -3.389  21.355  6.089   1.00 13.57 ? 262 ILE B CD1 1 
ATOM   1247 N N   . LEU B 1 63 ? -7.981  19.785  5.800   1.00 18.15 ? 263 LEU B N   1 
ATOM   1248 C CA  . LEU B 1 63 ? -9.270  19.332  5.286   1.00 18.08 ? 263 LEU B CA  1 
ATOM   1249 C C   . LEU B 1 63 ? -9.011  18.559  3.993   1.00 17.21 ? 263 LEU B C   1 
ATOM   1250 O O   . LEU B 1 63 ? -8.316  19.046  3.096   1.00 15.54 ? 263 LEU B O   1 
ATOM   1251 C CB  . LEU B 1 63 ? -10.178 20.535  4.987   1.00 23.46 ? 263 LEU B CB  1 
ATOM   1252 C CG  . LEU B 1 63 ? -10.875 21.340  6.097   1.00 28.00 ? 263 LEU B CG  1 
ATOM   1253 C CD1 . LEU B 1 63 ? -12.024 20.532  6.651   1.00 31.98 ? 263 LEU B CD1 1 
ATOM   1254 C CD2 . LEU B 1 63 ? -9.915  21.764  7.207   1.00 28.18 ? 263 LEU B CD2 1 
ATOM   1255 N N   . ILE B 1 64 ? -9.541  17.345  3.914   1.00 14.61 ? 264 ILE B N   1 
ATOM   1256 C CA  . ILE B 1 64 ? -9.369  16.519  2.726   1.00 14.14 ? 264 ILE B CA  1 
ATOM   1257 C C   . ILE B 1 64 ? -10.555 15.574  2.565   1.00 15.83 ? 264 ILE B C   1 
ATOM   1258 O O   . ILE B 1 64 ? -10.963 14.899  3.505   1.00 17.17 ? 264 ILE B O   1 
ATOM   1259 C CB  . ILE B 1 64 ? -8.018  15.740  2.749   1.00 15.12 ? 264 ILE B CB  1 
ATOM   1260 C CG1 . ILE B 1 64 ? -7.886  14.864  1.497   1.00 13.99 ? 264 ILE B CG1 1 
ATOM   1261 C CG2 . ILE B 1 64 ? -7.872  14.938  4.035   1.00 14.59 ? 264 ILE B CG2 1 
ATOM   1262 C CD1 . ILE B 1 64 ? -6.519  14.218  1.341   1.00 14.59 ? 264 ILE B CD1 1 
ATOM   1263 N N   . GLU B 1 65 ? -11.131 15.580  1.369   1.00 16.35 ? 265 GLU B N   1 
ATOM   1264 C CA  . GLU B 1 65 ? -12.282 14.751  1.037   1.00 17.62 ? 265 GLU B CA  1 
ATOM   1265 C C   . GLU B 1 65 ? -11.797 13.558  0.214   1.00 15.92 ? 265 GLU B C   1 
ATOM   1266 O O   . GLU B 1 65 ? -11.028 13.719  -0.726  1.00 15.46 ? 265 GLU B O   1 
ATOM   1267 C CB  . GLU B 1 65 ? -13.281 15.592  0.234   1.00 18.83 ? 265 GLU B CB  1 
ATOM   1268 C CG  . GLU B 1 65 ? -14.729 15.214  0.409   1.00 25.58 ? 265 GLU B CG  1 
ATOM   1269 C CD  . GLU B 1 65 ? -15.671 16.248  -0.189  1.00 28.63 ? 265 GLU B CD  1 
ATOM   1270 O OE1 . GLU B 1 65 ? -15.836 17.328  0.415   1.00 29.75 ? 265 GLU B OE1 1 
ATOM   1271 O OE2 . GLU B 1 65 ? -16.243 15.985  -1.263  1.00 31.78 ? 265 GLU B OE2 1 
ATOM   1272 N N   . ILE B 1 66 ? -12.218 12.357  0.591   1.00 16.17 ? 266 ILE B N   1 
ATOM   1273 C CA  . ILE B 1 66 ? -11.815 11.137  -0.106  1.00 16.36 ? 266 ILE B CA  1 
ATOM   1274 C C   . ILE B 1 66 ? -13.068 10.336  -0.438  1.00 18.96 ? 266 ILE B C   1 
ATOM   1275 O O   . ILE B 1 66 ? -13.782 9.899   0.465   1.00 16.75 ? 266 ILE B O   1 
ATOM   1276 C CB  . ILE B 1 66 ? -10.891 10.288  0.787   1.00 16.72 ? 266 ILE B CB  1 
ATOM   1277 C CG1 . ILE B 1 66 ? -9.675  11.124  1.211   1.00 16.75 ? 266 ILE B CG1 1 
ATOM   1278 C CG2 . ILE B 1 66 ? -10.443 9.032   0.042   1.00 15.60 ? 266 ILE B CG2 1 
ATOM   1279 C CD1 . ILE B 1 66 ? -9.051  10.700  2.523   1.00 18.85 ? 266 ILE B CD1 1 
ATOM   1280 N N   . CYS B 1 67 ? -13.329 10.146  -1.732  1.00 21.45 ? 267 CYS B N   1 
ATOM   1281 C CA  . CYS B 1 67 ? -14.520 9.417   -2.192  1.00 23.99 ? 267 CYS B CA  1 
ATOM   1282 C C   . CYS B 1 67 ? -15.790 10.134  -1.724  1.00 22.25 ? 267 CYS B C   1 
ATOM   1283 O O   . CYS B 1 67 ? -16.829 9.510   -1.516  1.00 23.88 ? 267 CYS B O   1 
ATOM   1284 C CB  . CYS B 1 67 ? -14.526 7.976   -1.665  1.00 25.30 ? 267 CYS B CB  1 
ATOM   1285 S SG  . CYS B 1 67 ? -13.167 6.930   -2.229  1.00 30.97 ? 267 CYS B SG  1 
ATOM   1286 N N   . GLY B 1 68 ? -15.689 11.445  -1.534  1.00 21.55 ? 268 GLY B N   1 
ATOM   1287 C CA  . GLY B 1 68 ? -16.832 12.215  -1.085  1.00 21.41 ? 268 GLY B CA  1 
ATOM   1288 C C   . GLY B 1 68 ? -16.945 12.342  0.424   1.00 22.38 ? 268 GLY B C   1 
ATOM   1289 O O   . GLY B 1 68 ? -17.747 13.134  0.914   1.00 23.53 ? 268 GLY B O   1 
ATOM   1290 N N   . HIS B 1 69 ? -16.162 11.559  1.163   1.00 20.39 ? 269 HIS B N   1 
ATOM   1291 C CA  . HIS B 1 69 ? -16.187 11.608  2.622   1.00 20.17 ? 269 HIS B CA  1 
ATOM   1292 C C   . HIS B 1 69 ? -15.206 12.655  3.133   1.00 19.18 ? 269 HIS B C   1 
ATOM   1293 O O   . HIS B 1 69 ? -14.050 12.690  2.714   1.00 16.70 ? 269 HIS B O   1 
ATOM   1294 C CB  . HIS B 1 69 ? -15.818 10.249  3.220   1.00 25.00 ? 269 HIS B CB  1 
ATOM   1295 C CG  . HIS B 1 69 ? -16.771 9.149   2.871   1.00 28.18 ? 269 HIS B CG  1 
ATOM   1296 N ND1 . HIS B 1 69 ? -17.419 8.400   3.830   1.00 30.32 ? 269 HIS B ND1 1 
ATOM   1297 C CD2 . HIS B 1 69 ? -17.164 8.650   1.676   1.00 28.69 ? 269 HIS B CD2 1 
ATOM   1298 C CE1 . HIS B 1 69 ? -18.170 7.487   3.240   1.00 30.42 ? 269 HIS B CE1 1 
ATOM   1299 N NE2 . HIS B 1 69 ? -18.031 7.620   1.934   1.00 29.10 ? 269 HIS B NE2 1 
ATOM   1300 N N   . LYS B 1 70 ? -15.657 13.480  4.070   1.00 17.46 ? 270 LYS B N   1 
ATOM   1301 C CA  . LYS B 1 70 ? -14.809 14.524  4.622   1.00 19.74 ? 270 LYS B CA  1 
ATOM   1302 C C   . LYS B 1 70 ? -13.928 14.042  5.774   1.00 20.25 ? 270 LYS B C   1 
ATOM   1303 O O   . LYS B 1 70 ? -14.382 13.352  6.691   1.00 20.38 ? 270 LYS B O   1 
ATOM   1304 C CB  . LYS B 1 70 ? -15.649 15.725  5.057   1.00 20.93 ? 270 LYS B CB  1 
ATOM   1305 C CG  . LYS B 1 70 ? -16.545 16.273  3.952   1.00 25.00 ? 270 LYS B CG  1 
ATOM   1306 C CD  . LYS B 1 70 ? -17.100 17.643  4.300   1.00 26.64 ? 270 LYS B CD  1 
ATOM   1307 C CE  . LYS B 1 70 ? -18.406 17.909  3.559   1.00 30.32 ? 270 LYS B CE  1 
ATOM   1308 N NZ  . LYS B 1 70 ? -18.289 17.746  2.080   1.00 31.47 ? 270 LYS B NZ  1 
ATOM   1309 N N   . ALA B 1 71 ? -12.653 14.403  5.699   1.00 17.52 ? 271 ALA B N   1 
ATOM   1310 C CA  . ALA B 1 71 ? -11.681 14.032  6.713   1.00 16.42 ? 271 ALA B CA  1 
ATOM   1311 C C   . ALA B 1 71 ? -10.833 15.261  7.035   1.00 14.81 ? 271 ALA B C   1 
ATOM   1312 O O   . ALA B 1 71 ? -10.760 16.200  6.243   1.00 15.46 ? 271 ALA B O   1 
ATOM   1313 C CB  . ALA B 1 71 ? -10.800 12.897  6.199   1.00 15.26 ? 271 ALA B CB  1 
ATOM   1314 N N   . ILE B 1 72 ? -10.249 15.273  8.228   1.00 15.12 ? 272 ILE B N   1 
ATOM   1315 C CA  . ILE B 1 72 ? -9.386  16.373  8.664   1.00 15.04 ? 272 ILE B CA  1 
ATOM   1316 C C   . ILE B 1 72 ? -8.223  15.712  9.385   1.00 14.14 ? 272 ILE B C   1 
ATOM   1317 O O   . ILE B 1 72 ? -8.394  15.160  10.474  1.00 13.64 ? 272 ILE B O   1 
ATOM   1318 C CB  . ILE B 1 72 ? -10.100 17.335  9.658   1.00 14.19 ? 272 ILE B CB  1 
ATOM   1319 C CG1 . ILE B 1 72 ? -11.406 17.867  9.053   1.00 14.71 ? 272 ILE B CG1 1 
ATOM   1320 C CG2 . ILE B 1 72 ? -9.176  18.509  10.001  1.00 13.42 ? 272 ILE B CG2 1 
ATOM   1321 C CD1 . ILE B 1 72 ? -12.239 18.697  10.013  1.00 16.16 ? 272 ILE B CD1 1 
ATOM   1322 N N   . GLY B 1 73 ? -7.044  15.746  8.773   1.00 13.43 ? 273 GLY B N   1 
ATOM   1323 C CA  . GLY B 1 73 ? -5.907  15.107  9.404   1.00 13.03 ? 273 GLY B CA  1 
ATOM   1324 C C   . GLY B 1 73 ? -4.564  15.481  8.832   1.00 13.90 ? 273 GLY B C   1 
ATOM   1325 O O   . GLY B 1 73 ? -4.421  16.479  8.125   1.00 14.69 ? 273 GLY B O   1 
ATOM   1326 N N   . THR B 1 74 ? -3.572  14.656  9.148   1.00 14.45 ? 274 THR B N   1 
ATOM   1327 C CA  . THR B 1 74 ? -2.203  14.873  8.711   1.00 14.61 ? 274 THR B CA  1 
ATOM   1328 C C   . THR B 1 74 ? -1.956  14.458  7.273   1.00 15.44 ? 274 THR B C   1 
ATOM   1329 O O   . THR B 1 74 ? -2.330  13.357  6.845   1.00 13.89 ? 274 THR B O   1 
ATOM   1330 C CB  . THR B 1 74 ? -1.221  14.137  9.637   1.00 15.25 ? 274 THR B CB  1 
ATOM   1331 O OG1 . THR B 1 74 ? -1.363  14.643  10.968  1.00 16.51 ? 274 THR B OG1 1 
ATOM   1332 C CG2 . THR B 1 74 ? 0.216   14.318  9.167   1.00 14.79 ? 274 THR B CG2 1 
ATOM   1333 N N   . VAL B 1 75 ? -1.327  15.364  6.534   1.00 13.64 ? 275 VAL B N   1 
ATOM   1334 C CA  . VAL B 1 75 ? -0.985  15.139  5.140   1.00 13.95 ? 275 VAL B CA  1 
ATOM   1335 C C   . VAL B 1 75 ? 0.499   15.439  4.972   1.00 13.68 ? 275 VAL B C   1 
ATOM   1336 O O   . VAL B 1 75 ? 0.988   16.477  5.420   1.00 13.92 ? 275 VAL B O   1 
ATOM   1337 C CB  . VAL B 1 75 ? -1.816  16.046  4.196   1.00 13.95 ? 275 VAL B CB  1 
ATOM   1338 C CG1 . VAL B 1 75 ? -1.290  15.956  2.780   1.00 18.05 ? 275 VAL B CG1 1 
ATOM   1339 C CG2 . VAL B 1 75 ? -3.281  15.636  4.228   1.00 14.81 ? 275 VAL B CG2 1 
ATOM   1340 N N   . LEU B 1 76 ? 1.223   14.496  4.386   1.00 12.62 ? 276 LEU B N   1 
ATOM   1341 C CA  . LEU B 1 76 ? 2.650   14.665  4.153   1.00 13.94 ? 276 LEU B CA  1 
ATOM   1342 C C   . LEU B 1 76 ? 2.850   14.991  2.681   1.00 15.83 ? 276 LEU B C   1 
ATOM   1343 O O   . LEU B 1 76 ? 2.223   14.374  1.824   1.00 15.28 ? 276 LEU B O   1 
ATOM   1344 C CB  . LEU B 1 76 ? 3.404   13.379  4.502   1.00 14.00 ? 276 LEU B CB  1 
ATOM   1345 C CG  . LEU B 1 76 ? 3.141   12.720  5.856   1.00 12.74 ? 276 LEU B CG  1 
ATOM   1346 C CD1 . LEU B 1 76 ? 3.956   11.445  5.951   1.00 11.65 ? 276 LEU B CD1 1 
ATOM   1347 C CD2 . LEU B 1 76 ? 3.488   13.667  6.989   1.00 12.24 ? 276 LEU B CD2 1 
ATOM   1348 N N   . VAL B 1 77 ? 3.703   15.969  2.392   1.00 15.10 ? 277 VAL B N   1 
ATOM   1349 C CA  . VAL B 1 77 ? 3.980   16.374  1.017   1.00 16.91 ? 277 VAL B CA  1 
ATOM   1350 C C   . VAL B 1 77 ? 5.452   16.119  0.697   1.00 18.47 ? 277 VAL B C   1 
ATOM   1351 O O   . VAL B 1 77 ? 6.343   16.586  1.405   1.00 16.25 ? 277 VAL B O   1 
ATOM   1352 C CB  . VAL B 1 77 ? 3.631   17.867  0.794   1.00 16.11 ? 277 VAL B CB  1 
ATOM   1353 C CG1 . VAL B 1 77 ? 3.869   18.264  -0.664  1.00 15.79 ? 277 VAL B CG1 1 
ATOM   1354 C CG2 . VAL B 1 77 ? 2.181   18.120  1.183   1.00 16.42 ? 277 VAL B CG2 1 
ATOM   1355 N N   . GLY B 1 78 ? 5.701   15.356  -0.363  1.00 17.97 ? 278 GLY B N   1 
ATOM   1356 C CA  . GLY B 1 78 ? 7.067   15.045  -0.739  1.00 18.52 ? 278 GLY B CA  1 
ATOM   1357 C C   . GLY B 1 78 ? 7.150   14.249  -2.025  1.00 20.39 ? 278 GLY B C   1 
ATOM   1358 O O   . GLY B 1 78 ? 6.122   13.997  -2.666  1.00 19.63 ? 278 GLY B O   1 
ATOM   1359 N N   . PRO B 1 79 ? 8.363   13.824  -2.423  1.00 19.94 ? 279 PRO B N   1 
ATOM   1360 C CA  . PRO B 1 79 ? 8.630   13.048  -3.637  1.00 21.40 ? 279 PRO B CA  1 
ATOM   1361 C C   . PRO B 1 79 ? 8.086   11.619  -3.624  1.00 22.00 ? 279 PRO B C   1 
ATOM   1362 O O   . PRO B 1 79 ? 8.806   10.671  -3.318  1.00 24.68 ? 279 PRO B O   1 
ATOM   1363 C CB  . PRO B 1 79 ? 10.157  13.080  -3.726  1.00 21.19 ? 279 PRO B CB  1 
ATOM   1364 C CG  . PRO B 1 79 ? 10.573  13.110  -2.296  1.00 18.45 ? 279 PRO B CG  1 
ATOM   1365 C CD  . PRO B 1 79 ? 9.618   14.114  -1.703  1.00 18.03 ? 279 PRO B CD  1 
ATOM   1366 N N   . THR B 1 80 ? 6.806   11.476  -3.954  1.00 22.84 ? 280 THR B N   1 
ATOM   1367 C CA  . THR B 1 80 ? 6.155   10.170  -4.006  1.00 19.93 ? 280 THR B CA  1 
ATOM   1368 C C   . THR B 1 80 ? 5.739   9.877   -5.443  1.00 19.26 ? 280 THR B C   1 
ATOM   1369 O O   . THR B 1 80 ? 5.345   10.784  -6.177  1.00 22.54 ? 280 THR B O   1 
ATOM   1370 C CB  . THR B 1 80 ? 4.906   10.112  -3.079  1.00 18.32 ? 280 THR B CB  1 
ATOM   1371 O OG1 . THR B 1 80 ? 4.262   8.837   -3.221  1.00 14.33 ? 280 THR B OG1 1 
ATOM   1372 C CG2 . THR B 1 80 ? 3.914   11.220  -3.423  1.00 17.82 ? 280 THR B CG2 1 
ATOM   1373 N N   . PRO B 1 81 ? 5.873   8.618   -5.887  1.00 20.28 ? 281 PRO B N   1 
ATOM   1374 C CA  . PRO B 1 81 ? 5.489   8.262   -7.258  1.00 19.83 ? 281 PRO B CA  1 
ATOM   1375 C C   . PRO B 1 81 ? 4.028   8.579   -7.598  1.00 19.81 ? 281 PRO B C   1 
ATOM   1376 O O   . PRO B 1 81 ? 3.701   8.835   -8.755  1.00 19.90 ? 281 PRO B O   1 
ATOM   1377 C CB  . PRO B 1 81 ? 5.793   6.759   -7.323  1.00 21.43 ? 281 PRO B CB  1 
ATOM   1378 C CG  . PRO B 1 81 ? 5.805   6.316   -5.879  1.00 22.93 ? 281 PRO B CG  1 
ATOM   1379 C CD  . PRO B 1 81 ? 6.479   7.466   -5.197  1.00 21.99 ? 281 PRO B CD  1 
ATOM   1380 N N   . VAL B 1 82 ? 3.166   8.594   -6.581  1.00 18.11 ? 282 VAL B N   1 
ATOM   1381 C CA  . VAL B 1 82 ? 1.745   8.890   -6.763  1.00 14.68 ? 282 VAL B CA  1 
ATOM   1382 C C   . VAL B 1 82 ? 1.134   9.283   -5.416  1.00 13.24 ? 282 VAL B C   1 
ATOM   1383 O O   . VAL B 1 82 ? 1.701   8.974   -4.367  1.00 14.55 ? 282 VAL B O   1 
ATOM   1384 C CB  . VAL B 1 82 ? 0.989   7.656   -7.351  1.00 17.90 ? 282 VAL B CB  1 
ATOM   1385 C CG1 . VAL B 1 82 ? 1.044   6.476   -6.383  1.00 17.18 ? 282 VAL B CG1 1 
ATOM   1386 C CG2 . VAL B 1 82 ? -0.457  8.013   -7.690  1.00 20.17 ? 282 VAL B CG2 1 
ATOM   1387 N N   . ASN B 1 83 ? 0.026   10.021  -5.447  1.00 10.30 ? 283 ASN B N   1 
ATOM   1388 C CA  . ASN B 1 83 ? -0.659  10.420  -4.215  1.00 10.18 ? 283 ASN B CA  1 
ATOM   1389 C C   . ASN B 1 83 ? -1.161  9.144   -3.540  1.00 10.26 ? 283 ASN B C   1 
ATOM   1390 O O   . ASN B 1 83 ? -1.793  8.310   -4.185  1.00 10.64 ? 283 ASN B O   1 
ATOM   1391 C CB  . ASN B 1 83 ? -1.880  11.299  -4.518  1.00 9.75  ? 283 ASN B CB  1 
ATOM   1392 C CG  . ASN B 1 83 ? -1.516  12.650  -5.103  1.00 11.80 ? 283 ASN B CG  1 
ATOM   1393 O OD1 . ASN B 1 83 ? -0.549  13.278  -4.692  1.00 13.71 ? 283 ASN B OD1 1 
ATOM   1394 N ND2 . ASN B 1 83 ? -2.326  13.123  -6.040  1.00 11.96 ? 283 ASN B ND2 1 
ATOM   1395 N N   . ILE B 1 84 ? -0.853  8.970   -2.260  1.00 9.24  ? 284 ILE B N   1 
ATOM   1396 C CA  . ILE B 1 84 ? -1.311  7.788   -1.539  1.00 10.64 ? 284 ILE B CA  1 
ATOM   1397 C C   . ILE B 1 84 ? -2.076  8.158   -0.275  1.00 12.09 ? 284 ILE B C   1 
ATOM   1398 O O   . ILE B 1 84 ? -1.666  9.047   0.479   1.00 11.96 ? 284 ILE B O   1 
ATOM   1399 C CB  . ILE B 1 84 ? -0.144  6.805   -1.193  1.00 13.05 ? 284 ILE B CB  1 
ATOM   1400 C CG1 . ILE B 1 84 ? 0.935   7.503   -0.368  1.00 13.24 ? 284 ILE B CG1 1 
ATOM   1401 C CG2 . ILE B 1 84 ? 0.467   6.231   -2.472  1.00 11.59 ? 284 ILE B CG2 1 
ATOM   1402 C CD1 . ILE B 1 84 ? 2.116   6.607   -0.021  1.00 15.83 ? 284 ILE B CD1 1 
ATOM   1403 N N   . ILE B 1 85 ? -3.224  7.514   -0.092  1.00 10.87 ? 285 ILE B N   1 
ATOM   1404 C CA  . ILE B 1 85 ? -4.065  7.733   1.077   1.00 11.50 ? 285 ILE B CA  1 
ATOM   1405 C C   . ILE B 1 85 ? -3.750  6.595   2.045   1.00 12.60 ? 285 ILE B C   1 
ATOM   1406 O O   . ILE B 1 85 ? -4.063  5.430   1.779   1.00 12.12 ? 285 ILE B O   1 
ATOM   1407 C CB  . ILE B 1 85 ? -5.570  7.711   0.714   1.00 9.73  ? 285 ILE B CB  1 
ATOM   1408 C CG1 . ILE B 1 85 ? -5.850  8.678   -0.442  1.00 10.50 ? 285 ILE B CG1 1 
ATOM   1409 C CG2 . ILE B 1 85 ? -6.410  8.090   1.925   1.00 10.69 ? 285 ILE B CG2 1 
ATOM   1410 C CD1 . ILE B 1 85 ? -5.341  10.095  -0.205  1.00 11.97 ? 285 ILE B CD1 1 
ATOM   1411 N N   . GLY B 1 86 ? -3.088  6.943   3.145   1.00 12.07 ? 286 GLY B N   1 
ATOM   1412 C CA  . GLY B 1 86 ? -2.703  5.960   4.140   1.00 11.77 ? 286 GLY B CA  1 
ATOM   1413 C C   . GLY B 1 86 ? -3.752  5.687   5.196   1.00 11.70 ? 286 GLY B C   1 
ATOM   1414 O O   . GLY B 1 86 ? -4.803  6.334   5.237   1.00 10.86 ? 286 GLY B O   1 
ATOM   1415 N N   . ARG B 1 87 ? -3.432  4.765   6.095   1.00 11.24 ? 287 ARG B N   1 
ATOM   1416 C CA  . ARG B 1 87 ? -4.354  4.367   7.148   1.00 11.54 ? 287 ARG B CA  1 
ATOM   1417 C C   . ARG B 1 87 ? -4.841  5.484   8.059   1.00 10.22 ? 287 ARG B C   1 
ATOM   1418 O O   . ARG B 1 87 ? -5.951  5.393   8.584   1.00 11.73 ? 287 ARG B O   1 
ATOM   1419 C CB  . ARG B 1 87 ? -3.762  3.221   7.969   1.00 10.88 ? 287 ARG B CB  1 
ATOM   1420 C CG  . ARG B 1 87 ? -3.515  1.951   7.149   1.00 11.75 ? 287 ARG B CG  1 
ATOM   1421 C CD  . ARG B 1 87 ? -3.038  0.801   8.021   1.00 9.94  ? 287 ARG B CD  1 
ATOM   1422 N NE  . ARG B 1 87 ? -1.758  1.084   8.668   1.00 10.59 ? 287 ARG B NE  1 
ATOM   1423 C CZ  . ARG B 1 87 ? -1.619  1.518   9.920   1.00 12.80 ? 287 ARG B CZ  1 
ATOM   1424 N NH1 . ARG B 1 87 ? -2.679  1.718   10.685  1.00 12.36 ? 287 ARG B NH1 1 
ATOM   1425 N NH2 . ARG B 1 87 ? -0.409  1.766   10.407  1.00 13.44 ? 287 ARG B NH2 1 
ATOM   1426 N N   . ASN B 1 88 ? -4.048  6.544   8.230   1.00 11.15 ? 288 ASN B N   1 
ATOM   1427 C CA  . ASN B 1 88 ? -4.470  7.650   9.095   1.00 11.78 ? 288 ASN B CA  1 
ATOM   1428 C C   . ASN B 1 88 ? -5.789  8.271   8.602   1.00 13.09 ? 288 ASN B C   1 
ATOM   1429 O O   . ASN B 1 88 ? -6.623  8.691   9.407   1.00 13.38 ? 288 ASN B O   1 
ATOM   1430 C CB  . ASN B 1 88 ? -3.367  8.715   9.227   1.00 13.12 ? 288 ASN B CB  1 
ATOM   1431 C CG  . ASN B 1 88 ? -3.155  9.512   7.953   1.00 14.16 ? 288 ASN B CG  1 
ATOM   1432 O OD1 . ASN B 1 88 ? -2.860  8.955   6.896   1.00 13.19 ? 288 ASN B OD1 1 
ATOM   1433 N ND2 . ASN B 1 88 ? -3.301  10.829  8.050   1.00 12.72 ? 288 ASN B ND2 1 
ATOM   1434 N N   . LEU B 1 89 ? -5.986  8.292   7.281   1.00 11.42 ? 289 LEU B N   1 
ATOM   1435 C CA  . LEU B 1 89 ? -7.206  8.845   6.701   1.00 12.26 ? 289 LEU B CA  1 
ATOM   1436 C C   . LEU B 1 89 ? -8.206  7.758   6.316   1.00 11.60 ? 289 LEU B C   1 
ATOM   1437 O O   . LEU B 1 89 ? -9.413  7.995   6.327   1.00 12.50 ? 289 LEU B O   1 
ATOM   1438 C CB  . LEU B 1 89 ? -6.895  9.733   5.494   1.00 13.01 ? 289 LEU B CB  1 
ATOM   1439 C CG  . LEU B 1 89 ? -6.042  10.975  5.777   1.00 15.88 ? 289 LEU B CG  1 
ATOM   1440 C CD1 . LEU B 1 89 ? -5.890  11.788  4.506   1.00 15.74 ? 289 LEU B CD1 1 
ATOM   1441 C CD2 . LEU B 1 89 ? -6.671  11.813  6.881   1.00 14.15 ? 289 LEU B CD2 1 
ATOM   1442 N N   . LEU B 1 90 ? -7.709  6.578   5.946   1.00 11.31 ? 290 LEU B N   1 
ATOM   1443 C CA  . LEU B 1 90 ? -8.597  5.474   5.587   1.00 10.59 ? 290 LEU B CA  1 
ATOM   1444 C C   . LEU B 1 90 ? -9.485  5.149   6.790   1.00 12.32 ? 290 LEU B C   1 
ATOM   1445 O O   . LEU B 1 90 ? -10.668 4.842   6.628   1.00 13.06 ? 290 LEU B O   1 
ATOM   1446 C CB  . LEU B 1 90 ? -7.800  4.240   5.155   1.00 12.50 ? 290 LEU B CB  1 
ATOM   1447 C CG  . LEU B 1 90 ? -6.937  4.371   3.893   1.00 11.19 ? 290 LEU B CG  1 
ATOM   1448 C CD1 . LEU B 1 90 ? -6.195  3.077   3.632   1.00 11.05 ? 290 LEU B CD1 1 
ATOM   1449 C CD2 . LEU B 1 90 ? -7.795  4.744   2.702   1.00 11.83 ? 290 LEU B CD2 1 
ATOM   1450 N N   . THR B 1 91 ? -8.923  5.251   7.995   1.00 12.29 ? 291 THR B N   1 
ATOM   1451 C CA  . THR B 1 91 ? -9.684  5.001   9.219   1.00 13.03 ? 291 THR B CA  1 
ATOM   1452 C C   . THR B 1 91 ? -10.736 6.101   9.450   1.00 13.80 ? 291 THR B C   1 
ATOM   1453 O O   . THR B 1 91 ? -11.815 5.826   9.969   1.00 14.83 ? 291 THR B O   1 
ATOM   1454 C CB  . THR B 1 91 ? -8.772  4.895   10.465  1.00 12.83 ? 291 THR B CB  1 
ATOM   1455 O OG1 . THR B 1 91 ? -7.952  6.064   10.567  1.00 14.35 ? 291 THR B OG1 1 
ATOM   1456 C CG2 . THR B 1 91 ? -7.892  3.659   10.384  1.00 13.45 ? 291 THR B CG2 1 
ATOM   1457 N N   . GLN B 1 92 ? -10.428 7.339   9.059   1.00 13.20 ? 292 GLN B N   1 
ATOM   1458 C CA  . GLN B 1 92 ? -11.377 8.444   9.225   1.00 14.47 ? 292 GLN B CA  1 
ATOM   1459 C C   . GLN B 1 92 ? -12.630 8.297   8.366   1.00 16.09 ? 292 GLN B C   1 
ATOM   1460 O O   . GLN B 1 92 ? -13.697 8.806   8.722   1.00 17.05 ? 292 GLN B O   1 
ATOM   1461 C CB  . GLN B 1 92 ? -10.727 9.799   8.936   1.00 14.00 ? 292 GLN B CB  1 
ATOM   1462 C CG  . GLN B 1 92 ? -9.716  10.246  9.990   1.00 15.16 ? 292 GLN B CG  1 
ATOM   1463 C CD  . GLN B 1 92 ? -9.503  11.748  10.004  1.00 13.64 ? 292 GLN B CD  1 
ATOM   1464 O OE1 . GLN B 1 92 ? -10.348 12.515  9.537   1.00 15.19 ? 292 GLN B OE1 1 
ATOM   1465 N NE2 . GLN B 1 92 ? -8.380  12.177  10.563  1.00 13.56 ? 292 GLN B NE2 1 
ATOM   1466 N N   . ILE B 1 93 ? -12.500 7.616   7.231   1.00 16.77 ? 293 ILE B N   1 
ATOM   1467 C CA  . ILE B 1 93 ? -13.640 7.409   6.347   1.00 17.12 ? 293 ILE B CA  1 
ATOM   1468 C C   . ILE B 1 93 ? -14.296 6.028   6.495   1.00 17.85 ? 293 ILE B C   1 
ATOM   1469 O O   . ILE B 1 93 ? -15.113 5.629   5.665   1.00 18.46 ? 293 ILE B O   1 
ATOM   1470 C CB  . ILE B 1 93 ? -13.281 7.695   4.866   1.00 17.36 ? 293 ILE B CB  1 
ATOM   1471 C CG1 . ILE B 1 93 ? -12.244 6.697   4.349   1.00 16.59 ? 293 ILE B CG1 1 
ATOM   1472 C CG2 . ILE B 1 93 ? -12.766 9.119   4.731   1.00 15.27 ? 293 ILE B CG2 1 
ATOM   1473 C CD1 . ILE B 1 93 ? -11.807 6.971   2.925   1.00 16.80 ? 293 ILE B CD1 1 
ATOM   1474 N N   . GLY B 1 94 ? -13.940 5.313   7.562   1.00 16.72 ? 294 GLY B N   1 
ATOM   1475 C CA  . GLY B 1 94 ? -14.518 4.003   7.828   1.00 18.00 ? 294 GLY B CA  1 
ATOM   1476 C C   . GLY B 1 94 ? -14.202 2.920   6.812   1.00 18.97 ? 294 GLY B C   1 
ATOM   1477 O O   . GLY B 1 94 ? -15.037 2.058   6.529   1.00 18.76 ? 294 GLY B O   1 
ATOM   1478 N N   . MET B 1 95 ? -12.989 2.960   6.272   1.00 18.20 ? 295 MET B N   1 
ATOM   1479 C CA  . MET B 1 95 ? -12.530 1.993   5.281   1.00 17.39 ? 295 MET B CA  1 
ATOM   1480 C C   . MET B 1 95 ? -11.967 0.760   5.979   1.00 17.00 ? 295 MET B C   1 
ATOM   1481 O O   . MET B 1 95 ? -11.252 0.878   6.977   1.00 17.00 ? 295 MET B O   1 
ATOM   1482 C CB  . MET B 1 95 ? -11.434 2.635   4.429   1.00 21.00 ? 295 MET B CB  1 
ATOM   1483 C CG  . MET B 1 95 ? -10.926 1.815   3.262   1.00 23.13 ? 295 MET B CG  1 
ATOM   1484 S SD  . MET B 1 95 ? -11.834 2.125   1.743   1.00 29.31 ? 295 MET B SD  1 
ATOM   1485 C CE  . MET B 1 95 ? -11.699 3.866   1.581   1.00 25.25 ? 295 MET B CE  1 
ATOM   1486 N N   . THR B 1 96 ? -12.301 -0.420  5.463   1.00 14.49 ? 296 THR B N   1 
ATOM   1487 C CA  . THR B 1 96 ? -11.805 -1.677  6.024   1.00 14.42 ? 296 THR B CA  1 
ATOM   1488 C C   . THR B 1 96 ? -11.527 -2.673  4.897   1.00 13.08 ? 296 THR B C   1 
ATOM   1489 O O   . THR B 1 96 ? -11.930 -2.462  3.750   1.00 12.49 ? 296 THR B O   1 
ATOM   1490 C CB  . THR B 1 96 ? -12.833 -2.340  6.993   1.00 15.05 ? 296 THR B CB  1 
ATOM   1491 O OG1 . THR B 1 96 ? -14.054 -2.601  6.294   1.00 14.21 ? 296 THR B OG1 1 
ATOM   1492 C CG2 . THR B 1 96 ? -13.116 -1.463  8.203   1.00 15.14 ? 296 THR B CG2 1 
ATOM   1493 N N   . LEU B 1 97 ? -10.813 -3.743  5.230   1.00 12.62 ? 297 LEU B N   1 
ATOM   1494 C CA  . LEU B 1 97 ? -10.512 -4.809  4.277   1.00 12.84 ? 297 LEU B CA  1 
ATOM   1495 C C   . LEU B 1 97 ? -11.454 -5.956  4.631   1.00 13.88 ? 297 LEU B C   1 
ATOM   1496 O O   . LEU B 1 97 ? -11.643 -6.260  5.804   1.00 14.09 ? 297 LEU B O   1 
ATOM   1497 C CB  . LEU B 1 97 ? -9.050  -5.266  4.391   1.00 13.37 ? 297 LEU B CB  1 
ATOM   1498 C CG  . LEU B 1 97 ? -7.995  -4.393  3.699   1.00 11.22 ? 297 LEU B CG  1 
ATOM   1499 C CD1 . LEU B 1 97 ? -6.602  -4.762  4.192   1.00 11.21 ? 297 LEU B CD1 1 
ATOM   1500 C CD2 . LEU B 1 97 ? -8.109  -4.537  2.179   1.00 10.34 ? 297 LEU B CD2 1 
ATOM   1501 N N   . ASN B 1 98 ? -12.068 -6.565  3.621   1.00 13.90 ? 298 ASN B N   1 
ATOM   1502 C CA  . ASN B 1 98 ? -13.008 -7.659  3.853   1.00 14.29 ? 298 ASN B CA  1 
ATOM   1503 C C   . ASN B 1 98 ? -12.798 -8.824  2.900   1.00 14.26 ? 298 ASN B C   1 
ATOM   1504 O O   . ASN B 1 98 ? -12.405 -8.631  1.752   1.00 15.01 ? 298 ASN B O   1 
ATOM   1505 C CB  . ASN B 1 98 ? -14.445 -7.153  3.711   1.00 14.39 ? 298 ASN B CB  1 
ATOM   1506 C CG  . ASN B 1 98 ? -14.748 -6.002  4.642   1.00 16.78 ? 298 ASN B CG  1 
ATOM   1507 O OD1 . ASN B 1 98 ? -15.331 -6.189  5.711   1.00 19.71 ? 298 ASN B OD1 1 
ATOM   1508 N ND2 . ASN B 1 98 ? -14.339 -4.804  4.251   1.00 14.67 ? 298 ASN B ND2 1 
ATOM   1509 N N   . PHE B 1 99 ? -13.064 -10.034 3.380   1.00 14.86 ? 299 PHE B N   1 
ATOM   1510 C CA  . PHE B 1 99 ? -12.926 -11.228 2.552   1.00 16.26 ? 299 PHE B CA  1 
ATOM   1511 C C   . PHE B 1 99 ? -13.766 -12.377 3.112   1.00 18.02 ? 299 PHE B C   1 
ATOM   1512 O O   . PHE B 1 99 ? -13.777 -13.458 2.488   1.00 19.93 ? 299 PHE B O   1 
ATOM   1513 C CB  . PHE B 1 99 ? -11.460 -11.650 2.436   1.00 17.37 ? 299 PHE B CB  1 
ATOM   1514 C CG  . PHE B 1 99 ? -10.894 -12.240 3.693   1.00 20.41 ? 299 PHE B CG  1 
ATOM   1515 C CD1 . PHE B 1 99 ? -10.469 -11.421 4.733   1.00 21.65 ? 299 PHE B CD1 1 
ATOM   1516 C CD2 . PHE B 1 99 ? -10.779 -13.621 3.832   1.00 22.78 ? 299 PHE B CD2 1 
ATOM   1517 C CE1 . PHE B 1 99 ? -9.937  -11.965 5.893   1.00 22.76 ? 299 PHE B CE1 1 
ATOM   1518 C CE2 . PHE B 1 99 ? -10.248 -14.176 4.989   1.00 24.64 ? 299 PHE B CE2 1 
ATOM   1519 C CZ  . PHE B 1 99 ? -9.824  -13.346 6.022   1.00 25.40 ? 299 PHE B CZ  1 
ATOM   1520 O OXT . PHE B 1 99 ? -14.403 -12.183 4.165   1.00 16.18 ? 299 PHE B OXT 1 
HETATM 1521 C C   . DJR C 2 .  ? 5.469   4.750   4.562   1.00 19.82 ? 300 DJR A C   1 
HETATM 1522 O O   . DJR C 2 .  ? 3.442   5.758   4.958   1.00 19.67 ? 300 DJR A O   1 
HETATM 1523 C C27 . DJR C 2 .  ? 4.497   5.081   5.664   1.00 20.55 ? 300 DJR A C27 1 
HETATM 1524 O O9  . DJR C 2 .  ? 4.182   3.752   6.101   1.00 22.54 ? 300 DJR A O9  1 
HETATM 1525 C C2  . DJR C 2 .  ? 5.419   3.046   6.121   1.00 25.09 ? 300 DJR A C2  1 
HETATM 1526 C C1  . DJR C 2 .  ? 6.146   3.410   4.813   1.00 21.09 ? 300 DJR A C1  1 
HETATM 1527 C C3  . DJR C 2 .  ? 3.892   6.006   3.611   1.00 17.19 ? 300 DJR A C3  1 
HETATM 1528 C C5  . DJR C 2 .  ? 4.909   4.937   3.189   1.00 18.32 ? 300 DJR A C5  1 
HETATM 1529 O O4  . DJR C 2 .  ? 4.236   3.733   2.864   1.00 18.29 ? 300 DJR A O4  1 
HETATM 1530 C C4  . DJR C 2 .  ? 4.691   3.080   1.786   1.00 17.21 ? 300 DJR A C4  1 
HETATM 1531 O O5  . DJR C 2 .  ? 5.612   3.438   1.062   1.00 11.33 ? 300 DJR A O5  1 
HETATM 1532 N N1  . DJR C 2 .  ? 3.983   1.951   1.641   1.00 16.50 ? 300 DJR A N1  1 
HETATM 1533 C C6  . DJR C 2 .  ? 4.290   1.053   0.564   1.00 18.92 ? 300 DJR A C6  1 
HETATM 1534 C C8  . DJR C 2 .  ? 4.564   -0.371  1.113   1.00 15.41 ? 300 DJR A C8  1 
HETATM 1535 C C9  . DJR C 2 .  ? 5.696   -0.337  2.137   1.00 16.91 ? 300 DJR A C9  1 
HETATM 1536 C C11 . DJR C 2 .  ? 7.027   -0.254  1.702   1.00 17.54 ? 300 DJR A C11 1 
HETATM 1537 C C13 . DJR C 2 .  ? 8.075   -0.218  2.652   1.00 19.74 ? 300 DJR A C13 1 
HETATM 1538 C C14 . DJR C 2 .  ? 7.785   -0.264  4.034   1.00 19.03 ? 300 DJR A C14 1 
HETATM 1539 C C12 . DJR C 2 .  ? 6.444   -0.350  4.464   1.00 20.47 ? 300 DJR A C12 1 
HETATM 1540 C C10 . DJR C 2 .  ? 5.400   -0.387  3.517   1.00 17.57 ? 300 DJR A C10 1 
HETATM 1541 C C7  . DJR C 2 .  ? 3.097   1.059   -0.407  1.00 17.86 ? 300 DJR A C7  1 
HETATM 1542 O O6  . DJR C 2 .  ? 1.899   0.764   0.296   1.00 20.78 ? 300 DJR A O6  1 
HETATM 1543 C C15 . DJR C 2 .  ? 3.311   0.015   -1.470  1.00 19.18 ? 300 DJR A C15 1 
HETATM 1544 N N2  . DJR C 2 .  ? 4.050   0.547   -2.615  1.00 18.32 ? 300 DJR A N2  1 
HETATM 1545 S S   . DJR C 2 .  ? 5.590   -0.087  -2.903  1.00 18.73 ? 300 DJR A S   1 
HETATM 1546 O O8  . DJR C 2 .  ? 6.619   1.011   -3.012  1.00 19.90 ? 300 DJR A O8  1 
HETATM 1547 O O7  . DJR C 2 .  ? 6.006   -0.854  -1.672  1.00 16.73 ? 300 DJR A O7  1 
HETATM 1548 C C18 . DJR C 2 .  ? 5.429   -1.172  -4.269  1.00 18.77 ? 300 DJR A C18 1 
HETATM 1549 C C23 . DJR C 2 .  ? 5.698   -0.762  -5.583  1.00 19.03 ? 300 DJR A C23 1 
HETATM 1550 C C22 . DJR C 2 .  ? 5.521   -1.670  -6.647  1.00 16.82 ? 300 DJR A C22 1 
HETATM 1551 C C21 . DJR C 2 .  ? 5.074   -2.988  -6.396  1.00 20.14 ? 300 DJR A C21 1 
HETATM 1552 O O1  . DJR C 2 .  ? 4.880   -3.912  -7.441  1.00 23.37 ? 300 DJR A O1  1 
HETATM 1553 C C26 . DJR C 2 .  ? 5.156   -3.441  -8.771  1.00 25.69 ? 300 DJR A C26 1 
HETATM 1554 C C20 . DJR C 2 .  ? 4.813   -3.381  -5.079  1.00 21.12 ? 300 DJR A C20 1 
HETATM 1555 C C19 . DJR C 2 .  ? 4.988   -2.482  -4.022  1.00 20.73 ? 300 DJR A C19 1 
HETATM 1556 C C16 . DJR C 2 .  ? 3.375   1.302   -3.688  1.00 19.58 ? 300 DJR A C16 1 
HETATM 1557 C C17 . DJR C 2 .  ? 3.139   2.781   -3.295  1.00 15.35 ? 300 DJR A C17 1 
HETATM 1558 C C25 . DJR C 2 .  ? 2.572   3.534   -4.511  1.00 14.06 ? 300 DJR A C25 1 
HETATM 1559 C C24 . DJR C 2 .  ? 4.460   3.447   -2.863  1.00 21.02 ? 300 DJR A C24 1 
HETATM 1560 O O   . HOH D 3 .  ? -2.425  -0.640  -6.234  1.00 13.03 ? 301 HOH A O   1 
HETATM 1561 O O   . HOH D 3 .  ? 7.203   2.669   -1.035  1.00 14.04 ? 302 HOH A O   1 
HETATM 1562 O O   . HOH D 3 .  ? 11.551  -3.812  -14.657 1.00 16.12 ? 303 HOH A O   1 
HETATM 1563 O O   . HOH D 3 .  ? -11.245 -10.477 -5.733  1.00 16.75 ? 304 HOH A O   1 
HETATM 1564 O O   . HOH D 3 .  ? 2.598   -0.909  -6.831  1.00 16.07 ? 305 HOH A O   1 
HETATM 1565 O O   . HOH D 3 .  ? -5.235  -18.327 -7.437  1.00 19.02 ? 306 HOH A O   1 
HETATM 1566 O O   . HOH D 3 .  ? -0.176  0.667   -7.102  1.00 18.70 ? 307 HOH A O   1 
HETATM 1567 O O   . HOH D 3 .  ? -14.704 -9.033  -0.201  1.00 18.55 ? 308 HOH A O   1 
HETATM 1568 O O   . HOH D 3 .  ? -4.987  -10.044 -9.562  1.00 18.19 ? 309 HOH A O   1 
HETATM 1569 O O   . HOH D 3 .  ? 18.140  -3.006  -5.324  1.00 18.36 ? 310 HOH A O   1 
HETATM 1570 O O   . HOH D 3 .  ? 16.084  -9.204  1.693   1.00 17.88 ? 311 HOH A O   1 
HETATM 1571 O O   . HOH D 3 .  ? -1.565  -6.570  -9.765  1.00 19.77 ? 312 HOH A O   1 
HETATM 1572 O O   . HOH D 3 .  ? 6.948   -0.048  -9.846  1.00 30.93 ? 313 HOH A O   1 
HETATM 1573 O O   . HOH D 3 .  ? 14.928  -7.002  2.974   1.00 22.34 ? 314 HOH A O   1 
HETATM 1574 O O   . HOH D 3 .  ? 0.351   -0.781  13.281  1.00 22.73 ? 315 HOH A O   1 
HETATM 1575 O O   . HOH D 3 .  ? -5.153  -4.207  10.678  1.00 20.28 ? 316 HOH A O   1 
HETATM 1576 O O   . HOH D 3 .  ? 5.150   -22.763 -5.696  1.00 32.58 ? 317 HOH A O   1 
HETATM 1577 O O   . HOH D 3 .  ? 8.585   -2.373  -14.477 1.00 24.58 ? 318 HOH A O   1 
HETATM 1578 O O   . HOH D 3 .  ? -8.551  -6.641  12.372  1.00 25.24 ? 319 HOH A O   1 
HETATM 1579 O O   . HOH D 3 .  ? -2.625  -14.469 9.643   1.00 26.07 ? 320 HOH A O   1 
HETATM 1580 O O   . HOH D 3 .  ? 8.649   -12.832 8.412   1.00 30.94 ? 321 HOH A O   1 
HETATM 1581 O O   . HOH D 3 .  ? -4.511  -7.227  -9.530  1.00 25.38 ? 322 HOH A O   1 
HETATM 1582 O O   . HOH D 3 .  ? -7.784  -2.686  16.398  1.00 21.67 ? 323 HOH A O   1 
HETATM 1583 O O   . HOH D 3 .  ? 14.939  -19.509 1.535   1.00 26.58 ? 324 HOH A O   1 
HETATM 1584 O O   . HOH D 3 .  ? 7.166   -8.064  7.208   1.00 25.97 ? 325 HOH A O   1 
HETATM 1585 O O   . HOH D 3 .  ? -0.558  -5.114  13.236  1.00 24.73 ? 326 HOH A O   1 
HETATM 1586 O O   . HOH D 3 .  ? 1.005   -12.465 -5.238  1.00 25.89 ? 327 HOH A O   1 
HETATM 1587 O O   . HOH D 3 .  ? -11.616 -17.010 -3.358  1.00 29.75 ? 328 HOH A O   1 
HETATM 1588 O O   . HOH D 3 .  ? 13.767  -15.829 3.649   1.00 28.72 ? 329 HOH A O   1 
HETATM 1589 O O   . HOH D 3 .  ? 5.053   -22.245 -2.301  1.00 27.41 ? 330 HOH A O   1 
HETATM 1590 O O   . HOH D 3 .  ? 16.603  -10.611 -5.529  1.00 24.09 ? 331 HOH A O   1 
HETATM 1591 O O   . HOH D 3 .  ? 0.375   -13.963 -11.189 1.00 31.96 ? 332 HOH A O   1 
HETATM 1592 O O   . HOH D 3 .  ? -4.594  -8.292  9.489   1.00 39.85 ? 333 HOH A O   1 
HETATM 1593 O O   . HOH D 3 .  ? -17.813 5.262   5.545   1.00 26.63 ? 334 HOH A O   1 
HETATM 1594 O O   . HOH D 3 .  ? -5.602  -5.147  14.625  1.00 26.50 ? 335 HOH A O   1 
HETATM 1595 O O   . HOH D 3 .  ? 18.038  -1.899  -2.314  1.00 49.47 ? 336 HOH A O   1 
HETATM 1596 O O   . HOH D 3 .  ? 1.808   -5.758  -11.769 1.00 30.32 ? 337 HOH A O   1 
HETATM 1597 O O   . HOH D 3 .  ? 14.372  -8.404  5.563   1.00 38.23 ? 338 HOH A O   1 
HETATM 1598 O O   . HOH D 3 .  ? 10.662  -16.991 6.440   1.00 35.47 ? 339 HOH A O   1 
HETATM 1599 O O   . HOH D 3 .  ? 5.647   -8.117  11.336  1.00 46.01 ? 340 HOH A O   1 
HETATM 1600 O O   . HOH D 3 .  ? -12.550 -5.889  12.373  1.00 40.03 ? 341 HOH A O   1 
HETATM 1601 O O   . HOH D 3 .  ? 18.793  -10.404 -7.852  1.00 41.58 ? 342 HOH A O   1 
HETATM 1602 O O   . HOH D 3 .  ? 8.906   -1.343  9.508   1.00 37.18 ? 343 HOH A O   1 
HETATM 1603 O O   . HOH D 3 .  ? 1.948   -22.344 0.597   1.00 34.73 ? 344 HOH A O   1 
HETATM 1604 O O   . HOH D 3 .  ? 14.926  -20.445 -8.696  1.00 49.70 ? 345 HOH A O   1 
HETATM 1605 O O   . HOH D 3 .  ? 19.521  -8.003  -14.456 1.00 47.32 ? 346 HOH A O   1 
HETATM 1606 O O   . HOH D 3 .  ? -14.778 -10.125 11.486  1.00 45.57 ? 347 HOH A O   1 
HETATM 1607 O O   . HOH D 3 .  ? 13.897  -8.565  -17.350 1.00 26.62 ? 348 HOH A O   1 
HETATM 1608 O O   . HOH D 3 .  ? 4.663   -4.240  11.114  1.00 31.25 ? 349 HOH A O   1 
HETATM 1609 O O   . HOH D 3 .  ? -10.206 -9.614  11.741  1.00 37.45 ? 350 HOH A O   1 
HETATM 1610 O O   . HOH D 3 .  ? -8.522  -22.227 -0.979  1.00 33.07 ? 351 HOH A O   1 
HETATM 1611 O O   . HOH D 3 .  ? 5.387   -8.364  -12.139 1.00 38.68 ? 352 HOH A O   1 
HETATM 1612 O O   . HOH D 3 .  ? 17.006  -9.353  -10.145 1.00 44.51 ? 353 HOH A O   1 
HETATM 1613 O O   . HOH D 3 .  ? 5.887   4.193   -9.574  1.00 52.62 ? 354 HOH A O   1 
HETATM 1614 O O   . HOH D 3 .  ? -4.674  4.086   11.516  1.00 47.68 ? 355 HOH A O   1 
HETATM 1615 O O   . HOH D 3 .  ? -2.773  -15.280 6.853   1.00 55.21 ? 356 HOH A O   1 
HETATM 1616 O O   . HOH D 3 .  ? -18.906 -1.040  3.876   1.00 50.27 ? 357 HOH A O   1 
HETATM 1617 O O   . HOH D 3 .  ? -3.685  -3.771  -12.442 1.00 42.79 ? 358 HOH A O   1 
HETATM 1618 O O   . HOH D 3 .  ? 18.730  -8.402  -2.011  1.00 36.07 ? 359 HOH A O   1 
HETATM 1619 O O   . HOH D 3 .  ? 18.257  -7.675  -5.570  1.00 31.69 ? 360 HOH A O   1 
HETATM 1620 O O   . HOH D 3 .  ? 15.861  -18.251 -14.087 1.00 33.74 ? 361 HOH A O   1 
HETATM 1621 O O   . HOH D 3 .  ? 4.537   -23.398 1.719   1.00 43.65 ? 362 HOH A O   1 
HETATM 1622 O O   . HOH D 3 .  ? 9.899   -9.684  7.763   1.00 40.30 ? 363 HOH A O   1 
HETATM 1623 O O   . HOH D 3 .  ? -0.963  -4.656  -12.057 1.00 47.58 ? 364 HOH A O   1 
HETATM 1624 O O   . HOH D 3 .  ? 7.340   0.387   7.607   1.00 28.37 ? 365 HOH A O   1 
HETATM 1625 O O   . HOH D 3 .  ? -3.342  -19.458 5.514   1.00 58.32 ? 366 HOH A O   1 
HETATM 1626 O O   . HOH D 3 .  ? 9.326   -19.750 -10.515 1.00 39.10 ? 367 HOH A O   1 
HETATM 1627 O O   . HOH D 3 .  ? -6.994  -2.165  13.240  1.00 36.34 ? 368 HOH A O   1 
HETATM 1628 O O   . HOH E 3 .  ? -10.659 -7.781  -5.235  1.00 13.36 ? 300 HOH B O   1 
HETATM 1629 O O   . HOH E 3 .  ? -3.942  12.073  10.627  1.00 11.81 ? 301 HOH B O   1 
HETATM 1630 O O   . HOH E 3 .  ? 2.634   0.069   6.551   1.00 14.09 ? 302 HOH B O   1 
HETATM 1631 O O   . HOH E 3 .  ? -0.120  -0.405  6.967   1.00 16.07 ? 303 HOH B O   1 
HETATM 1632 O O   . HOH E 3 .  ? -8.072  21.343  1.938   1.00 16.03 ? 304 HOH B O   1 
HETATM 1633 O O   . HOH E 3 .  ? -6.233  10.456  11.530  1.00 17.81 ? 305 HOH B O   1 
HETATM 1634 O O   . HOH E 3 .  ? -10.942 -3.607  -9.683  1.00 19.34 ? 306 HOH B O   1 
HETATM 1635 O O   . HOH E 3 .  ? -10.655 0.557   9.570   1.00 17.63 ? 307 HOH B O   1 
HETATM 1636 O O   . HOH E 3 .  ? -3.611  16.166  11.833  1.00 15.23 ? 308 HOH B O   1 
HETATM 1637 O O   . HOH E 3 .  ? -12.634 24.837  -5.982  1.00 17.74 ? 309 HOH B O   1 
HETATM 1638 O O   . HOH E 3 .  ? -0.146  11.522  6.769   1.00 17.45 ? 310 HOH B O   1 
HETATM 1639 O O   . HOH E 3 .  ? -14.372 -9.684  -7.574  1.00 24.63 ? 311 HOH B O   1 
HETATM 1640 O O   . HOH E 3 .  ? -0.742  16.562  -4.388  1.00 20.03 ? 312 HOH B O   1 
HETATM 1641 O O   . HOH E 3 .  ? -9.554  -0.823  -7.321  1.00 20.95 ? 313 HOH B O   1 
HETATM 1642 O O   . HOH E 3 .  ? 12.711  2.249   3.663   1.00 18.78 ? 314 HOH B O   1 
HETATM 1643 O O   . HOH E 3 .  ? -11.052 1.075   -8.715  1.00 25.63 ? 315 HOH B O   1 
HETATM 1644 O O   . HOH E 3 .  ? -14.303 -1.776  -7.740  1.00 20.65 ? 316 HOH B O   1 
HETATM 1645 O O   . HOH E 3 .  ? -3.979  13.919  -9.395  1.00 22.89 ? 317 HOH B O   1 
HETATM 1646 O O   . HOH E 3 .  ? 10.617  8.918   -3.704  1.00 24.75 ? 318 HOH B O   1 
HETATM 1647 O O   . HOH E 3 .  ? -16.009 -0.548  6.506   1.00 22.66 ? 319 HOH B O   1 
HETATM 1648 O O   . HOH E 3 .  ? -10.162 20.769  -9.477  1.00 25.94 ? 320 HOH B O   1 
HETATM 1649 O O   . HOH E 3 .  ? 7.977   5.026   7.276   1.00 24.93 ? 321 HOH B O   1 
HETATM 1650 O O   . HOH E 3 .  ? 11.222  17.191  6.332   1.00 24.31 ? 322 HOH B O   1 
HETATM 1651 O O   . HOH E 3 .  ? 4.008   25.622  3.441   1.00 24.42 ? 323 HOH B O   1 
HETATM 1652 O O   . HOH E 3 .  ? 6.458   27.190  3.974   1.00 22.97 ? 324 HOH B O   1 
HETATM 1653 O O   . HOH E 3 .  ? -7.016  22.484  5.429   1.00 22.96 ? 325 HOH B O   1 
HETATM 1654 O O   . HOH E 3 .  ? 6.354   16.009  -5.395  1.00 25.27 ? 326 HOH B O   1 
HETATM 1655 O O   . HOH E 3 .  ? -2.001  15.388  -7.896  1.00 17.20 ? 327 HOH B O   1 
HETATM 1656 O O   . HOH E 3 .  ? 0.635   2.999   -8.590  1.00 26.23 ? 328 HOH B O   1 
HETATM 1657 O O   . HOH E 3 .  ? -4.732  -0.569  -12.513 1.00 26.00 ? 329 HOH B O   1 
HETATM 1658 O O   . HOH E 3 .  ? 1.860   27.287  4.290   1.00 26.24 ? 330 HOH B O   1 
HETATM 1659 O O   . HOH E 3 .  ? -13.085 17.962  5.337   1.00 23.00 ? 331 HOH B O   1 
HETATM 1660 O O   . HOH E 3 .  ? -6.207  6.481   12.726  1.00 23.36 ? 332 HOH B O   1 
HETATM 1661 O O   . HOH E 3 .  ? -14.754 22.533  -2.620  1.00 22.86 ? 333 HOH B O   1 
HETATM 1662 O O   . HOH E 3 .  ? 0.122   22.073  9.996   1.00 23.53 ? 334 HOH B O   1 
HETATM 1663 O O   . HOH E 3 .  ? -17.490 19.311  -0.647  1.00 22.52 ? 335 HOH B O   1 
HETATM 1664 O O   . HOH E 3 .  ? 10.652  11.511  11.220  1.00 24.11 ? 336 HOH B O   1 
HETATM 1665 O O   . HOH E 3 .  ? 2.952   11.460  10.465  1.00 38.92 ? 337 HOH B O   1 
HETATM 1666 O O   . HOH E 3 .  ? -7.727  2.094   -11.493 1.00 24.11 ? 338 HOH B O   1 
HETATM 1667 O O   . HOH E 3 .  ? 11.431  1.075   5.881   1.00 28.15 ? 339 HOH B O   1 
HETATM 1668 O O   . HOH E 3 .  ? -11.002 21.696  -0.400  1.00 22.05 ? 340 HOH B O   1 
HETATM 1669 O O   . HOH E 3 .  ? 2.656   20.284  11.221  1.00 24.58 ? 341 HOH B O   1 
HETATM 1670 O O   . HOH E 3 .  ? -16.355 -10.320 4.345   1.00 36.61 ? 342 HOH B O   1 
HETATM 1671 O O   . HOH E 3 .  ? -1.585  23.562  8.182   1.00 34.04 ? 343 HOH B O   1 
HETATM 1672 O O   . HOH E 3 .  ? 9.320   24.351  14.174  1.00 26.02 ? 344 HOH B O   1 
HETATM 1673 O O   . HOH E 3 .  ? 16.431  3.276   -4.148  1.00 26.50 ? 345 HOH B O   1 
HETATM 1674 O O   . HOH E 3 .  ? -6.446  24.183  7.594   1.00 29.93 ? 346 HOH B O   1 
HETATM 1675 O O   . HOH E 3 .  ? -13.451 13.056  -2.552  1.00 30.02 ? 347 HOH B O   1 
HETATM 1676 O O   . HOH E 3 .  ? -16.992 0.984   -5.859  1.00 33.20 ? 348 HOH B O   1 
HETATM 1677 O O   . HOH E 3 .  ? -1.250  29.899  5.448   1.00 33.51 ? 349 HOH B O   1 
HETATM 1678 O O   . HOH E 3 .  ? 5.194   8.236   -10.985 1.00 27.78 ? 350 HOH B O   1 
HETATM 1679 O O   . HOH E 3 .  ? 2.976   17.892  -7.874  1.00 44.41 ? 351 HOH B O   1 
HETATM 1680 O O   . HOH E 3 .  ? 15.065  17.141  8.848   1.00 37.01 ? 352 HOH B O   1 
HETATM 1681 O O   . HOH E 3 .  ? -3.044  17.906  -9.438  1.00 40.20 ? 353 HOH B O   1 
HETATM 1682 O O   . HOH E 3 .  ? -11.076 19.219  0.843   1.00 27.02 ? 354 HOH B O   1 
HETATM 1683 O O   . HOH E 3 .  ? -13.198 -14.807 0.278   1.00 29.12 ? 355 HOH B O   1 
HETATM 1684 O O   . HOH E 3 .  ? -14.618 15.485  -3.476  1.00 33.04 ? 356 HOH B O   1 
HETATM 1685 O O   . HOH E 3 .  ? -16.900 -8.612  6.459   1.00 28.95 ? 357 HOH B O   1 
HETATM 1686 O O   . HOH E 3 .  ? -0.873  23.671  -4.982  1.00 30.70 ? 358 HOH B O   1 
HETATM 1687 O O   . HOH E 3 .  ? -13.349 19.308  2.701   1.00 33.48 ? 359 HOH B O   1 
HETATM 1688 O O   . HOH E 3 .  ? -5.079  8.637   -11.502 1.00 38.75 ? 360 HOH B O   1 
HETATM 1689 O O   . HOH E 3 .  ? 7.296   14.771  12.221  1.00 31.16 ? 361 HOH B O   1 
HETATM 1690 O O   . HOH E 3 .  ? 6.189   23.982  12.575  1.00 36.39 ? 362 HOH B O   1 
HETATM 1691 O O   . HOH E 3 .  ? 13.043  13.961  0.185   1.00 36.24 ? 363 HOH B O   1 
HETATM 1692 O O   . HOH E 3 .  ? 15.037  -0.621  0.317   1.00 30.49 ? 364 HOH B O   1 
HETATM 1693 O O   . HOH E 3 .  ? -15.025 10.830  7.056   1.00 36.75 ? 365 HOH B O   1 
HETATM 1694 O O   . HOH E 3 .  ? -18.613 12.972  4.305   1.00 50.25 ? 366 HOH B O   1 
HETATM 1695 O O   . HOH E 3 .  ? 11.454  18.528  3.407   1.00 48.88 ? 367 HOH B O   1 
HETATM 1696 O O   . HOH E 3 .  ? 17.349  5.797   1.343   1.00 37.63 ? 368 HOH B O   1 
HETATM 1697 O O   . HOH E 3 .  ? 0.049   19.534  -7.212  1.00 56.47 ? 369 HOH B O   1 
HETATM 1698 O O   . HOH E 3 .  ? 9.288   2.393   7.065   1.00 32.89 ? 370 HOH B O   1 
HETATM 1699 O O   . HOH E 3 .  ? -8.973  26.052  -5.095  1.00 40.08 ? 371 HOH B O   1 
HETATM 1700 O O   . HOH E 3 .  ? -15.134 15.720  8.917   1.00 31.63 ? 372 HOH B O   1 
HETATM 1701 O O   . HOH E 3 .  ? -20.288 5.876   1.250   1.00 61.52 ? 373 HOH B O   1 
HETATM 1702 O O   . HOH E 3 .  ? -0.897  -1.498  -12.515 1.00 53.72 ? 374 HOH B O   1 
HETATM 1703 O O   . HOH E 3 .  ? 8.333   17.103  -3.392  1.00 45.38 ? 375 HOH B O   1 
HETATM 1704 O O   . HOH E 3 .  ? -0.021  10.508  9.408   1.00 27.14 ? 376 HOH B O   1 
HETATM 1705 O O   . HOH E 3 .  ? 15.601  1.296   2.799   1.00 42.64 ? 377 HOH B O   1 
HETATM 1706 O O   . HOH E 3 .  ? -13.862 8.842   -5.746  1.00 32.42 ? 378 HOH B O   1 
HETATM 1707 O O   . HOH E 3 .  ? 2.270   6.719   11.532  1.00 33.23 ? 379 HOH B O   1 
HETATM 1708 O O   . HOH E 3 .  ? -11.513 3.105   -6.775  1.00 34.80 ? 380 HOH B O   1 
HETATM 1709 O O   . HOH E 3 .  ? 4.884   5.253   10.448  1.00 28.39 ? 381 HOH B O   1 
HETATM 1710 O O   . HOH E 3 .  ? -19.827 10.701  0.709   1.00 53.19 ? 382 HOH B O   1 
HETATM 1711 O O   . HOH E 3 .  ? -16.011 0.885   9.824   1.00 36.76 ? 383 HOH B O   1 
HETATM 1712 O O   . HOH E 3 .  ? -0.598  2.725   13.221  1.00 41.52 ? 384 HOH B O   1 
HETATM 1713 O O   . HOH E 3 .  ? 8.863   17.886  0.356   1.00 38.79 ? 385 HOH B O   1 
HETATM 1714 O O   . HOH E 3 .  ? 6.072   7.053   8.571   1.00 36.03 ? 386 HOH B O   1 
HETATM 1715 O O   . HOH E 3 .  ? 12.782  14.587  10.586  1.00 33.22 ? 387 HOH B O   1 
HETATM 1716 O O   . HOH E 3 .  ? -18.378 -5.165  -5.598  1.00 43.20 ? 388 HOH B O   1 
HETATM 1717 O O   . HOH E 3 .  ? -4.410  23.042  9.255   1.00 33.65 ? 389 HOH B O   1 
HETATM 1718 O O   . HOH E 3 .  ? 5.900   12.423  13.294  1.00 58.73 ? 390 HOH B O   1 
HETATM 1719 O O   . HOH E 3 .  ? -6.191  24.042  12.012  1.00 42.86 ? 391 HOH B O   1 
HETATM 1720 O O   . HOH E 3 .  ? 1.610   3.632   -13.031 1.00 43.77 ? 392 HOH B O   1 
HETATM 1721 O O   . HOH E 3 .  ? -20.489 -1.095  -3.948  1.00 28.55 ? 393 HOH B O   1 
HETATM 1722 O O   . HOH E 3 .  ? 14.096  12.752  -3.114  1.00 42.20 ? 394 HOH B O   1 
HETATM 1723 O O   . HOH E 3 .  ? 0.326   13.042  -11.152 1.00 53.10 ? 395 HOH B O   1 
HETATM 1724 O O   . HOH E 3 .  ? 7.865   26.433  15.708  1.00 51.37 ? 396 HOH B O   1 
HETATM 1725 O O   . HOH E 3 .  ? -1.711  5.505   10.833  1.00 29.59 ? 397 HOH B O   1 
HETATM 1726 O O   . HOH E 3 .  ? -11.092 8.197   -10.239 1.00 36.95 ? 398 HOH B O   1 
HETATM 1727 O O   . HOH E 3 .  ? -12.045 -4.666  -12.331 1.00 49.27 ? 399 HOH B O   1 
HETATM 1728 O O   . HOH E 3 .  ? 2.991   24.822  0.765   1.00 30.76 ? 400 HOH B O   1 
HETATM 1729 O O   . HOH E 3 .  ? 5.651   28.263  17.335  1.00 56.41 ? 401 HOH B O   1 
HETATM 1730 O O   . HOH E 3 .  ? -4.519  25.414  0.177   1.00 44.78 ? 402 HOH B O   1 
HETATM 1731 O O   . HOH E 3 .  ? 3.383   22.903  12.223  1.00 49.11 ? 403 HOH B O   1 
# 
